data_7PEL
#
_entry.id   7PEL
#
_cell.length_a   1.00
_cell.length_b   1.00
_cell.length_c   1.00
_cell.angle_alpha   90.00
_cell.angle_beta   90.00
_cell.angle_gamma   90.00
#
_symmetry.space_group_name_H-M   'P 1'
#
loop_
_entity.id
_entity.type
_entity.pdbx_description
1 polymer 'Pol protein'
2 polymer 'Isoform 3 of PC4 and SFRS1-interacting protein,Isoform Gamma-2 of Serine/threonine-protein phosphatase 2A 56 kDa regulatory subunit gamma isoform'
3 polymer "DNA (5'-D(*AP*CP*TP*GP*TP*GP*TP*TP*TP*GP*GP*CP*GP*CP*TP*TP*CP*TP*CP*TP*C)-3')"
4 polymer "DNA (5'-D(*GP*AP*GP*AP*GP*AP*AP*GP*CP*GP*CP*CP*AP*AP*AP*CP*AP*CP*A)-3')"
5 non-polymer 'ZINC ION'
#
loop_
_entity_poly.entity_id
_entity_poly.type
_entity_poly.pdbx_seq_one_letter_code
_entity_poly.pdbx_strand_id
1 'polypeptide(L)'
;GPEFQLSPAKLHSFTHCGQAALTLHGATTTEALNILHSCHACRKNNPQHQMPRGHIRRGLLPNHIWQGDITHFKYKNTLY
RLHVWVDTFSGSVSATHKKRETSSEAISSLLHAIAHLGRPSHINTDNGPAYASQEFQHACTSLAIRHTTHIPYNPTSSGL
VERTNGILKTLLYKYFSDNPNLPMDNALSVALWTINHLNVLTHCQKTRWQLHHSPRLPPIPEAKPVTTSKTHWYYFKIPG
LNSRQWKGPQRALQEAAGAALIPVSDTAAQWIPWKLLKRAVCPRLAGDTADPKERDHQHHG
;
A,B,D,E
2 'polypeptide(L)'
;SMTRDFKPGDLIFAKMKGYPHWPARVDEVPDGAVKPPTNKLPIFFFGTHETAFLGPKDIFPYSENKEKYGKPNKRKGFNE
GLWEIDNNPKVKFSSQQAATKQSNASSDVEVEEKETSVSKEDTDHEEKASNEDVTKAVDITTPKAARRGRKRKAEKQVET
EEAGVVTTATASVNLKVSPKRGRPAATEVKIPKPRGRPKMVKQPCPSESDIITEEDKSKKKGQEEKQPKKQPKKDEEGQK
EEDKPRKEPDKKEGKKEVESKRKNLAKTGVTSTSDSEEEGDDQEGEKKRKGGRNFQTAHRRNMLKGQHEKEAADRKRKQE
EQMETEFMVVDAANSNGPFQPVVLLHIRDVPPADQEKLFIQKLRQCCVLFDFVSDPLSDLKWKEVKRAALSEMVEYITHN
RNVITEPIYPEVVHMFAVNMFRTLPPSSNPTGAEFDPEEDEPTLEAAWPHLQLVYEFFLRFLESPDFQPNIAKKYIDQKF
VLQLLELFDSEDPRERDFLKTTLHRIYGKFLGLRAYIRKQINNIFYRFIYETEHHNGIAELLEILGSIINGFALPLKEEH
KIFLLKVLLPLHKVKSLSVYHPQLAYCVVQFLEKDSTLTEPVVMALLKYWPKTHSPKEVMFLNELEEILDVIEPSEFVKI
MEPLFRQLAKCVSSPHFQVAERALYYWNNEYIMSLISDNAAKILPIMFPSLYRNSKT
;
C,F
3 'polydeoxyribonucleotide'
;(DA)(DC)(DT)(DG)(DT)(DG)(DT)(DT)(DT)(DG)(DG)(DC)(DG)(DC)(DT)(DT)(DC)(DT)(DC)(DT)
(DC)(DC)(DC)(DG)(DG)(DA)(DG)(DA)(DG)(DA)
;
K,M
4 'polydeoxyribonucleotide'
;(DT)(DC)(DT)(DC)(DT)(DC)(DC)(DG)(DG)(DG)(DA)(DG)(DA)(DG)(DA)(DA)(DG)(DC)(DG)(DC)
(DC)(DA)(DA)(DA)(DC)(DA)(DC)(DA)
;
L,N
#
# COMPACT_ATOMS: atom_id res chain seq x y z
N SER A 7 -47.35 -9.53 5.44
CA SER A 7 -48.79 -9.73 5.34
C SER A 7 -49.54 -8.78 6.27
N PRO A 8 -50.64 -8.20 5.78
CA PRO A 8 -51.42 -7.28 6.62
C PRO A 8 -51.96 -7.92 7.89
N ALA A 9 -52.34 -9.19 7.84
CA ALA A 9 -52.88 -9.85 9.03
C ALA A 9 -51.85 -9.88 10.15
N LYS A 10 -50.65 -10.38 9.86
CA LYS A 10 -49.59 -10.41 10.86
C LYS A 10 -49.17 -9.00 11.25
N LEU A 11 -49.13 -8.08 10.29
CA LEU A 11 -48.72 -6.72 10.58
C LEU A 11 -49.65 -6.08 11.61
N HIS A 12 -50.96 -6.28 11.46
CA HIS A 12 -51.88 -5.75 12.46
C HIS A 12 -51.80 -6.52 13.77
N SER A 13 -51.66 -7.84 13.70
CA SER A 13 -51.58 -8.64 14.92
C SER A 13 -50.34 -8.31 15.72
N PHE A 14 -49.35 -7.67 15.11
CA PHE A 14 -48.13 -7.30 15.82
C PHE A 14 -48.15 -5.85 16.29
N THR A 15 -48.66 -4.93 15.47
CA THR A 15 -48.57 -3.50 15.76
C THR A 15 -49.91 -2.83 16.05
N HIS A 16 -51.02 -3.40 15.60
CA HIS A 16 -52.34 -2.78 15.74
C HIS A 16 -52.39 -1.42 15.06
N CYS A 17 -51.79 -1.33 13.89
CA CYS A 17 -51.81 -0.11 13.10
C CYS A 17 -53.20 0.15 12.52
N GLY A 18 -53.33 1.28 11.82
CA GLY A 18 -54.60 1.71 11.28
C GLY A 18 -54.94 1.05 9.95
N GLN A 19 -56.09 1.45 9.42
CA GLN A 19 -56.59 0.88 8.17
C GLN A 19 -55.98 1.58 6.95
N ALA A 20 -55.88 2.91 6.99
CA ALA A 20 -55.23 3.62 5.90
C ALA A 20 -53.77 3.25 5.77
N ALA A 21 -53.17 2.73 6.85
CA ALA A 21 -51.81 2.19 6.76
C ALA A 21 -51.81 0.88 5.98
N LEU A 22 -52.72 -0.04 6.33
CA LEU A 22 -52.79 -1.32 5.64
C LEU A 22 -53.17 -1.18 4.18
N THR A 23 -53.85 -0.09 3.82
CA THR A 23 -54.14 0.14 2.40
C THR A 23 -52.87 0.35 1.60
N LEU A 24 -51.82 0.87 2.22
CA LEU A 24 -50.55 1.09 1.52
C LEU A 24 -49.89 -0.22 1.11
N HIS A 25 -50.13 -1.29 1.87
CA HIS A 25 -49.50 -2.57 1.60
C HIS A 25 -50.40 -3.41 0.69
N GLY A 26 -50.19 -4.73 0.72
CA GLY A 26 -50.97 -5.63 -0.12
C GLY A 26 -52.45 -5.59 0.15
N ALA A 27 -52.86 -5.18 1.35
CA ALA A 27 -54.27 -5.13 1.67
C ALA A 27 -54.97 -4.06 0.85
N THR A 28 -56.23 -4.31 0.54
CA THR A 28 -57.08 -3.39 -0.20
C THR A 28 -58.15 -2.84 0.75
N THR A 29 -59.01 -1.98 0.22
CA THR A 29 -59.94 -1.22 1.07
C THR A 29 -60.84 -2.14 1.89
N THR A 30 -61.49 -3.10 1.22
CA THR A 30 -62.41 -3.97 1.94
C THR A 30 -61.70 -5.03 2.75
N GLU A 31 -60.52 -5.48 2.32
CA GLU A 31 -59.72 -6.36 3.16
C GLU A 31 -59.27 -5.65 4.42
N ALA A 32 -58.85 -4.39 4.31
CA ALA A 32 -58.48 -3.63 5.50
C ALA A 32 -59.67 -3.43 6.42
N LEU A 33 -60.84 -3.11 5.84
CA LEU A 33 -62.04 -2.97 6.65
C LEU A 33 -62.44 -4.27 7.33
N ASN A 34 -62.18 -5.41 6.67
CA ASN A 34 -62.48 -6.69 7.28
C ASN A 34 -61.54 -6.99 8.43
N ILE A 35 -60.23 -6.77 8.23
CA ILE A 35 -59.25 -7.10 9.26
C ILE A 35 -59.37 -6.16 10.46
N LEU A 36 -59.82 -4.92 10.24
CA LEU A 36 -59.79 -3.95 11.33
C LEU A 36 -60.74 -4.34 12.46
N HIS A 37 -62.00 -4.67 12.13
CA HIS A 37 -62.97 -4.99 13.16
C HIS A 37 -63.10 -6.49 13.42
N SER A 38 -62.30 -7.31 12.74
CA SER A 38 -62.19 -8.71 13.09
C SER A 38 -61.18 -8.95 14.20
N CYS A 39 -60.49 -7.90 14.67
CA CYS A 39 -59.56 -7.99 15.78
C CYS A 39 -60.29 -7.57 17.05
N HIS A 40 -60.12 -8.36 18.12
CA HIS A 40 -60.95 -8.19 19.31
C HIS A 40 -60.68 -6.85 19.99
N ALA A 41 -59.43 -6.59 20.34
CA ALA A 41 -59.10 -5.40 21.12
C ALA A 41 -59.32 -4.11 20.35
N CYS A 42 -59.49 -4.18 19.03
CA CYS A 42 -59.62 -2.99 18.19
C CYS A 42 -61.06 -2.49 18.09
N ARG A 43 -62.02 -3.41 18.05
CA ARG A 43 -63.43 -3.05 17.93
C ARG A 43 -63.92 -2.24 19.13
N ILE A 56 -54.53 23.24 16.51
CA ILE A 56 -53.82 23.64 15.30
C ILE A 56 -52.33 23.40 15.48
N ARG A 57 -51.55 23.72 14.45
CA ARG A 57 -50.11 23.58 14.47
C ARG A 57 -49.46 24.95 14.65
N ARG A 58 -48.58 25.07 15.65
CA ARG A 58 -47.98 26.36 15.98
C ARG A 58 -46.70 26.63 15.22
N GLY A 59 -45.87 25.61 15.01
CA GLY A 59 -44.62 25.78 14.31
C GLY A 59 -44.81 26.10 12.84
N LEU A 60 -43.70 26.44 12.20
CA LEU A 60 -43.70 26.77 10.78
C LEU A 60 -42.86 25.83 9.93
N LEU A 61 -41.84 25.21 10.51
CA LEU A 61 -40.96 24.28 9.82
C LEU A 61 -40.73 23.10 10.75
N PRO A 62 -40.30 21.96 10.20
CA PRO A 62 -39.86 20.86 11.08
C PRO A 62 -38.71 21.33 11.96
N ASN A 63 -38.77 20.94 13.23
CA ASN A 63 -37.80 21.35 14.23
C ASN A 63 -37.76 22.87 14.37
N HIS A 64 -38.91 23.43 14.74
CA HIS A 64 -39.02 24.84 15.07
C HIS A 64 -39.47 25.06 16.51
N ILE A 65 -40.50 24.35 16.95
CA ILE A 65 -40.95 24.39 18.34
C ILE A 65 -41.29 22.97 18.77
N TRP A 66 -40.83 22.58 19.96
CA TRP A 66 -41.20 21.32 20.57
C TRP A 66 -42.07 21.58 21.80
N GLN A 67 -42.68 20.50 22.31
CA GLN A 67 -43.42 20.56 23.56
C GLN A 67 -43.12 19.29 24.35
N GLY A 68 -42.76 19.47 25.61
CA GLY A 68 -42.35 18.33 26.43
C GLY A 68 -43.24 18.11 27.64
N ASP A 69 -43.78 16.90 27.75
CA ASP A 69 -44.66 16.52 28.83
C ASP A 69 -43.99 15.47 29.71
N ILE A 70 -44.72 15.00 30.72
CA ILE A 70 -44.35 13.85 31.51
C ILE A 70 -45.62 13.06 31.78
N THR A 71 -45.46 11.80 32.16
CA THR A 71 -46.60 10.92 32.28
C THR A 71 -46.29 9.78 33.23
N HIS A 72 -47.26 9.47 34.10
CA HIS A 72 -47.21 8.25 34.90
C HIS A 72 -47.96 7.16 34.16
N PHE A 73 -47.29 6.06 33.88
CA PHE A 73 -47.91 4.89 33.26
C PHE A 73 -48.03 3.81 34.33
N LYS A 74 -49.28 3.42 34.63
CA LYS A 74 -49.55 2.57 35.79
C LYS A 74 -49.30 1.12 35.43
N TYR A 75 -48.42 0.47 36.19
CA TYR A 75 -48.18 -0.96 36.09
C TYR A 75 -48.71 -1.64 37.35
N LYS A 76 -49.07 -2.91 37.22
CA LYS A 76 -49.79 -3.58 38.29
C LYS A 76 -48.94 -3.77 39.55
N ASN A 77 -47.62 -3.65 39.44
CA ASN A 77 -46.75 -3.80 40.59
C ASN A 77 -45.69 -2.71 40.69
N THR A 78 -45.70 -1.72 39.80
CA THR A 78 -44.73 -0.63 39.82
C THR A 78 -45.28 0.52 38.99
N LEU A 79 -44.43 1.50 38.71
CA LEU A 79 -44.80 2.67 37.94
C LEU A 79 -43.69 3.00 36.95
N TYR A 80 -44.06 3.60 35.83
CA TYR A 80 -43.11 4.08 34.84
C TYR A 80 -43.31 5.58 34.63
N ARG A 81 -42.21 6.31 34.49
CA ARG A 81 -42.26 7.73 34.18
C ARG A 81 -41.87 7.92 32.72
N LEU A 82 -42.85 8.29 31.89
CA LEU A 82 -42.60 8.52 30.48
C LEU A 82 -42.28 9.98 30.22
N HIS A 83 -41.16 10.24 29.57
CA HIS A 83 -40.81 11.57 29.10
C HIS A 83 -41.06 11.61 27.60
N VAL A 84 -41.88 12.56 27.15
CA VAL A 84 -42.36 12.61 25.78
C VAL A 84 -42.15 14.00 25.23
N TRP A 85 -41.52 14.09 24.06
CA TRP A 85 -41.39 15.31 23.31
C TRP A 85 -42.14 15.17 21.99
N VAL A 86 -42.81 16.22 21.56
CA VAL A 86 -43.61 16.20 20.34
C VAL A 86 -43.27 17.42 19.51
N ASP A 87 -43.09 17.20 18.20
CA ASP A 87 -42.80 18.28 17.28
C ASP A 87 -44.12 18.93 16.85
N THR A 88 -44.23 20.24 17.04
CA THR A 88 -45.48 20.94 16.79
C THR A 88 -45.60 21.42 15.34
N PHE A 89 -45.15 20.57 14.43
CA PHE A 89 -45.41 20.77 13.00
C PHE A 89 -45.70 19.46 12.27
N SER A 90 -45.32 18.31 12.82
CA SER A 90 -45.61 17.03 12.22
C SER A 90 -46.18 16.08 13.25
N GLY A 91 -45.86 16.30 14.52
CA GLY A 91 -46.30 15.41 15.58
C GLY A 91 -45.37 14.25 15.87
N SER A 92 -44.10 14.34 15.48
CA SER A 92 -43.16 13.25 15.68
C SER A 92 -42.90 13.04 17.16
N VAL A 93 -43.18 11.85 17.64
CA VAL A 93 -43.09 11.52 19.05
C VAL A 93 -41.75 10.88 19.36
N SER A 94 -41.14 11.28 20.47
CA SER A 94 -39.97 10.62 21.02
C SER A 94 -40.19 10.44 22.51
N ALA A 95 -40.17 9.19 22.98
CA ALA A 95 -40.50 8.89 24.35
C ALA A 95 -39.43 8.01 24.98
N THR A 96 -39.24 8.19 26.28
CA THR A 96 -38.28 7.41 27.05
C THR A 96 -38.92 7.04 28.39
N HIS A 97 -38.59 5.87 28.91
CA HIS A 97 -39.15 5.38 30.16
C HIS A 97 -38.05 5.32 31.22
N LYS A 98 -38.34 5.89 32.39
CA LYS A 98 -37.41 5.94 33.50
C LYS A 98 -38.10 5.42 34.76
N LYS A 99 -37.31 5.11 35.78
CA LYS A 99 -37.85 4.69 37.06
C LYS A 99 -37.91 5.82 38.08
N ARG A 100 -37.37 6.99 37.76
CA ARG A 100 -37.53 8.18 38.59
C ARG A 100 -37.57 9.38 37.65
N GLU A 101 -37.63 10.58 38.24
CA GLU A 101 -37.67 11.80 37.43
C GLU A 101 -36.89 12.89 38.14
N THR A 102 -35.79 13.33 37.52
CA THR A 102 -35.01 14.46 37.99
C THR A 102 -34.56 15.27 36.78
N SER A 103 -33.77 16.31 37.03
CA SER A 103 -33.26 17.11 35.93
C SER A 103 -32.23 16.34 35.12
N SER A 104 -31.48 15.45 35.75
CA SER A 104 -30.58 14.56 35.02
C SER A 104 -31.34 13.75 33.98
N GLU A 105 -32.47 13.18 34.37
CA GLU A 105 -33.24 12.37 33.42
C GLU A 105 -33.97 13.23 32.40
N ALA A 106 -34.33 14.47 32.76
CA ALA A 106 -34.86 15.36 31.73
C ALA A 106 -33.80 15.67 30.67
N ILE A 107 -32.56 15.89 31.10
CA ILE A 107 -31.47 16.11 30.15
C ILE A 107 -31.25 14.88 29.30
N SER A 108 -31.27 13.70 29.92
CA SER A 108 -31.11 12.46 29.17
C SER A 108 -32.20 12.31 28.12
N SER A 109 -33.45 12.63 28.48
CA SER A 109 -34.54 12.52 27.52
C SER A 109 -34.37 13.50 26.37
N LEU A 110 -33.99 14.75 26.67
CA LEU A 110 -33.82 15.71 25.60
C LEU A 110 -32.70 15.29 24.65
N LEU A 111 -31.59 14.78 25.18
CA LEU A 111 -30.51 14.36 24.31
C LEU A 111 -30.89 13.13 23.48
N HIS A 112 -31.58 12.17 24.10
CA HIS A 112 -32.02 11.00 23.36
C HIS A 112 -33.02 11.39 22.28
N ALA A 113 -33.78 12.47 22.49
CA ALA A 113 -34.67 12.95 21.44
C ALA A 113 -33.89 13.63 20.32
N ILE A 114 -32.88 14.44 20.68
CA ILE A 114 -32.05 15.10 19.67
C ILE A 114 -31.38 14.07 18.78
N ALA A 115 -30.98 12.93 19.34
CA ALA A 115 -30.35 11.89 18.54
C ALA A 115 -31.29 11.33 17.49
N HIS A 116 -32.61 11.40 17.71
CA HIS A 116 -33.59 10.83 16.80
C HIS A 116 -34.11 11.84 15.79
N LEU A 117 -34.53 13.01 16.25
CA LEU A 117 -35.24 13.97 15.41
C LEU A 117 -34.35 15.08 14.87
N GLY A 118 -33.36 15.51 15.62
CA GLY A 118 -32.54 16.65 15.27
C GLY A 118 -32.56 17.66 16.39
N ARG A 119 -31.97 18.83 16.13
CA ARG A 119 -31.84 19.85 17.15
C ARG A 119 -33.00 20.84 17.01
N PRO A 120 -33.83 21.01 18.04
CA PRO A 120 -34.88 22.04 17.98
C PRO A 120 -34.31 23.43 18.12
N SER A 121 -35.03 24.40 17.57
CA SER A 121 -34.66 25.80 17.73
C SER A 121 -35.27 26.42 18.98
N HIS A 122 -36.50 26.02 19.32
CA HIS A 122 -37.22 26.57 20.46
C HIS A 122 -37.93 25.43 21.17
N ILE A 123 -37.78 25.36 22.48
CA ILE A 123 -38.34 24.28 23.29
C ILE A 123 -39.26 24.90 24.35
N ASN A 124 -40.40 24.24 24.57
CA ASN A 124 -41.43 24.75 25.47
C ASN A 124 -41.92 23.62 26.35
N THR A 125 -41.98 23.86 27.66
CA THR A 125 -42.34 22.81 28.60
C THR A 125 -42.97 23.43 29.85
N ASP A 126 -43.62 22.57 30.62
CA ASP A 126 -44.29 22.98 31.84
C ASP A 126 -43.29 23.14 32.98
N ASN A 127 -43.63 24.03 33.92
CA ASN A 127 -42.83 24.20 35.12
C ASN A 127 -42.87 22.94 35.97
N GLY A 128 -41.91 22.83 36.88
CA GLY A 128 -41.85 21.72 37.80
C GLY A 128 -40.53 21.67 38.54
N PRO A 129 -40.32 20.62 39.33
CA PRO A 129 -39.00 20.45 39.96
C PRO A 129 -37.89 20.38 38.93
N ALA A 130 -38.08 19.57 37.88
CA ALA A 130 -37.21 19.61 36.72
C ALA A 130 -37.68 20.73 35.78
N TYR A 131 -36.99 20.87 34.65
CA TYR A 131 -37.29 21.89 33.64
C TYR A 131 -37.13 23.31 34.19
N ALA A 132 -36.77 23.45 35.46
CA ALA A 132 -36.67 24.76 36.09
C ALA A 132 -35.42 24.94 36.93
N SER A 133 -34.58 23.93 37.06
CA SER A 133 -33.36 24.03 37.83
C SER A 133 -32.29 24.75 37.00
N GLN A 134 -31.07 24.77 37.51
CA GLN A 134 -29.95 25.28 36.72
C GLN A 134 -29.34 24.24 35.81
N GLU A 135 -29.50 22.95 36.15
CA GLU A 135 -28.96 21.89 35.31
C GLU A 135 -29.62 21.88 33.94
N PHE A 136 -30.95 21.95 33.90
CA PHE A 136 -31.64 21.91 32.62
C PHE A 136 -31.38 23.16 31.81
N GLN A 137 -31.34 24.33 32.46
CA GLN A 137 -31.04 25.57 31.74
C GLN A 137 -29.62 25.60 31.23
N HIS A 138 -28.68 24.97 31.94
CA HIS A 138 -27.31 24.90 31.46
C HIS A 138 -27.17 23.89 30.33
N ALA A 139 -27.99 22.84 30.34
CA ALA A 139 -28.03 21.95 29.19
C ALA A 139 -28.60 22.66 27.96
N CYS A 140 -29.65 23.45 28.15
CA CYS A 140 -30.28 24.14 27.03
C CYS A 140 -29.46 25.33 26.54
N THR A 141 -28.56 25.88 27.34
CA THR A 141 -27.77 27.03 26.90
C THR A 141 -26.51 26.65 26.15
N SER A 142 -26.05 25.40 26.25
CA SER A 142 -24.89 24.95 25.50
C SER A 142 -25.23 24.52 24.09
N LEU A 143 -26.51 24.36 23.77
CA LEU A 143 -26.97 23.96 22.45
C LEU A 143 -27.71 25.06 21.72
N ALA A 144 -27.80 26.25 22.32
CA ALA A 144 -28.48 27.40 21.73
C ALA A 144 -29.97 27.13 21.50
N ILE A 145 -30.61 26.49 22.49
CA ILE A 145 -32.04 26.20 22.44
C ILE A 145 -32.70 27.05 23.52
N ARG A 146 -33.60 27.95 23.10
CA ARG A 146 -34.29 28.80 24.07
C ARG A 146 -35.47 28.07 24.68
N HIS A 147 -35.66 28.26 25.98
CA HIS A 147 -36.55 27.42 26.78
C HIS A 147 -37.58 28.30 27.49
N THR A 148 -38.83 28.24 27.03
CA THR A 148 -39.93 29.00 27.59
C THR A 148 -40.80 28.11 28.48
N THR A 149 -41.20 28.64 29.62
CA THR A 149 -41.94 27.89 30.63
C THR A 149 -43.36 28.44 30.76
N HIS A 150 -44.33 27.53 30.82
CA HIS A 150 -45.73 27.92 30.95
C HIS A 150 -46.47 26.89 31.77
N ILE A 151 -47.46 27.34 32.53
CA ILE A 151 -48.25 26.49 33.43
C ILE A 151 -49.73 26.66 33.06
N PRO A 152 -50.54 25.59 33.12
CA PRO A 152 -51.99 25.73 32.88
C PRO A 152 -52.67 26.66 33.87
N VAL A 161 -48.70 18.64 23.54
CA VAL A 161 -50.07 18.23 23.22
C VAL A 161 -50.40 16.95 24.00
N GLU A 162 -51.65 16.83 24.42
CA GLU A 162 -52.09 15.72 25.27
C GLU A 162 -52.76 14.59 24.50
N ARG A 163 -52.99 14.75 23.20
CA ARG A 163 -53.62 13.70 22.41
C ARG A 163 -52.66 12.56 22.14
N THR A 164 -51.48 12.88 21.62
CA THR A 164 -50.49 11.85 21.28
C THR A 164 -50.09 11.05 22.50
N ASN A 165 -50.04 11.69 23.67
CA ASN A 165 -49.75 10.95 24.90
C ASN A 165 -50.78 9.84 25.11
N GLY A 166 -52.06 10.15 24.93
CA GLY A 166 -53.10 9.14 25.08
C GLY A 166 -53.02 8.06 24.01
N ILE A 167 -52.71 8.45 22.77
CA ILE A 167 -52.54 7.47 21.71
C ILE A 167 -51.45 6.46 22.10
N LEU A 168 -50.29 6.97 22.55
CA LEU A 168 -49.19 6.13 22.93
C LEU A 168 -49.54 5.24 24.12
N LYS A 169 -50.32 5.78 25.07
CA LYS A 169 -50.70 4.99 26.24
C LYS A 169 -51.66 3.86 25.86
N THR A 170 -52.64 4.14 25.00
CA THR A 170 -53.56 3.10 24.56
C THR A 170 -52.83 2.01 23.79
N LEU A 171 -51.86 2.39 22.95
CA LEU A 171 -51.10 1.38 22.23
C LEU A 171 -50.27 0.52 23.19
N LEU A 172 -49.68 1.14 24.22
CA LEU A 172 -49.00 0.35 25.24
C LEU A 172 -49.95 -0.62 25.90
N TYR A 173 -51.17 -0.16 26.23
CA TYR A 173 -52.17 -1.02 26.83
C TYR A 173 -52.47 -2.22 25.94
N LYS A 174 -52.65 -1.99 24.64
CA LYS A 174 -52.94 -3.09 23.72
C LYS A 174 -51.78 -4.10 23.69
N TYR A 175 -50.55 -3.59 23.56
CA TYR A 175 -49.40 -4.48 23.46
C TYR A 175 -49.25 -5.31 24.73
N PHE A 176 -49.51 -4.71 25.89
CA PHE A 176 -49.48 -5.50 27.12
C PHE A 176 -50.65 -6.48 27.20
N SER A 177 -51.81 -6.10 26.66
CA SER A 177 -52.95 -7.00 26.68
C SER A 177 -52.68 -8.27 25.91
N ASP A 178 -52.05 -8.17 24.74
CA ASP A 178 -51.81 -9.37 23.95
C ASP A 178 -50.75 -10.26 24.60
N ASN A 179 -49.65 -9.68 25.07
CA ASN A 179 -48.59 -10.45 25.72
C ASN A 179 -48.27 -9.76 27.05
N PRO A 180 -48.47 -10.44 28.19
CA PRO A 180 -48.17 -9.81 29.48
C PRO A 180 -46.70 -9.83 29.86
N ASN A 181 -45.88 -10.66 29.20
CA ASN A 181 -44.47 -10.79 29.55
C ASN A 181 -43.60 -9.96 28.61
N LEU A 182 -43.86 -8.66 28.61
CA LEU A 182 -43.06 -7.73 27.82
C LEU A 182 -42.18 -6.90 28.75
N PRO A 183 -40.92 -6.69 28.39
CA PRO A 183 -39.98 -5.98 29.28
C PRO A 183 -40.12 -4.47 29.26
N MET A 184 -41.19 -3.91 28.70
CA MET A 184 -41.48 -2.48 28.73
C MET A 184 -40.50 -1.69 27.87
N ASP A 185 -39.39 -2.32 27.49
CA ASP A 185 -38.46 -1.70 26.55
C ASP A 185 -38.75 -2.06 25.10
N ASN A 186 -39.22 -3.28 24.85
CA ASN A 186 -39.71 -3.64 23.52
C ASN A 186 -41.02 -2.92 23.20
N ALA A 187 -41.91 -2.79 24.20
CA ALA A 187 -43.22 -2.21 23.94
C ALA A 187 -43.11 -0.74 23.54
N LEU A 188 -42.27 0.02 24.23
CA LEU A 188 -42.13 1.43 23.91
C LEU A 188 -41.58 1.62 22.51
N SER A 189 -40.59 0.81 22.13
CA SER A 189 -40.01 0.91 20.80
C SER A 189 -41.02 0.53 19.73
N VAL A 190 -41.82 -0.50 19.97
CA VAL A 190 -42.81 -0.89 18.98
C VAL A 190 -43.89 0.18 18.84
N ALA A 191 -44.28 0.80 19.95
CA ALA A 191 -45.28 1.88 19.87
C ALA A 191 -44.73 3.07 19.10
N LEU A 192 -43.49 3.46 19.37
CA LEU A 192 -42.89 4.56 18.64
C LEU A 192 -42.77 4.24 17.16
N TRP A 193 -42.38 3.00 16.84
CA TRP A 193 -42.33 2.60 15.43
C TRP A 193 -43.71 2.71 14.79
N THR A 194 -44.74 2.23 15.47
CA THR A 194 -46.07 2.26 14.89
C THR A 194 -46.53 3.69 14.63
N ILE A 195 -46.45 4.56 15.63
CA ILE A 195 -47.02 5.89 15.44
C ILE A 195 -46.12 6.83 14.66
N ASN A 196 -44.86 6.46 14.42
CA ASN A 196 -44.00 7.30 13.60
C ASN A 196 -43.90 6.82 12.15
N HIS A 197 -43.83 5.51 11.91
CA HIS A 197 -43.58 5.01 10.56
C HIS A 197 -44.77 4.29 9.96
N LEU A 198 -45.83 4.00 10.70
CA LEU A 198 -46.88 3.17 10.14
C LEU A 198 -48.23 3.88 10.00
N ASN A 199 -48.66 4.62 11.02
CA ASN A 199 -49.97 5.27 10.95
C ASN A 199 -49.91 6.44 9.98
N VAL A 200 -50.90 6.52 9.09
CA VAL A 200 -50.97 7.57 8.08
C VAL A 200 -51.86 8.69 8.60
N LEU A 201 -51.35 9.91 8.54
CA LEU A 201 -52.19 11.07 8.89
C LEU A 201 -53.34 11.20 7.91
N THR A 202 -54.46 11.71 8.40
CA THR A 202 -55.68 11.75 7.62
C THR A 202 -55.76 12.95 6.68
N HIS A 203 -55.14 14.07 7.04
CA HIS A 203 -55.30 15.28 6.23
C HIS A 203 -54.43 15.24 4.98
N CYS A 204 -53.16 14.88 5.13
CA CYS A 204 -52.21 14.95 4.03
C CYS A 204 -51.74 13.59 3.53
N GLN A 205 -52.27 12.50 4.09
CA GLN A 205 -51.91 11.16 3.65
C GLN A 205 -50.40 10.93 3.71
N LYS A 206 -49.77 11.40 4.79
CA LYS A 206 -48.36 11.23 5.01
C LYS A 206 -48.12 10.70 6.42
N THR A 207 -47.09 9.89 6.57
CA THR A 207 -46.70 9.50 7.91
C THR A 207 -45.97 10.65 8.60
N ARG A 208 -45.92 10.57 9.93
CA ARG A 208 -45.21 11.61 10.68
C ARG A 208 -43.75 11.66 10.29
N TRP A 209 -43.12 10.49 10.15
CA TRP A 209 -41.71 10.44 9.75
C TRP A 209 -41.51 11.06 8.37
N GLN A 210 -42.36 10.68 7.41
CA GLN A 210 -42.23 11.18 6.05
C GLN A 210 -42.42 12.69 6.00
N LEU A 211 -43.40 13.21 6.74
CA LEU A 211 -43.61 14.66 6.76
C LEU A 211 -42.47 15.37 7.48
N HIS A 212 -41.91 14.73 8.51
CA HIS A 212 -40.89 15.36 9.33
C HIS A 212 -39.51 15.38 8.68
N HIS A 213 -39.25 14.48 7.72
CA HIS A 213 -37.93 14.40 7.12
C HIS A 213 -37.90 14.62 5.62
N SER A 214 -39.02 15.00 5.01
CA SER A 214 -39.01 15.31 3.59
C SER A 214 -38.31 16.64 3.36
N PRO A 215 -37.44 16.73 2.35
CA PRO A 215 -36.66 17.96 2.15
C PRO A 215 -37.53 19.13 1.70
N ARG A 216 -37.13 20.32 2.14
CA ARG A 216 -37.81 21.54 1.73
C ARG A 216 -37.43 21.90 0.30
N LEU A 217 -38.09 22.93 -0.23
CA LEU A 217 -37.77 23.37 -1.58
C LEU A 217 -36.57 24.30 -1.57
N PRO A 218 -35.62 24.11 -2.49
CA PRO A 218 -34.48 25.02 -2.54
C PRO A 218 -34.90 26.40 -2.99
N PRO A 219 -34.17 27.44 -2.59
CA PRO A 219 -34.50 28.79 -3.04
C PRO A 219 -34.19 28.96 -4.52
N ILE A 220 -34.71 30.04 -5.09
CA ILE A 220 -34.60 30.29 -6.53
C ILE A 220 -33.93 31.63 -6.77
N PRO A 221 -32.71 31.66 -7.30
CA PRO A 221 -32.08 32.95 -7.63
C PRO A 221 -32.87 33.67 -8.70
N GLU A 222 -33.07 34.97 -8.49
CA GLU A 222 -33.86 35.79 -9.39
C GLU A 222 -33.00 36.32 -10.52
N ALA A 223 -33.57 36.35 -11.72
CA ALA A 223 -32.87 36.78 -12.94
C ALA A 223 -31.62 35.94 -13.17
N LYS A 224 -31.69 34.67 -12.80
CA LYS A 224 -30.62 33.70 -12.96
C LYS A 224 -31.22 32.33 -13.24
N PRO A 225 -30.92 31.73 -14.39
CA PRO A 225 -31.46 30.40 -14.69
C PRO A 225 -31.06 29.36 -13.66
N VAL A 226 -32.04 28.63 -13.16
CA VAL A 226 -31.78 27.56 -12.20
C VAL A 226 -31.22 26.36 -12.95
N THR A 227 -29.94 26.10 -12.77
CA THR A 227 -29.22 25.13 -13.58
C THR A 227 -29.31 23.73 -13.01
N THR A 228 -29.10 22.75 -13.89
CA THR A 228 -28.93 21.37 -13.47
C THR A 228 -27.50 21.15 -13.00
N SER A 229 -27.34 20.33 -11.97
CA SER A 229 -26.02 20.02 -11.43
C SER A 229 -25.36 18.96 -12.30
N LYS A 230 -24.10 19.20 -12.64
CA LYS A 230 -23.32 18.27 -13.44
C LYS A 230 -22.38 17.49 -12.53
N THR A 231 -22.44 16.17 -12.62
CA THR A 231 -21.64 15.31 -11.76
C THR A 231 -20.28 15.04 -12.41
N HIS A 232 -19.42 14.38 -11.64
CA HIS A 232 -18.02 14.21 -12.01
C HIS A 232 -17.82 12.97 -12.87
N TRP A 233 -16.60 12.86 -13.42
CA TRP A 233 -16.22 11.77 -14.29
C TRP A 233 -15.15 10.92 -13.61
N TYR A 234 -15.23 9.61 -13.81
CA TYR A 234 -14.37 8.67 -13.10
C TYR A 234 -13.74 7.67 -14.05
N TYR A 235 -12.50 7.29 -13.77
CA TYR A 235 -11.92 6.06 -14.28
C TYR A 235 -12.27 4.93 -13.31
N PHE A 236 -12.59 3.77 -13.85
CA PHE A 236 -13.14 2.70 -13.02
C PHE A 236 -12.53 1.37 -13.39
N LYS A 237 -12.76 0.38 -12.53
CA LYS A 237 -12.38 -1.01 -12.75
C LYS A 237 -13.52 -1.89 -12.30
N ILE A 238 -13.53 -3.12 -12.78
CA ILE A 238 -14.62 -4.07 -12.53
C ILE A 238 -14.26 -4.90 -11.30
N PRO A 239 -15.15 -5.02 -10.32
CA PRO A 239 -14.86 -5.85 -9.14
C PRO A 239 -14.67 -7.31 -9.52
N GLY A 240 -13.80 -7.98 -8.77
CA GLY A 240 -13.60 -9.41 -8.95
C GLY A 240 -12.84 -9.80 -10.19
N LEU A 241 -12.07 -8.89 -10.78
CA LEU A 241 -11.33 -9.19 -11.99
C LEU A 241 -9.81 -9.09 -11.84
N ASN A 242 -9.31 -8.37 -10.84
CA ASN A 242 -7.88 -8.25 -10.54
C ASN A 242 -7.12 -7.47 -11.61
N SER A 243 -7.81 -6.79 -12.50
CA SER A 243 -7.16 -6.04 -13.56
C SER A 243 -6.34 -4.88 -12.99
N ARG A 244 -5.51 -4.30 -13.85
CA ARG A 244 -4.63 -3.19 -13.47
C ARG A 244 -4.63 -2.12 -14.56
N GLN A 245 -5.81 -1.78 -15.06
CA GLN A 245 -5.93 -0.78 -16.11
C GLN A 245 -7.24 -0.03 -15.94
N TRP A 246 -7.17 1.29 -15.83
CA TRP A 246 -8.35 2.13 -15.73
C TRP A 246 -8.95 2.30 -17.11
N LYS A 247 -10.22 1.92 -17.27
CA LYS A 247 -10.83 1.80 -18.59
C LYS A 247 -11.84 2.93 -18.80
N GLY A 248 -11.37 4.04 -19.36
CA GLY A 248 -12.23 5.07 -19.89
C GLY A 248 -12.91 5.92 -18.83
N PRO A 249 -13.00 7.22 -19.09
CA PRO A 249 -13.74 8.10 -18.18
C PRO A 249 -15.23 8.08 -18.51
N GLN A 250 -16.05 7.81 -17.49
CA GLN A 250 -17.49 7.75 -17.62
C GLN A 250 -18.13 8.80 -16.71
N ARG A 251 -19.45 8.77 -16.62
CA ARG A 251 -20.20 9.68 -15.76
C ARG A 251 -20.91 8.89 -14.67
N ALA A 252 -20.93 9.45 -13.46
CA ALA A 252 -21.63 8.83 -12.35
C ALA A 252 -23.08 9.31 -12.32
N LEU A 253 -24.01 8.36 -12.31
CA LEU A 253 -25.42 8.71 -12.26
C LEU A 253 -25.88 8.98 -10.84
N GLN A 254 -25.73 7.99 -9.97
CA GLN A 254 -26.15 8.08 -8.58
C GLN A 254 -24.96 7.80 -7.68
N GLU A 255 -25.03 8.31 -6.45
CA GLU A 255 -23.96 8.14 -5.47
C GLU A 255 -24.56 7.81 -4.12
N ALA A 256 -23.80 7.07 -3.32
CA ALA A 256 -24.20 6.68 -1.99
C ALA A 256 -22.95 6.62 -1.12
N ALA A 257 -23.06 5.98 0.03
CA ALA A 257 -21.90 5.75 0.87
C ALA A 257 -21.21 4.48 0.41
N GLY A 258 -19.93 4.59 0.05
CA GLY A 258 -19.17 3.41 -0.33
C GLY A 258 -19.58 2.74 -1.62
N ALA A 259 -20.00 3.52 -2.62
CA ALA A 259 -20.34 2.99 -3.93
C ALA A 259 -20.66 4.16 -4.86
N ALA A 260 -20.84 3.85 -6.14
CA ALA A 260 -21.29 4.82 -7.13
C ALA A 260 -21.82 4.06 -8.33
N LEU A 261 -22.91 4.56 -8.90
CA LEU A 261 -23.55 3.90 -10.05
C LEU A 261 -22.87 4.36 -11.33
N ILE A 262 -22.19 3.45 -11.99
CA ILE A 262 -21.38 3.74 -13.17
C ILE A 262 -21.89 2.90 -14.33
N PRO A 263 -22.29 3.50 -15.45
CA PRO A 263 -22.65 2.73 -16.64
C PRO A 263 -21.42 2.19 -17.33
N VAL A 264 -21.10 0.91 -17.09
CA VAL A 264 -19.91 0.32 -17.67
C VAL A 264 -20.05 0.24 -19.20
N SER A 265 -21.26 -0.04 -19.68
CA SER A 265 -21.60 0.01 -21.09
C SER A 265 -22.88 0.83 -21.25
N ASP A 266 -23.41 0.86 -22.47
CA ASP A 266 -24.70 1.49 -22.73
C ASP A 266 -25.85 0.50 -22.63
N THR A 267 -25.67 -0.58 -21.88
CA THR A 267 -26.70 -1.60 -21.68
C THR A 267 -27.00 -1.83 -20.20
N ALA A 268 -25.98 -1.81 -19.34
CA ALA A 268 -26.17 -2.07 -17.93
C ALA A 268 -25.33 -1.12 -17.11
N ALA A 269 -25.71 -0.95 -15.84
CA ALA A 269 -25.02 -0.09 -14.91
C ALA A 269 -24.72 -0.86 -13.64
N GLN A 270 -23.57 -0.58 -13.04
CA GLN A 270 -23.06 -1.34 -11.92
C GLN A 270 -22.64 -0.41 -10.80
N TRP A 271 -22.67 -0.92 -9.57
CA TRP A 271 -22.26 -0.16 -8.39
C TRP A 271 -20.79 -0.46 -8.11
N ILE A 272 -19.92 0.51 -8.36
CA ILE A 272 -18.48 0.36 -8.19
C ILE A 272 -18.09 0.96 -6.85
N PRO A 273 -17.38 0.23 -5.99
CA PRO A 273 -16.93 0.81 -4.71
C PRO A 273 -15.96 1.96 -4.91
N TRP A 274 -15.63 2.68 -3.83
CA TRP A 274 -14.74 3.82 -3.97
C TRP A 274 -13.29 3.44 -4.16
N LYS A 275 -12.89 2.24 -3.75
CA LYS A 275 -11.51 1.82 -3.92
C LYS A 275 -11.16 1.57 -5.38
N LEU A 276 -12.16 1.41 -6.25
CA LEU A 276 -11.96 1.15 -7.67
C LEU A 276 -12.36 2.33 -8.53
N LEU A 277 -12.41 3.53 -7.97
CA LEU A 277 -12.80 4.72 -8.70
C LEU A 277 -11.73 5.80 -8.55
N LYS A 278 -11.47 6.51 -9.65
CA LYS A 278 -10.47 7.57 -9.67
C LYS A 278 -11.04 8.76 -10.43
N ARG A 279 -11.00 9.93 -9.81
CA ARG A 279 -11.56 11.13 -10.42
C ARG A 279 -10.76 11.53 -11.65
N ALA A 280 -11.42 12.23 -12.57
CA ALA A 280 -10.81 12.66 -13.82
C ALA A 280 -11.25 14.09 -14.11
N VAL A 281 -10.95 14.54 -15.32
CA VAL A 281 -11.35 15.84 -15.82
C VAL A 281 -12.11 15.64 -17.12
N CYS A 282 -13.16 16.44 -17.34
CA CYS A 282 -14.03 16.38 -18.50
C CYS A 282 -13.21 16.30 -19.79
N PRO A 283 -13.69 15.58 -20.82
CA PRO A 283 -12.84 15.29 -21.97
C PRO A 283 -12.67 16.48 -22.91
N ARG A 284 -13.71 17.30 -23.04
CA ARG A 284 -13.71 18.44 -23.97
C ARG A 284 -13.35 18.01 -25.39
N SER B 7 21.88 -30.03 -15.56
CA SER B 7 20.70 -29.65 -16.34
C SER B 7 19.70 -28.92 -15.46
N PRO B 8 19.09 -27.86 -16.02
CA PRO B 8 18.16 -27.01 -15.24
C PRO B 8 17.24 -27.78 -14.31
N ALA B 9 16.59 -28.83 -14.82
CA ALA B 9 15.60 -29.55 -14.02
C ALA B 9 16.21 -30.25 -12.82
N LYS B 10 17.42 -30.79 -12.94
CA LYS B 10 18.07 -31.47 -11.83
C LYS B 10 18.74 -30.47 -10.89
N LEU B 11 19.25 -29.37 -11.43
CA LEU B 11 19.77 -28.30 -10.59
C LEU B 11 18.68 -27.75 -9.68
N HIS B 12 17.50 -27.47 -10.23
CA HIS B 12 16.41 -27.02 -9.38
C HIS B 12 15.92 -28.11 -8.45
N SER B 13 15.84 -29.36 -8.94
CA SER B 13 15.43 -30.45 -8.08
C SER B 13 16.38 -30.66 -6.92
N PHE B 14 17.62 -30.19 -7.02
CA PHE B 14 18.55 -30.31 -5.90
C PHE B 14 18.56 -29.08 -5.00
N THR B 15 18.64 -27.89 -5.57
CA THR B 15 18.89 -26.67 -4.82
C THR B 15 17.68 -25.74 -4.72
N HIS B 16 16.68 -25.90 -5.58
CA HIS B 16 15.50 -25.03 -5.61
C HIS B 16 15.90 -23.58 -5.86
N CYS B 17 16.79 -23.37 -6.83
CA CYS B 17 17.21 -22.02 -7.17
C CYS B 17 16.08 -21.30 -7.90
N GLY B 18 16.32 -20.03 -8.22
CA GLY B 18 15.32 -19.17 -8.81
C GLY B 18 15.28 -19.26 -10.32
N GLN B 19 14.72 -18.22 -10.93
CA GLN B 19 14.59 -18.15 -12.38
C GLN B 19 15.86 -17.65 -13.05
N ALA B 20 16.41 -16.54 -12.55
CA ALA B 20 17.55 -15.91 -13.18
C ALA B 20 18.79 -16.78 -13.05
N ALA B 21 18.69 -17.84 -12.25
CA ALA B 21 19.78 -18.80 -12.12
C ALA B 21 19.69 -19.91 -13.16
N LEU B 22 18.48 -20.30 -13.58
CA LEU B 22 18.34 -21.41 -14.51
C LEU B 22 18.62 -21.02 -15.96
N THR B 23 18.50 -19.74 -16.30
CA THR B 23 18.90 -19.31 -17.63
C THR B 23 20.42 -19.25 -17.76
N LEU B 24 21.11 -18.96 -16.66
CA LEU B 24 22.57 -18.92 -16.65
C LEU B 24 23.20 -20.31 -16.62
N HIS B 25 22.40 -21.37 -16.78
CA HIS B 25 22.91 -22.72 -16.94
C HIS B 25 22.33 -23.38 -18.19
N GLY B 26 21.66 -22.62 -19.04
CA GLY B 26 21.13 -23.13 -20.29
C GLY B 26 19.64 -23.42 -20.21
N ALA B 27 18.83 -22.48 -20.67
CA ALA B 27 17.37 -22.59 -20.62
C ALA B 27 16.73 -21.35 -21.22
N THR B 28 15.61 -21.53 -21.92
CA THR B 28 14.81 -20.38 -22.31
C THR B 28 14.07 -19.83 -21.11
N THR B 29 13.72 -18.54 -21.19
CA THR B 29 13.06 -17.90 -20.06
C THR B 29 11.71 -18.54 -19.76
N THR B 30 10.94 -18.85 -20.80
CA THR B 30 9.63 -19.47 -20.60
C THR B 30 9.77 -20.85 -19.98
N GLU B 31 10.81 -21.59 -20.36
CA GLU B 31 10.99 -22.92 -19.79
C GLU B 31 11.33 -22.85 -18.31
N ALA B 32 12.18 -21.90 -17.92
CA ALA B 32 12.46 -21.70 -16.50
C ALA B 32 11.20 -21.27 -15.75
N LEU B 33 10.39 -20.42 -16.38
CA LEU B 33 9.13 -20.02 -15.77
C LEU B 33 8.23 -21.22 -15.54
N ASN B 34 8.13 -22.12 -16.51
CA ASN B 34 7.34 -23.34 -16.34
C ASN B 34 7.93 -24.24 -15.26
N ILE B 35 9.25 -24.35 -15.22
CA ILE B 35 9.90 -25.19 -14.21
C ILE B 35 9.56 -24.69 -12.81
N LEU B 36 9.57 -23.36 -12.63
CA LEU B 36 9.22 -22.81 -11.33
C LEU B 36 7.73 -22.97 -11.04
N HIS B 37 6.87 -22.65 -12.00
CA HIS B 37 5.44 -22.73 -11.78
C HIS B 37 4.94 -24.14 -11.59
N SER B 38 5.74 -25.15 -11.93
CA SER B 38 5.33 -26.53 -11.76
C SER B 38 5.75 -27.13 -10.43
N CYS B 39 6.88 -26.69 -9.87
CA CYS B 39 7.37 -27.23 -8.62
C CYS B 39 6.36 -27.01 -7.50
N HIS B 40 6.06 -28.08 -6.77
CA HIS B 40 5.07 -28.02 -5.71
C HIS B 40 5.65 -27.67 -4.36
N ALA B 41 6.94 -27.95 -4.13
CA ALA B 41 7.56 -27.57 -2.87
C ALA B 41 7.88 -26.09 -2.81
N CYS B 42 8.00 -25.44 -3.96
CA CYS B 42 8.25 -24.00 -3.99
C CYS B 42 6.97 -23.20 -3.98
N ARG B 43 5.84 -23.78 -4.36
CA ARG B 43 4.56 -23.09 -4.25
C ARG B 43 3.84 -23.42 -2.95
N LYS B 44 4.09 -24.58 -2.37
CA LYS B 44 3.53 -24.89 -1.06
C LYS B 44 4.11 -24.02 0.05
N ASN B 45 5.28 -23.42 -0.17
CA ASN B 45 5.99 -22.73 0.91
C ASN B 45 6.10 -21.22 0.73
N ASN B 46 5.99 -20.72 -0.49
CA ASN B 46 6.01 -19.27 -0.70
C ASN B 46 4.71 -18.68 -0.18
N PRO B 47 4.75 -17.74 0.76
CA PRO B 47 3.52 -17.14 1.27
C PRO B 47 2.92 -16.09 0.35
N GLN B 48 3.57 -15.78 -0.77
CA GLN B 48 3.09 -14.76 -1.69
C GLN B 48 2.12 -15.40 -2.68
N HIS B 49 0.95 -14.76 -2.85
CA HIS B 49 -0.04 -15.20 -3.81
C HIS B 49 -0.65 -13.96 -4.47
N GLN B 50 -1.58 -14.18 -5.38
CA GLN B 50 -2.19 -13.07 -6.11
C GLN B 50 -3.60 -13.47 -6.52
N MET B 51 -4.59 -12.99 -5.78
CA MET B 51 -6.00 -13.29 -6.00
C MET B 51 -6.79 -11.99 -6.02
N PRO B 52 -7.96 -11.99 -6.64
CA PRO B 52 -8.78 -10.78 -6.66
C PRO B 52 -9.31 -10.45 -5.27
N ARG B 53 -9.74 -9.20 -5.12
CA ARG B 53 -10.24 -8.69 -3.85
C ARG B 53 -11.77 -8.72 -3.83
N GLY B 54 -12.33 -9.05 -2.68
CA GLY B 54 -13.75 -9.11 -2.51
C GLY B 54 -14.31 -7.90 -1.78
N HIS B 55 -15.57 -7.61 -2.04
CA HIS B 55 -16.27 -6.47 -1.46
C HIS B 55 -17.61 -6.93 -0.90
N ILE B 56 -17.99 -6.37 0.25
CA ILE B 56 -19.21 -6.83 0.91
C ILE B 56 -20.44 -6.49 0.04
N ARG B 57 -21.55 -7.13 0.38
CA ARG B 57 -22.81 -6.89 -0.31
C ARG B 57 -23.45 -5.62 0.22
N ARG B 58 -23.93 -4.78 -0.69
CA ARG B 58 -24.52 -3.50 -0.32
C ARG B 58 -25.91 -3.38 -0.92
N GLY B 59 -26.75 -2.58 -0.27
CA GLY B 59 -28.11 -2.42 -0.70
C GLY B 59 -28.24 -1.58 -1.95
N LEU B 60 -29.39 -1.71 -2.60
CA LEU B 60 -29.72 -0.91 -3.77
C LEU B 60 -30.52 0.33 -3.43
N LEU B 61 -30.94 0.47 -2.17
CA LEU B 61 -31.73 1.60 -1.70
C LEU B 61 -31.81 1.51 -0.18
N PRO B 62 -32.14 2.61 0.50
CA PRO B 62 -32.10 2.60 1.96
C PRO B 62 -32.99 1.52 2.57
N ASN B 63 -32.52 0.99 3.70
CA ASN B 63 -33.25 -0.03 4.47
C ASN B 63 -33.44 -1.31 3.67
N HIS B 64 -32.39 -1.73 2.97
CA HIS B 64 -32.37 -2.99 2.23
C HIS B 64 -31.50 -4.03 2.92
N ILE B 65 -30.28 -3.66 3.32
CA ILE B 65 -29.36 -4.57 4.00
C ILE B 65 -28.74 -3.84 5.18
N TRP B 66 -28.69 -4.52 6.33
CA TRP B 66 -28.08 -3.99 7.54
C TRP B 66 -27.00 -4.94 8.02
N GLN B 67 -26.01 -4.40 8.73
CA GLN B 67 -25.00 -5.21 9.40
C GLN B 67 -25.02 -4.90 10.89
N GLY B 68 -24.95 -5.95 11.71
CA GLY B 68 -25.03 -5.76 13.14
C GLY B 68 -23.87 -6.36 13.90
N ASP B 69 -23.61 -5.88 15.11
CA ASP B 69 -22.42 -6.29 15.85
C ASP B 69 -22.57 -5.87 17.29
N ILE B 70 -21.64 -6.37 18.13
CA ILE B 70 -21.53 -5.93 19.51
C ILE B 70 -20.07 -5.59 19.77
N THR B 71 -19.86 -4.74 20.78
CA THR B 71 -18.53 -4.24 21.10
C THR B 71 -18.44 -4.02 22.60
N HIS B 72 -17.25 -4.16 23.14
CA HIS B 72 -17.02 -3.87 24.55
C HIS B 72 -16.59 -2.42 24.72
N PHE B 73 -16.89 -1.88 25.90
CA PHE B 73 -16.44 -0.54 26.24
C PHE B 73 -16.17 -0.48 27.74
N LYS B 74 -14.94 -0.17 28.11
CA LYS B 74 -14.52 -0.14 29.51
C LYS B 74 -14.68 1.27 30.04
N TYR B 75 -15.67 1.47 30.91
CA TYR B 75 -15.97 2.78 31.48
C TYR B 75 -16.24 2.64 32.96
N LYS B 76 -15.43 3.33 33.78
CA LYS B 76 -15.66 3.42 35.22
C LYS B 76 -15.80 2.03 35.85
N ASN B 77 -14.84 1.16 35.52
CA ASN B 77 -14.74 -0.21 36.04
C ASN B 77 -15.89 -1.10 35.59
N THR B 78 -16.74 -0.63 34.67
CA THR B 78 -17.83 -1.41 34.14
C THR B 78 -17.58 -1.70 32.66
N LEU B 79 -18.04 -2.87 32.21
CA LEU B 79 -17.80 -3.33 30.85
C LEU B 79 -19.11 -3.30 30.09
N TYR B 80 -19.43 -2.15 29.50
CA TYR B 80 -20.67 -2.02 28.74
C TYR B 80 -20.57 -2.78 27.43
N ARG B 81 -21.71 -3.28 26.96
CA ARG B 81 -21.82 -3.92 25.65
C ARG B 81 -22.62 -3.01 24.74
N LEU B 82 -21.96 -2.44 23.74
CA LEU B 82 -22.61 -1.60 22.75
C LEU B 82 -23.10 -2.48 21.60
N HIS B 83 -24.41 -2.53 21.39
CA HIS B 83 -24.99 -3.19 20.24
C HIS B 83 -25.19 -2.16 19.14
N VAL B 84 -24.65 -2.45 17.96
CA VAL B 84 -24.57 -1.50 16.86
C VAL B 84 -25.22 -2.13 15.62
N TRP B 85 -26.02 -1.33 14.91
CA TRP B 85 -26.64 -1.75 13.67
C TRP B 85 -26.44 -0.63 12.65
N VAL B 86 -25.86 -0.95 11.50
CA VAL B 86 -25.48 0.04 10.52
C VAL B 86 -26.09 -0.32 9.16
N ASP B 87 -26.66 0.68 8.49
CA ASP B 87 -27.21 0.49 7.15
C ASP B 87 -26.10 0.59 6.12
N THR B 88 -26.19 -0.23 5.08
CA THR B 88 -25.11 -0.31 4.11
C THR B 88 -25.24 0.69 2.97
N PHE B 89 -26.45 1.11 2.61
CA PHE B 89 -26.61 2.06 1.52
C PHE B 89 -26.13 3.45 1.94
N SER B 90 -26.73 4.01 2.98
CA SER B 90 -26.40 5.36 3.42
C SER B 90 -25.32 5.39 4.49
N GLY B 91 -25.26 4.38 5.36
CA GLY B 91 -24.31 4.37 6.44
C GLY B 91 -24.84 4.80 7.78
N SER B 92 -26.16 4.96 7.92
CA SER B 92 -26.74 5.42 9.17
C SER B 92 -26.55 4.39 10.26
N VAL B 93 -26.23 4.86 11.47
CA VAL B 93 -25.88 4.00 12.58
C VAL B 93 -26.94 4.11 13.67
N SER B 94 -27.15 3.01 14.39
CA SER B 94 -27.91 3.00 15.61
C SER B 94 -27.16 2.16 16.63
N ALA B 95 -27.24 2.55 17.90
CA ALA B 95 -26.44 1.88 18.90
C ALA B 95 -27.05 2.06 20.28
N THR B 96 -27.06 0.97 21.05
CA THR B 96 -27.59 1.00 22.41
C THR B 96 -26.62 0.29 23.34
N HIS B 97 -26.54 0.77 24.57
CA HIS B 97 -25.64 0.20 25.57
C HIS B 97 -26.42 -0.72 26.51
N LYS B 98 -25.92 -1.93 26.69
CA LYS B 98 -26.50 -2.91 27.60
C LYS B 98 -25.43 -3.39 28.58
N LYS B 99 -25.88 -4.14 29.58
CA LYS B 99 -25.01 -4.63 30.63
C LYS B 99 -24.31 -5.93 30.24
N ARG B 100 -25.02 -6.84 29.56
CA ARG B 100 -24.45 -8.13 29.19
C ARG B 100 -25.03 -8.55 27.86
N GLU B 101 -24.55 -9.68 27.35
CA GLU B 101 -24.95 -10.21 26.04
C GLU B 101 -25.89 -11.40 26.23
N THR B 102 -27.06 -11.30 25.61
CA THR B 102 -28.05 -12.38 25.62
C THR B 102 -28.96 -12.16 24.41
N SER B 103 -29.79 -13.15 24.11
CA SER B 103 -30.69 -13.02 22.97
C SER B 103 -31.75 -11.94 23.23
N SER B 104 -32.19 -11.78 24.47
CA SER B 104 -33.16 -10.74 24.79
C SER B 104 -32.58 -9.36 24.52
N GLU B 105 -31.31 -9.15 24.87
CA GLU B 105 -30.66 -7.88 24.59
C GLU B 105 -30.57 -7.63 23.08
N ALA B 106 -30.25 -8.68 22.32
CA ALA B 106 -30.20 -8.53 20.87
C ALA B 106 -31.55 -8.14 20.29
N ILE B 107 -32.61 -8.78 20.78
CA ILE B 107 -33.95 -8.46 20.27
C ILE B 107 -34.31 -7.02 20.60
N SER B 108 -34.06 -6.60 21.84
CA SER B 108 -34.40 -5.24 22.23
C SER B 108 -33.60 -4.22 21.42
N SER B 109 -32.32 -4.50 21.18
CA SER B 109 -31.50 -3.59 20.39
C SER B 109 -31.97 -3.51 18.95
N LEU B 110 -32.35 -4.65 18.36
CA LEU B 110 -32.87 -4.64 17.01
C LEU B 110 -34.17 -3.84 16.93
N LEU B 111 -35.03 -3.95 17.94
CA LEU B 111 -36.27 -3.18 17.91
C LEU B 111 -36.01 -1.69 18.11
N HIS B 112 -35.05 -1.34 18.95
CA HIS B 112 -34.60 0.06 19.02
C HIS B 112 -34.19 0.56 17.65
N ALA B 113 -33.38 -0.23 16.94
CA ALA B 113 -32.90 0.17 15.63
C ALA B 113 -34.04 0.33 14.65
N ILE B 114 -35.02 -0.58 14.68
CA ILE B 114 -36.16 -0.49 13.78
C ILE B 114 -36.98 0.75 14.07
N ALA B 115 -37.17 1.08 15.35
CA ALA B 115 -37.90 2.28 15.71
C ALA B 115 -37.17 3.53 15.26
N HIS B 116 -35.83 3.51 15.25
CA HIS B 116 -35.07 4.68 14.87
C HIS B 116 -34.94 4.86 13.36
N LEU B 117 -34.74 3.79 12.62
CA LEU B 117 -34.44 3.86 11.19
C LEU B 117 -35.57 3.39 10.29
N GLY B 118 -36.26 2.31 10.65
CA GLY B 118 -37.25 1.68 9.81
C GLY B 118 -37.03 0.18 9.78
N ARG B 119 -37.79 -0.49 8.93
CA ARG B 119 -37.67 -1.95 8.90
C ARG B 119 -36.76 -2.39 7.77
N PRO B 120 -35.77 -3.22 8.04
CA PRO B 120 -34.91 -3.74 6.97
C PRO B 120 -35.41 -5.03 6.36
N SER B 121 -35.04 -5.24 5.10
CA SER B 121 -35.36 -6.50 4.43
C SER B 121 -34.47 -7.63 4.93
N HIS B 122 -33.15 -7.47 4.77
CA HIS B 122 -32.17 -8.47 5.18
C HIS B 122 -31.22 -7.90 6.22
N ILE B 123 -30.86 -8.73 7.20
CA ILE B 123 -29.77 -8.44 8.13
C ILE B 123 -28.80 -9.61 8.12
N ASN B 124 -27.51 -9.31 8.08
CA ASN B 124 -26.48 -10.34 8.12
C ASN B 124 -25.47 -10.00 9.19
N THR B 125 -25.29 -10.91 10.15
CA THR B 125 -24.35 -10.75 11.25
C THR B 125 -23.45 -11.98 11.29
N ASP B 126 -22.48 -11.97 12.21
CA ASP B 126 -21.58 -13.10 12.35
C ASP B 126 -22.30 -14.27 13.02
N ASN B 127 -21.55 -15.36 13.22
CA ASN B 127 -22.10 -16.57 13.83
C ASN B 127 -21.85 -16.58 15.34
N GLY B 128 -22.43 -15.61 16.03
CA GLY B 128 -22.26 -15.51 17.46
C GLY B 128 -23.18 -16.46 18.20
N PRO B 129 -23.04 -16.47 19.52
CA PRO B 129 -23.90 -17.31 20.36
C PRO B 129 -25.21 -16.66 20.77
N ALA B 130 -25.40 -15.38 20.45
CA ALA B 130 -26.64 -14.68 20.73
C ALA B 130 -27.34 -14.21 19.47
N TYR B 131 -26.74 -14.40 18.29
CA TYR B 131 -27.37 -14.05 17.03
C TYR B 131 -27.92 -15.25 16.28
N ALA B 132 -27.59 -16.47 16.71
CA ALA B 132 -28.08 -17.68 16.08
C ALA B 132 -29.11 -18.41 16.93
N SER B 133 -29.51 -17.83 18.06
CA SER B 133 -30.40 -18.48 18.99
C SER B 133 -31.83 -18.57 18.42
N GLN B 134 -32.62 -19.46 19.03
CA GLN B 134 -33.99 -19.65 18.61
C GLN B 134 -34.87 -18.44 18.92
N GLU B 135 -34.62 -17.76 20.04
CA GLU B 135 -35.37 -16.55 20.34
C GLU B 135 -35.15 -15.49 19.26
N PHE B 136 -33.89 -15.28 18.86
CA PHE B 136 -33.60 -14.29 17.84
C PHE B 136 -34.19 -14.69 16.49
N GLN B 137 -34.13 -15.99 16.15
CA GLN B 137 -34.71 -16.45 14.90
C GLN B 137 -36.22 -16.21 14.88
N HIS B 138 -36.89 -16.54 15.99
CA HIS B 138 -38.33 -16.31 16.07
C HIS B 138 -38.66 -14.83 15.98
N ALA B 139 -37.85 -13.98 16.62
CA ALA B 139 -38.07 -12.54 16.53
C ALA B 139 -37.91 -12.04 15.09
N CYS B 140 -36.89 -12.52 14.39
CA CYS B 140 -36.68 -12.09 13.01
C CYS B 140 -37.83 -12.55 12.13
N THR B 141 -38.30 -13.79 12.30
CA THR B 141 -39.41 -14.27 11.51
C THR B 141 -40.73 -13.58 11.85
N SER B 142 -40.85 -13.01 13.04
CA SER B 142 -42.05 -12.27 13.40
C SER B 142 -42.15 -10.95 12.64
N LEU B 143 -41.06 -10.48 12.05
CA LEU B 143 -41.04 -9.21 11.33
C LEU B 143 -40.77 -9.37 9.84
N ALA B 144 -40.66 -10.60 9.35
CA ALA B 144 -40.32 -10.87 7.95
C ALA B 144 -38.97 -10.25 7.60
N ILE B 145 -37.95 -10.66 8.35
CA ILE B 145 -36.58 -10.18 8.18
C ILE B 145 -35.69 -11.39 7.97
N ARG B 146 -35.03 -11.46 6.83
CA ARG B 146 -34.12 -12.56 6.54
C ARG B 146 -32.80 -12.37 7.30
N HIS B 147 -32.28 -13.48 7.84
CA HIS B 147 -31.06 -13.46 8.63
C HIS B 147 -30.08 -14.47 8.07
N THR B 148 -29.01 -13.97 7.45
CA THR B 148 -27.90 -14.79 7.00
C THR B 148 -26.69 -14.55 7.90
N THR B 149 -25.65 -15.35 7.69
CA THR B 149 -24.43 -15.25 8.49
C THR B 149 -23.23 -15.21 7.56
N HIS B 150 -22.04 -15.09 8.15
CA HIS B 150 -20.79 -15.02 7.42
C HIS B 150 -20.00 -16.31 7.62
N ILE B 151 -18.82 -16.34 7.03
CA ILE B 151 -17.89 -17.46 7.26
C ILE B 151 -17.34 -17.36 8.68
N PRO B 152 -17.41 -18.41 9.47
CA PRO B 152 -16.79 -18.33 10.80
C PRO B 152 -15.28 -18.02 10.74
N TYR B 153 -14.81 -17.21 11.68
CA TYR B 153 -13.43 -16.76 11.78
C TYR B 153 -12.93 -15.89 10.64
N ASN B 154 -13.80 -15.16 9.96
CA ASN B 154 -13.39 -14.17 8.95
C ASN B 154 -13.88 -12.80 9.38
N PRO B 155 -13.13 -12.08 10.21
CA PRO B 155 -13.64 -10.80 10.75
C PRO B 155 -13.68 -9.66 9.75
N THR B 156 -13.24 -9.87 8.52
CA THR B 156 -13.26 -8.81 7.52
C THR B 156 -14.47 -8.86 6.62
N SER B 157 -15.38 -9.81 6.86
CA SER B 157 -16.65 -9.85 6.12
C SER B 157 -17.68 -8.92 6.71
N SER B 158 -17.40 -8.33 7.87
CA SER B 158 -18.24 -7.31 8.47
C SER B 158 -17.44 -6.03 8.60
N GLY B 159 -16.75 -5.65 7.52
CA GLY B 159 -15.85 -4.51 7.59
C GLY B 159 -16.55 -3.22 7.94
N LEU B 160 -17.75 -3.00 7.40
CA LEU B 160 -18.45 -1.74 7.63
C LEU B 160 -18.80 -1.56 9.10
N VAL B 161 -19.36 -2.59 9.73
CA VAL B 161 -19.79 -2.44 11.11
C VAL B 161 -18.60 -2.40 12.06
N GLU B 162 -17.49 -3.04 11.71
CA GLU B 162 -16.30 -2.95 12.55
C GLU B 162 -15.66 -1.57 12.44
N ARG B 163 -15.57 -1.03 11.23
CA ARG B 163 -15.10 0.34 11.07
C ARG B 163 -16.01 1.31 11.83
N THR B 164 -17.31 1.04 11.85
CA THR B 164 -18.23 1.89 12.58
C THR B 164 -18.03 1.78 14.08
N ASN B 165 -17.75 0.57 14.59
CA ASN B 165 -17.39 0.43 15.99
C ASN B 165 -16.17 1.28 16.32
N GLY B 166 -15.17 1.24 15.44
CA GLY B 166 -13.99 2.06 15.67
C GLY B 166 -14.29 3.54 15.73
N ILE B 167 -15.08 4.03 14.77
CA ILE B 167 -15.45 5.45 14.76
C ILE B 167 -16.21 5.83 16.02
N LEU B 168 -17.17 4.98 16.42
CA LEU B 168 -17.99 5.29 17.58
C LEU B 168 -17.16 5.35 18.84
N LYS B 169 -16.26 4.38 19.03
CA LYS B 169 -15.42 4.41 20.21
C LYS B 169 -14.46 5.59 20.19
N THR B 170 -13.94 5.97 19.03
CA THR B 170 -13.07 7.14 18.96
C THR B 170 -13.81 8.40 19.40
N LEU B 171 -15.04 8.58 18.92
CA LEU B 171 -15.83 9.73 19.35
C LEU B 171 -16.10 9.70 20.85
N LEU B 172 -16.41 8.51 21.39
CA LEU B 172 -16.65 8.41 22.82
C LEU B 172 -15.42 8.77 23.62
N TYR B 173 -14.23 8.36 23.17
CA TYR B 173 -13.01 8.71 23.88
C TYR B 173 -12.74 10.21 23.81
N LYS B 174 -12.99 10.82 22.65
CA LYS B 174 -12.85 12.27 22.56
C LYS B 174 -13.77 12.98 23.55
N TYR B 175 -14.99 12.45 23.73
CA TYR B 175 -15.92 13.06 24.67
C TYR B 175 -15.44 12.89 26.11
N PHE B 176 -15.08 11.67 26.49
CA PHE B 176 -14.67 11.41 27.86
C PHE B 176 -13.33 12.05 28.21
N SER B 177 -12.54 12.49 27.23
CA SER B 177 -11.34 13.23 27.54
C SER B 177 -11.64 14.55 28.25
N ASP B 178 -12.76 15.19 27.92
CA ASP B 178 -13.09 16.50 28.47
C ASP B 178 -13.82 16.42 29.81
N ASN B 179 -14.81 15.54 29.92
CA ASN B 179 -15.66 15.43 31.10
C ASN B 179 -15.63 14.00 31.58
N PRO B 180 -14.65 13.63 32.41
CA PRO B 180 -14.55 12.24 32.88
C PRO B 180 -15.69 11.81 33.78
N ASN B 181 -16.64 12.71 34.05
CA ASN B 181 -17.82 12.38 34.84
C ASN B 181 -19.09 12.35 34.01
N LEU B 182 -19.00 12.54 32.70
CA LEU B 182 -20.17 12.52 31.84
C LEU B 182 -20.83 11.14 31.87
N PRO B 183 -22.14 11.07 31.95
CA PRO B 183 -22.82 9.77 31.93
C PRO B 183 -22.71 9.09 30.56
N MET B 184 -23.09 7.81 30.54
CA MET B 184 -22.87 7.00 29.35
C MET B 184 -23.93 7.24 28.28
N ASP B 185 -25.19 7.32 28.68
CA ASP B 185 -26.26 7.49 27.69
C ASP B 185 -26.17 8.85 27.02
N ASN B 186 -25.81 9.89 27.78
CA ASN B 186 -25.62 11.20 27.19
C ASN B 186 -24.52 11.19 26.14
N ALA B 187 -23.40 10.54 26.45
CA ALA B 187 -22.30 10.46 25.50
C ALA B 187 -22.69 9.69 24.25
N LEU B 188 -23.38 8.56 24.42
CA LEU B 188 -23.79 7.79 23.25
C LEU B 188 -24.77 8.58 22.39
N SER B 189 -25.70 9.31 23.01
CA SER B 189 -26.65 10.10 22.26
C SER B 189 -25.97 11.23 21.50
N VAL B 190 -25.03 11.92 22.13
CA VAL B 190 -24.33 12.99 21.44
C VAL B 190 -23.50 12.42 20.28
N ALA B 191 -22.88 11.26 20.48
CA ALA B 191 -22.12 10.65 19.41
C ALA B 191 -23.02 10.27 18.23
N LEU B 192 -24.19 9.70 18.52
CA LEU B 192 -25.11 9.34 17.45
C LEU B 192 -25.59 10.56 16.69
N TRP B 193 -25.93 11.63 17.41
CA TRP B 193 -26.35 12.85 16.74
C TRP B 193 -25.23 13.38 15.85
N THR B 194 -24.00 13.43 16.37
CA THR B 194 -22.88 13.94 15.59
C THR B 194 -22.69 13.13 14.32
N ILE B 195 -22.66 11.80 14.44
CA ILE B 195 -22.35 10.95 13.30
C ILE B 195 -23.44 11.04 12.24
N ASN B 196 -24.70 10.94 12.65
CA ASN B 196 -25.78 10.86 11.67
C ASN B 196 -26.10 12.21 11.05
N HIS B 197 -26.04 13.30 11.83
CA HIS B 197 -26.53 14.58 11.34
C HIS B 197 -25.45 15.59 11.01
N LEU B 198 -24.35 15.63 11.77
CA LEU B 198 -23.39 16.70 11.60
C LEU B 198 -22.24 16.36 10.67
N ASN B 199 -21.72 15.14 10.72
CA ASN B 199 -20.55 14.79 9.93
C ASN B 199 -20.93 14.51 8.48
N VAL B 200 -19.97 14.73 7.59
CA VAL B 200 -20.16 14.57 6.15
C VAL B 200 -19.29 13.43 5.66
N LEU B 201 -19.86 12.59 4.80
CA LEU B 201 -19.11 11.47 4.24
C LEU B 201 -17.98 11.97 3.33
N THR B 202 -16.93 11.16 3.24
CA THR B 202 -15.68 11.64 2.66
C THR B 202 -15.79 11.80 1.14
N HIS B 203 -16.36 10.82 0.46
CA HIS B 203 -16.28 10.79 -1.00
C HIS B 203 -17.51 11.35 -1.71
N CYS B 204 -18.71 11.18 -1.15
CA CYS B 204 -19.91 11.71 -1.79
C CYS B 204 -20.28 13.09 -1.28
N GLN B 205 -19.77 13.51 -0.13
CA GLN B 205 -19.98 14.84 0.43
C GLN B 205 -21.46 15.11 0.71
N LYS B 206 -22.10 14.17 1.40
CA LYS B 206 -23.42 14.35 1.95
C LYS B 206 -23.47 13.62 3.29
N THR B 207 -24.32 14.10 4.20
CA THR B 207 -24.43 13.43 5.48
C THR B 207 -25.17 12.11 5.31
N ARG B 208 -25.07 11.25 6.33
CA ARG B 208 -25.78 9.97 6.29
C ARG B 208 -27.28 10.18 6.29
N TRP B 209 -27.76 11.21 6.97
CA TRP B 209 -29.19 11.46 7.04
C TRP B 209 -29.74 11.90 5.69
N GLN B 210 -29.02 12.78 5.00
CA GLN B 210 -29.47 13.25 3.69
C GLN B 210 -29.58 12.10 2.69
N LEU B 211 -28.70 11.11 2.80
CA LEU B 211 -28.82 9.93 1.94
C LEU B 211 -29.97 9.04 2.37
N HIS B 212 -30.15 8.87 3.69
CA HIS B 212 -31.20 7.99 4.17
C HIS B 212 -32.58 8.52 3.81
N HIS B 213 -32.76 9.82 3.79
CA HIS B 213 -34.06 10.42 3.49
C HIS B 213 -34.04 11.18 2.15
N SER B 214 -33.32 10.63 1.18
CA SER B 214 -33.32 11.18 -0.16
C SER B 214 -34.56 10.70 -0.92
N PRO B 215 -34.93 11.38 -2.00
CA PRO B 215 -36.05 10.90 -2.82
C PRO B 215 -35.77 9.51 -3.37
N ARG B 216 -36.58 8.54 -2.93
CA ARG B 216 -36.44 7.16 -3.36
C ARG B 216 -36.82 6.96 -4.82
N LEU B 217 -37.14 8.02 -5.55
CA LEU B 217 -37.62 7.89 -6.93
C LEU B 217 -36.73 7.04 -7.82
N PRO B 218 -35.40 7.13 -7.78
CA PRO B 218 -34.58 6.19 -8.55
C PRO B 218 -34.88 4.76 -8.14
N PRO B 219 -35.26 3.91 -9.10
CA PRO B 219 -35.60 2.53 -8.76
C PRO B 219 -34.39 1.62 -8.67
N ILE B 220 -34.64 0.35 -8.41
CA ILE B 220 -33.57 -0.64 -8.26
C ILE B 220 -33.08 -1.07 -9.64
N PRO B 221 -31.78 -1.02 -9.91
CA PRO B 221 -31.27 -1.66 -11.13
C PRO B 221 -31.42 -3.17 -11.04
N GLU B 222 -31.74 -3.78 -12.18
CA GLU B 222 -31.86 -5.23 -12.24
C GLU B 222 -30.51 -5.90 -12.03
N ALA B 223 -30.55 -7.09 -11.45
CA ALA B 223 -29.36 -7.86 -11.13
C ALA B 223 -29.33 -9.15 -11.95
N LYS B 224 -28.25 -9.92 -11.77
CA LYS B 224 -28.06 -11.18 -12.48
C LYS B 224 -27.39 -12.21 -11.56
N PRO B 225 -28.03 -13.34 -11.31
CA PRO B 225 -27.39 -14.39 -10.50
C PRO B 225 -26.44 -15.30 -11.26
N VAL B 226 -26.08 -14.95 -12.50
CA VAL B 226 -25.18 -15.77 -13.29
C VAL B 226 -23.77 -15.70 -12.70
N THR B 227 -23.20 -16.87 -12.44
CA THR B 227 -21.84 -16.99 -11.91
C THR B 227 -20.93 -17.61 -12.97
N THR B 228 -19.66 -17.75 -12.63
CA THR B 228 -18.70 -18.37 -13.53
C THR B 228 -18.91 -19.88 -13.56
N SER B 229 -18.79 -20.45 -14.76
CA SER B 229 -19.17 -21.84 -15.01
C SER B 229 -18.02 -22.82 -14.94
N LYS B 230 -16.81 -22.37 -14.63
CA LYS B 230 -15.65 -23.26 -14.59
C LYS B 230 -15.00 -23.21 -13.21
N THR B 231 -14.24 -24.25 -12.91
CA THR B 231 -13.54 -24.38 -11.64
C THR B 231 -12.07 -24.62 -11.88
N HIS B 232 -11.27 -24.44 -10.83
CA HIS B 232 -9.83 -24.60 -10.93
C HIS B 232 -9.33 -25.34 -9.69
N TRP B 233 -8.02 -25.37 -9.53
CA TRP B 233 -7.37 -26.01 -8.40
C TRP B 233 -6.75 -24.95 -7.50
N TYR B 234 -6.83 -25.17 -6.19
CA TYR B 234 -6.46 -24.14 -5.23
C TYR B 234 -5.69 -24.72 -4.06
N TYR B 235 -4.54 -24.12 -3.75
CA TYR B 235 -3.99 -24.25 -2.41
C TYR B 235 -4.80 -23.39 -1.46
N PHE B 236 -4.99 -23.87 -0.22
CA PHE B 236 -5.90 -23.19 0.68
C PHE B 236 -5.35 -23.18 2.09
N LYS B 237 -5.92 -22.31 2.91
CA LYS B 237 -5.71 -22.29 4.35
C LYS B 237 -7.05 -22.22 5.05
N ILE B 238 -7.19 -22.95 6.15
CA ILE B 238 -8.44 -22.98 6.91
C ILE B 238 -8.53 -21.66 7.68
N PRO B 239 -9.61 -20.90 7.52
CA PRO B 239 -9.62 -19.51 8.02
C PRO B 239 -9.39 -19.38 9.51
N GLY B 240 -9.75 -20.39 10.31
CA GLY B 240 -9.60 -20.24 11.75
C GLY B 240 -8.15 -20.22 12.20
N LEU B 241 -7.37 -21.19 11.74
CA LEU B 241 -5.99 -21.35 12.16
C LEU B 241 -5.05 -20.99 11.03
N ASN B 242 -4.05 -20.16 11.34
CA ASN B 242 -3.05 -19.76 10.36
C ASN B 242 -1.83 -20.66 10.46
N SER B 243 -1.21 -20.91 9.33
CA SER B 243 -0.07 -21.81 9.28
C SER B 243 0.97 -21.27 8.33
N ARG B 244 2.14 -21.91 8.33
CA ARG B 244 3.23 -21.46 7.49
C ARG B 244 2.98 -21.80 6.01
N GLN B 245 2.59 -23.03 5.74
CA GLN B 245 2.50 -23.53 4.37
C GLN B 245 1.05 -23.77 3.97
N TRP B 246 0.81 -23.68 2.67
CA TRP B 246 -0.51 -23.94 2.11
C TRP B 246 -0.85 -25.43 2.22
N LYS B 247 -2.11 -25.74 1.89
CA LYS B 247 -2.60 -27.11 1.84
C LYS B 247 -3.17 -27.38 0.46
N GLY B 248 -3.07 -28.63 0.01
CA GLY B 248 -3.69 -29.02 -1.23
C GLY B 248 -2.71 -29.55 -2.26
N PRO B 249 -3.01 -29.35 -3.54
CA PRO B 249 -4.20 -28.66 -4.03
C PRO B 249 -5.45 -29.53 -4.06
N GLN B 250 -6.60 -28.89 -4.25
CA GLN B 250 -7.88 -29.57 -4.40
C GLN B 250 -8.65 -28.86 -5.51
N ARG B 251 -9.84 -29.37 -5.82
CA ARG B 251 -10.70 -28.78 -6.82
C ARG B 251 -11.94 -28.20 -6.17
N ALA B 252 -12.38 -27.05 -6.67
CA ALA B 252 -13.54 -26.38 -6.11
C ALA B 252 -14.83 -27.00 -6.62
N LEU B 253 -15.80 -27.17 -5.72
CA LEU B 253 -17.11 -27.66 -6.11
C LEU B 253 -17.90 -26.57 -6.83
N GLN B 254 -17.95 -25.38 -6.24
CA GLN B 254 -18.46 -24.19 -6.92
C GLN B 254 -17.78 -22.97 -6.31
N GLU B 255 -17.98 -21.82 -6.94
CA GLU B 255 -17.29 -20.61 -6.50
C GLU B 255 -18.09 -19.40 -6.93
N ALA B 256 -18.50 -18.59 -5.96
CA ALA B 256 -19.17 -17.33 -6.21
C ALA B 256 -18.22 -16.18 -5.95
N ALA B 257 -18.63 -14.99 -6.39
CA ALA B 257 -17.78 -13.81 -6.26
C ALA B 257 -17.41 -13.57 -4.80
N GLY B 258 -16.13 -13.75 -4.48
CA GLY B 258 -15.62 -13.48 -3.14
C GLY B 258 -15.22 -14.70 -2.35
N ALA B 259 -15.49 -15.91 -2.83
CA ALA B 259 -15.16 -17.11 -2.07
C ALA B 259 -15.16 -18.30 -3.01
N ALA B 260 -14.93 -19.48 -2.44
CA ALA B 260 -14.93 -20.73 -3.18
C ALA B 260 -15.22 -21.87 -2.22
N LEU B 261 -15.76 -22.95 -2.78
CA LEU B 261 -16.12 -24.13 -2.00
C LEU B 261 -15.02 -25.18 -2.16
N ILE B 262 -14.27 -25.40 -1.09
CA ILE B 262 -13.11 -26.28 -1.10
C ILE B 262 -13.36 -27.41 -0.12
N PRO B 263 -13.14 -28.66 -0.49
CA PRO B 263 -13.21 -29.74 0.50
C PRO B 263 -12.02 -29.77 1.43
N VAL B 264 -12.20 -29.23 2.65
CA VAL B 264 -11.11 -29.22 3.62
C VAL B 264 -10.69 -30.63 3.97
N SER B 265 -11.66 -31.50 4.22
CA SER B 265 -11.43 -32.91 4.46
C SER B 265 -12.14 -33.72 3.38
N ASP B 266 -12.12 -35.04 3.54
CA ASP B 266 -12.81 -35.90 2.58
C ASP B 266 -14.30 -36.02 2.89
N THR B 267 -14.70 -35.81 4.14
CA THR B 267 -16.08 -35.98 4.55
C THR B 267 -16.90 -34.70 4.40
N ALA B 268 -16.29 -33.52 4.59
CA ALA B 268 -17.03 -32.28 4.57
C ALA B 268 -16.26 -31.22 3.81
N ALA B 269 -16.99 -30.29 3.22
CA ALA B 269 -16.43 -29.16 2.49
C ALA B 269 -16.52 -27.90 3.34
N GLN B 270 -16.10 -26.79 2.76
CA GLN B 270 -16.05 -25.52 3.50
C GLN B 270 -15.94 -24.38 2.51
N TRP B 271 -16.31 -23.19 2.97
CA TRP B 271 -16.20 -21.99 2.17
C TRP B 271 -14.96 -21.20 2.58
N ILE B 272 -14.12 -20.88 1.62
CA ILE B 272 -12.86 -20.18 1.85
C ILE B 272 -12.87 -18.91 1.01
N PRO B 273 -12.52 -17.76 1.58
CA PRO B 273 -12.51 -16.51 0.80
C PRO B 273 -11.32 -16.46 -0.16
N TRP B 274 -11.39 -15.47 -1.05
CA TRP B 274 -10.34 -15.28 -2.06
C TRP B 274 -9.08 -14.68 -1.47
N LYS B 275 -8.87 -14.86 -0.17
CA LYS B 275 -7.67 -14.37 0.50
C LYS B 275 -6.87 -15.49 1.12
N LEU B 276 -7.42 -16.69 1.21
CA LEU B 276 -6.70 -17.86 1.69
C LEU B 276 -6.68 -18.93 0.61
N LEU B 277 -6.64 -18.50 -0.65
CA LEU B 277 -6.57 -19.38 -1.80
C LEU B 277 -5.43 -18.93 -2.70
N LYS B 278 -4.77 -19.89 -3.33
CA LYS B 278 -3.66 -19.63 -4.23
C LYS B 278 -3.82 -20.54 -5.44
N ARG B 279 -3.64 -19.98 -6.64
CA ARG B 279 -3.84 -20.76 -7.85
C ARG B 279 -2.85 -21.90 -7.93
N ALA B 280 -3.31 -23.03 -8.46
CA ALA B 280 -2.47 -24.20 -8.69
C ALA B 280 -2.50 -24.56 -10.17
N VAL B 281 -1.65 -25.51 -10.54
CA VAL B 281 -1.55 -25.95 -11.92
C VAL B 281 -2.42 -27.19 -12.10
N CYS B 282 -3.01 -27.31 -13.28
CA CYS B 282 -3.87 -28.46 -13.57
C CYS B 282 -3.01 -29.70 -13.77
N PRO B 283 -3.18 -30.75 -12.97
CA PRO B 283 -2.30 -31.93 -13.08
C PRO B 283 -2.49 -32.72 -14.36
N ARG B 284 -3.54 -32.46 -15.14
CA ARG B 284 -3.78 -33.22 -16.36
C ARG B 284 -3.63 -32.35 -17.60
N LEU C 344 -46.05 -5.90 -26.44
CA LEU C 344 -45.02 -5.61 -27.42
C LEU C 344 -43.69 -6.25 -27.04
N LEU C 345 -42.80 -5.46 -26.48
CA LEU C 345 -41.45 -5.90 -26.13
C LEU C 345 -40.94 -5.06 -24.97
N HIS C 346 -39.87 -5.55 -24.34
CA HIS C 346 -39.12 -4.72 -23.42
C HIS C 346 -38.31 -3.69 -24.20
N ILE C 347 -38.22 -2.49 -23.64
CA ILE C 347 -37.58 -1.39 -24.35
C ILE C 347 -36.07 -1.55 -24.44
N ARG C 348 -35.46 -2.32 -23.52
CA ARG C 348 -34.01 -2.43 -23.46
C ARG C 348 -33.47 -3.59 -24.30
N ASP C 349 -34.27 -4.61 -24.57
CA ASP C 349 -33.79 -5.82 -25.23
C ASP C 349 -33.73 -5.69 -26.76
N VAL C 350 -33.69 -4.49 -27.31
CA VAL C 350 -33.65 -4.29 -28.75
C VAL C 350 -32.31 -3.67 -29.13
N PRO C 351 -31.85 -3.86 -30.38
CA PRO C 351 -30.63 -3.19 -30.81
C PRO C 351 -30.80 -1.68 -30.72
N PRO C 352 -29.71 -0.94 -30.50
CA PRO C 352 -29.83 0.49 -30.23
C PRO C 352 -30.42 1.30 -31.37
N ALA C 353 -30.20 0.89 -32.62
CA ALA C 353 -30.55 1.71 -33.78
C ALA C 353 -32.02 2.12 -33.76
N ASP C 354 -32.91 1.15 -33.59
CA ASP C 354 -34.34 1.42 -33.53
C ASP C 354 -34.85 1.60 -32.11
N GLN C 355 -33.95 1.62 -31.13
CA GLN C 355 -34.38 1.57 -29.72
C GLN C 355 -35.34 2.70 -29.40
N GLU C 356 -34.95 3.94 -29.68
CA GLU C 356 -35.81 5.08 -29.39
C GLU C 356 -37.19 4.90 -30.02
N LYS C 357 -37.24 4.35 -31.23
CA LYS C 357 -38.52 4.12 -31.89
C LYS C 357 -39.48 3.37 -30.99
N LEU C 358 -39.00 2.28 -30.38
CA LEU C 358 -39.87 1.48 -29.52
C LEU C 358 -40.39 2.34 -28.36
N PHE C 359 -39.51 3.16 -27.78
CA PHE C 359 -39.95 4.06 -26.71
C PHE C 359 -41.18 4.85 -27.15
N ILE C 360 -41.12 5.41 -28.36
CA ILE C 360 -42.25 6.19 -28.88
C ILE C 360 -43.52 5.37 -28.79
N GLN C 361 -43.47 4.13 -29.31
CA GLN C 361 -44.67 3.29 -29.30
C GLN C 361 -45.18 3.09 -27.88
N LYS C 362 -44.25 2.88 -26.93
CA LYS C 362 -44.66 2.68 -25.55
C LYS C 362 -45.46 3.87 -25.05
N LEU C 363 -45.03 5.09 -25.38
CA LEU C 363 -45.79 6.26 -24.97
C LEU C 363 -47.19 6.23 -25.55
N ARG C 364 -47.32 5.86 -26.82
CA ARG C 364 -48.64 5.78 -27.42
C ARG C 364 -49.44 4.60 -26.90
N GLN C 365 -48.79 3.65 -26.23
CA GLN C 365 -49.50 2.58 -25.55
C GLN C 365 -50.02 3.01 -24.19
N CYS C 366 -49.68 4.23 -23.74
CA CYS C 366 -50.12 4.73 -22.45
C CYS C 366 -51.16 5.83 -22.56
N CYS C 367 -51.43 6.34 -23.77
CA CYS C 367 -52.43 7.37 -23.98
C CYS C 367 -53.85 6.82 -24.07
N VAL C 368 -54.01 5.50 -24.06
CA VAL C 368 -55.34 4.91 -24.03
C VAL C 368 -55.90 5.02 -22.62
N LEU C 369 -57.13 5.51 -22.51
CA LEU C 369 -57.72 5.80 -21.21
C LEU C 369 -58.44 4.60 -20.62
N PHE C 370 -58.36 4.47 -19.31
CA PHE C 370 -59.14 3.50 -18.55
C PHE C 370 -59.73 4.21 -17.34
N ASP C 371 -61.03 4.09 -17.15
CA ASP C 371 -61.75 4.85 -16.14
C ASP C 371 -62.04 3.95 -14.95
N PHE C 372 -61.51 4.31 -13.79
CA PHE C 372 -61.71 3.52 -12.58
C PHE C 372 -63.02 3.88 -11.87
N VAL C 373 -63.49 5.12 -12.03
CA VAL C 373 -64.70 5.53 -11.33
C VAL C 373 -65.95 5.02 -12.04
N SER C 374 -65.87 4.76 -13.34
CA SER C 374 -67.01 4.22 -14.07
C SER C 374 -67.44 2.88 -13.48
N ASP C 375 -66.48 2.01 -13.18
CA ASP C 375 -66.71 0.75 -12.49
C ASP C 375 -65.38 0.21 -11.99
N PRO C 376 -65.33 -0.35 -10.79
CA PRO C 376 -64.05 -0.75 -10.20
C PRO C 376 -63.37 -1.92 -10.90
N LEU C 377 -64.06 -2.65 -11.76
CA LEU C 377 -63.51 -3.82 -12.43
C LEU C 377 -63.83 -3.73 -13.91
N SER C 378 -62.85 -3.33 -14.71
CA SER C 378 -63.04 -3.21 -16.15
C SER C 378 -61.66 -3.14 -16.81
N ASP C 379 -61.45 -3.98 -17.83
CA ASP C 379 -60.20 -4.00 -18.59
C ASP C 379 -58.99 -4.12 -17.67
N LEU C 380 -59.02 -5.15 -16.82
CA LEU C 380 -57.94 -5.34 -15.87
C LEU C 380 -56.62 -5.68 -16.56
N LYS C 381 -56.68 -6.49 -17.62
CA LYS C 381 -55.46 -6.85 -18.34
C LYS C 381 -54.82 -5.62 -18.97
N TRP C 382 -55.61 -4.81 -19.66
CA TRP C 382 -55.07 -3.60 -20.28
C TRP C 382 -54.57 -2.60 -19.24
N LYS C 383 -55.27 -2.50 -18.10
CA LYS C 383 -54.80 -1.62 -17.03
C LYS C 383 -53.46 -2.08 -16.48
N GLU C 384 -53.31 -3.39 -16.26
CA GLU C 384 -52.03 -3.91 -15.79
C GLU C 384 -50.94 -3.70 -16.82
N VAL C 385 -51.27 -3.83 -18.11
CA VAL C 385 -50.29 -3.57 -19.16
C VAL C 385 -49.84 -2.11 -19.12
N LYS C 386 -50.79 -1.19 -18.96
CA LYS C 386 -50.44 0.23 -18.87
C LYS C 386 -49.55 0.49 -17.66
N ARG C 387 -49.89 -0.09 -16.51
CA ARG C 387 -49.09 0.12 -15.31
C ARG C 387 -47.67 -0.41 -15.49
N ALA C 388 -47.54 -1.62 -16.03
CA ALA C 388 -46.22 -2.19 -16.25
C ALA C 388 -45.41 -1.37 -17.23
N ALA C 389 -46.05 -0.88 -18.29
CA ALA C 389 -45.35 -0.06 -19.26
C ALA C 389 -44.84 1.23 -18.64
N LEU C 390 -45.69 1.90 -17.86
CA LEU C 390 -45.26 3.12 -17.18
C LEU C 390 -44.10 2.86 -16.23
N SER C 391 -44.19 1.77 -15.47
CA SER C 391 -43.12 1.44 -14.52
C SER C 391 -41.80 1.17 -15.24
N GLU C 392 -41.85 0.38 -16.31
CA GLU C 392 -40.61 0.07 -17.03
C GLU C 392 -40.04 1.30 -17.71
N MET C 393 -40.89 2.18 -18.23
CA MET C 393 -40.38 3.39 -18.87
C MET C 393 -39.73 4.32 -17.85
N VAL C 394 -40.35 4.48 -16.68
CA VAL C 394 -39.74 5.36 -15.68
C VAL C 394 -38.46 4.74 -15.13
N GLU C 395 -38.39 3.41 -15.08
CA GLU C 395 -37.14 2.75 -14.69
C GLU C 395 -36.05 2.99 -15.73
N TYR C 396 -36.40 2.89 -17.01
CA TYR C 396 -35.43 3.03 -18.09
C TYR C 396 -34.97 4.48 -18.29
N ILE C 397 -35.81 5.46 -17.95
CA ILE C 397 -35.44 6.85 -18.24
C ILE C 397 -34.40 7.42 -17.29
N THR C 398 -34.12 6.74 -16.18
CA THR C 398 -33.25 7.30 -15.15
C THR C 398 -31.97 6.50 -14.95
N HIS C 399 -31.56 5.71 -15.94
CA HIS C 399 -30.32 4.96 -15.86
C HIS C 399 -29.42 5.12 -17.08
N ASN C 400 -29.87 5.78 -18.14
CA ASN C 400 -29.12 5.91 -19.37
C ASN C 400 -29.10 7.36 -19.81
N ARG C 401 -27.97 7.79 -20.35
CA ARG C 401 -27.80 9.16 -20.81
C ARG C 401 -27.95 9.24 -22.32
N ASN C 402 -28.40 10.42 -22.78
CA ASN C 402 -28.60 10.70 -24.20
C ASN C 402 -29.63 9.76 -24.82
N VAL C 403 -30.71 9.52 -24.08
CA VAL C 403 -31.87 8.83 -24.64
C VAL C 403 -32.88 9.82 -25.21
N ILE C 404 -33.05 10.96 -24.54
CA ILE C 404 -33.96 11.99 -25.05
C ILE C 404 -33.43 12.54 -26.37
N THR C 405 -34.34 12.73 -27.32
CA THR C 405 -34.01 13.26 -28.64
C THR C 405 -35.06 14.30 -29.01
N GLU C 406 -34.82 14.99 -30.12
CA GLU C 406 -35.76 16.02 -30.58
C GLU C 406 -37.18 15.50 -30.80
N PRO C 407 -37.42 14.35 -31.47
CA PRO C 407 -38.80 13.92 -31.67
C PRO C 407 -39.39 13.21 -30.45
N ILE C 408 -38.96 13.58 -29.25
CA ILE C 408 -39.47 12.99 -28.04
C ILE C 408 -40.26 13.98 -27.18
N TYR C 409 -39.92 15.27 -27.22
CA TYR C 409 -40.56 16.25 -26.33
C TYR C 409 -42.06 16.36 -26.56
N PRO C 410 -42.56 16.71 -27.75
CA PRO C 410 -44.00 16.90 -27.91
C PRO C 410 -44.81 15.64 -27.63
N GLU C 411 -44.24 14.46 -27.86
CA GLU C 411 -44.97 13.23 -27.59
C GLU C 411 -45.20 13.05 -26.09
N VAL C 412 -44.17 13.29 -25.27
CA VAL C 412 -44.36 13.13 -23.83
C VAL C 412 -45.22 14.27 -23.28
N VAL C 413 -45.12 15.47 -23.86
CA VAL C 413 -46.01 16.55 -23.46
C VAL C 413 -47.46 16.18 -23.74
N HIS C 414 -47.71 15.62 -24.92
CA HIS C 414 -49.07 15.19 -25.26
C HIS C 414 -49.54 14.07 -24.35
N MET C 415 -48.65 13.14 -24.00
CA MET C 415 -49.03 12.06 -23.10
C MET C 415 -49.43 12.60 -21.73
N PHE C 416 -48.66 13.55 -21.21
CA PHE C 416 -49.01 14.17 -19.94
C PHE C 416 -50.33 14.94 -20.04
N ALA C 417 -50.53 15.66 -21.14
CA ALA C 417 -51.76 16.43 -21.33
C ALA C 417 -52.98 15.53 -21.48
N VAL C 418 -52.80 14.32 -22.01
CA VAL C 418 -53.92 13.39 -22.15
C VAL C 418 -54.23 12.69 -20.84
N ASN C 419 -53.19 12.25 -20.12
CA ASN C 419 -53.44 11.52 -18.87
C ASN C 419 -53.90 12.44 -17.75
N MET C 420 -53.38 13.67 -17.68
CA MET C 420 -53.59 14.53 -16.52
C MET C 420 -54.68 15.58 -16.76
N PHE C 421 -54.53 16.38 -17.81
CA PHE C 421 -55.47 17.48 -18.06
C PHE C 421 -56.86 16.92 -18.29
N ARG C 422 -57.77 17.22 -17.37
CA ARG C 422 -59.13 16.68 -17.42
C ARG C 422 -60.02 17.54 -16.54
N THR C 423 -61.33 17.33 -16.69
CA THR C 423 -62.28 18.01 -15.81
C THR C 423 -62.18 17.45 -14.40
N LEU C 424 -62.42 18.31 -13.43
CA LEU C 424 -62.24 17.80 -12.09
C LEU C 424 -63.52 17.11 -11.60
N PRO C 425 -63.38 16.13 -10.72
CA PRO C 425 -64.55 15.37 -10.25
C PRO C 425 -65.51 16.25 -9.49
N PRO C 426 -66.77 15.85 -9.37
CA PRO C 426 -67.75 16.66 -8.63
C PRO C 426 -67.35 16.81 -7.17
N SER C 427 -67.64 17.98 -6.63
CA SER C 427 -67.18 18.33 -5.28
C SER C 427 -68.11 17.73 -4.22
N SER C 428 -67.51 17.38 -3.08
CA SER C 428 -68.25 16.87 -1.94
C SER C 428 -67.74 17.37 -0.60
N ASN C 429 -66.84 18.36 -0.59
CA ASN C 429 -66.24 18.89 0.64
C ASN C 429 -65.54 17.80 1.45
N GLU C 441 -62.16 12.47 6.86
CA GLU C 441 -61.19 12.02 5.87
C GLU C 441 -61.61 12.47 4.47
N PRO C 442 -60.64 12.94 3.69
CA PRO C 442 -60.96 13.46 2.36
C PRO C 442 -61.16 12.38 1.33
N THR C 443 -61.85 12.74 0.25
CA THR C 443 -62.04 11.83 -0.87
C THR C 443 -60.74 11.65 -1.62
N LEU C 444 -60.57 10.46 -2.20
CA LEU C 444 -59.34 10.08 -2.87
C LEU C 444 -59.63 9.65 -4.30
N GLU C 445 -58.80 10.11 -5.24
CA GLU C 445 -58.95 9.73 -6.63
C GLU C 445 -58.80 8.23 -6.80
N ALA C 446 -59.75 7.63 -7.53
CA ALA C 446 -59.71 6.18 -7.75
C ALA C 446 -58.77 5.79 -8.87
N ALA C 447 -58.34 6.74 -9.71
CA ALA C 447 -57.39 6.48 -10.78
C ALA C 447 -55.96 6.81 -10.37
N TRP C 448 -55.62 6.65 -9.10
CA TRP C 448 -54.34 7.11 -8.57
C TRP C 448 -53.12 6.32 -9.02
N PRO C 449 -53.18 4.99 -9.22
CA PRO C 449 -51.95 4.27 -9.63
C PRO C 449 -51.32 4.82 -10.90
N HIS C 450 -52.09 4.82 -11.99
CA HIS C 450 -51.57 5.30 -13.26
C HIS C 450 -51.16 6.76 -13.19
N LEU C 451 -51.94 7.58 -12.49
CA LEU C 451 -51.61 9.00 -12.38
C LEU C 451 -50.31 9.21 -11.61
N GLN C 452 -50.10 8.45 -10.54
CA GLN C 452 -48.84 8.51 -9.81
C GLN C 452 -47.67 8.10 -10.71
N LEU C 453 -47.85 7.03 -11.49
CA LEU C 453 -46.79 6.63 -12.40
C LEU C 453 -46.48 7.73 -13.41
N VAL C 454 -47.51 8.38 -13.95
CA VAL C 454 -47.30 9.46 -14.91
C VAL C 454 -46.58 10.63 -14.26
N TYR C 455 -46.97 10.99 -13.03
CA TYR C 455 -46.33 12.08 -12.32
C TYR C 455 -44.85 11.79 -12.09
N GLU C 456 -44.53 10.58 -11.63
CA GLU C 456 -43.13 10.23 -11.41
C GLU C 456 -42.35 10.24 -12.71
N PHE C 457 -42.96 9.76 -13.79
CA PHE C 457 -42.31 9.79 -15.09
C PHE C 457 -41.97 11.23 -15.49
N PHE C 458 -42.95 12.13 -15.36
CA PHE C 458 -42.73 13.52 -15.77
C PHE C 458 -41.67 14.19 -14.91
N LEU C 459 -41.67 13.90 -13.60
CA LEU C 459 -40.67 14.48 -12.72
C LEU C 459 -39.28 13.99 -13.08
N ARG C 460 -39.11 12.67 -13.25
CA ARG C 460 -37.80 12.14 -13.62
C ARG C 460 -37.35 12.65 -14.98
N PHE C 461 -38.28 12.86 -15.92
CA PHE C 461 -37.92 13.37 -17.23
C PHE C 461 -37.46 14.82 -17.15
N LEU C 462 -38.23 15.67 -16.47
CA LEU C 462 -37.92 17.09 -16.41
C LEU C 462 -36.62 17.38 -15.67
N GLU C 463 -36.21 16.48 -14.77
CA GLU C 463 -35.01 16.69 -13.95
C GLU C 463 -33.82 15.90 -14.45
N SER C 464 -33.90 15.34 -15.65
CA SER C 464 -32.77 14.65 -16.23
C SER C 464 -31.65 15.64 -16.56
N PRO C 465 -30.39 15.22 -16.46
CA PRO C 465 -29.29 16.12 -16.83
C PRO C 465 -29.16 16.33 -18.32
N ASP C 466 -29.78 15.47 -19.14
CA ASP C 466 -29.75 15.66 -20.59
C ASP C 466 -30.90 16.51 -21.10
N PHE C 467 -31.91 16.78 -20.27
CA PHE C 467 -33.00 17.66 -20.64
C PHE C 467 -32.44 19.03 -21.01
N GLN C 468 -32.83 19.52 -22.17
CA GLN C 468 -32.35 20.82 -22.62
C GLN C 468 -33.39 21.89 -22.34
N PRO C 469 -33.03 22.97 -21.64
CA PRO C 469 -34.02 23.99 -21.27
C PRO C 469 -34.39 24.94 -22.40
N ASN C 470 -34.12 24.59 -23.66
CA ASN C 470 -34.43 25.46 -24.78
C ASN C 470 -35.28 24.77 -25.84
N ILE C 471 -35.71 23.53 -25.60
CA ILE C 471 -36.54 22.81 -26.56
C ILE C 471 -38.02 22.83 -26.17
N ALA C 472 -38.33 23.18 -24.93
CA ALA C 472 -39.71 23.29 -24.48
C ALA C 472 -40.24 24.72 -24.55
N LYS C 473 -39.46 25.62 -25.17
CA LYS C 473 -39.96 26.96 -25.46
C LYS C 473 -40.79 26.99 -26.74
N LYS C 474 -40.88 25.85 -27.43
CA LYS C 474 -41.76 25.69 -28.57
C LYS C 474 -42.72 24.52 -28.39
N TYR C 475 -42.67 23.85 -27.23
CA TYR C 475 -43.58 22.76 -26.91
C TYR C 475 -44.32 22.95 -25.59
N ILE C 476 -43.80 23.75 -24.67
CA ILE C 476 -44.48 24.08 -23.42
C ILE C 476 -44.69 25.59 -23.42
N ASP C 477 -45.92 26.00 -23.64
CA ASP C 477 -46.28 27.42 -23.73
C ASP C 477 -47.29 27.76 -22.63
N GLN C 478 -47.84 28.97 -22.73
CA GLN C 478 -48.73 29.47 -21.69
C GLN C 478 -49.96 28.59 -21.48
N LYS C 479 -50.39 27.88 -22.53
CA LYS C 479 -51.55 26.99 -22.37
C LYS C 479 -51.20 25.81 -21.48
N PHE C 480 -49.97 25.28 -21.61
CA PHE C 480 -49.54 24.21 -20.72
C PHE C 480 -49.56 24.66 -19.27
N VAL C 481 -49.03 25.86 -19.01
CA VAL C 481 -49.00 26.39 -17.65
C VAL C 481 -50.42 26.60 -17.13
N LEU C 482 -51.31 27.14 -17.96
CA LEU C 482 -52.69 27.36 -17.54
C LEU C 482 -53.37 26.04 -17.16
N GLN C 483 -53.26 25.04 -18.03
CA GLN C 483 -53.92 23.77 -17.75
C GLN C 483 -53.31 23.07 -16.55
N LEU C 484 -51.99 23.20 -16.35
CA LEU C 484 -51.36 22.58 -15.19
C LEU C 484 -51.68 23.33 -13.90
N LEU C 485 -51.95 24.62 -13.99
CA LEU C 485 -52.25 25.42 -12.81
C LEU C 485 -53.72 25.36 -12.43
N GLU C 486 -54.60 24.99 -13.35
CA GLU C 486 -55.99 24.78 -12.97
C GLU C 486 -56.20 23.45 -12.22
N LEU C 487 -55.13 22.69 -12.01
CA LEU C 487 -55.23 21.41 -11.32
C LEU C 487 -55.08 21.52 -9.81
N PHE C 488 -54.65 22.67 -9.29
CA PHE C 488 -54.44 22.82 -7.86
C PHE C 488 -55.73 22.81 -7.06
N ASP C 489 -56.88 22.64 -7.71
CA ASP C 489 -58.16 22.49 -7.02
C ASP C 489 -58.53 21.03 -6.81
N SER C 490 -57.56 20.12 -6.91
CA SER C 490 -57.84 18.70 -6.75
C SER C 490 -58.19 18.40 -5.29
N GLU C 491 -59.11 17.45 -5.10
CA GLU C 491 -59.51 17.04 -3.77
C GLU C 491 -58.56 16.02 -3.14
N ASP C 492 -57.52 15.61 -3.86
CA ASP C 492 -56.56 14.64 -3.34
C ASP C 492 -55.24 15.33 -3.03
N PRO C 493 -54.66 15.08 -1.85
CA PRO C 493 -53.47 15.84 -1.43
C PRO C 493 -52.18 15.37 -2.11
N ARG C 494 -52.11 14.08 -2.46
CA ARG C 494 -50.93 13.58 -3.14
C ARG C 494 -50.75 14.24 -4.50
N GLU C 495 -51.85 14.40 -5.24
CA GLU C 495 -51.79 15.09 -6.52
C GLU C 495 -51.33 16.53 -6.35
N ARG C 496 -51.81 17.21 -5.30
CA ARG C 496 -51.38 18.58 -5.05
C ARG C 496 -49.89 18.65 -4.74
N ASP C 497 -49.38 17.68 -3.96
CA ASP C 497 -47.95 17.65 -3.65
C ASP C 497 -47.13 17.47 -4.92
N PHE C 498 -47.54 16.53 -5.78
CA PHE C 498 -46.82 16.31 -7.04
C PHE C 498 -46.88 17.55 -7.92
N LEU C 499 -48.03 18.22 -7.98
CA LEU C 499 -48.15 19.43 -8.78
C LEU C 499 -47.23 20.52 -8.26
N LYS C 500 -47.13 20.65 -6.94
CA LYS C 500 -46.22 21.65 -6.36
C LYS C 500 -44.78 21.36 -6.75
N THR C 501 -44.33 20.12 -6.54
CA THR C 501 -42.94 19.80 -6.85
C THR C 501 -42.66 19.77 -8.35
N THR C 502 -43.69 19.74 -9.21
CA THR C 502 -43.47 19.87 -10.65
C THR C 502 -43.40 21.33 -11.07
N LEU C 503 -44.35 22.14 -10.59
CA LEU C 503 -44.35 23.56 -10.94
C LEU C 503 -43.10 24.25 -10.43
N HIS C 504 -42.54 23.79 -9.30
CA HIS C 504 -41.29 24.37 -8.82
C HIS C 504 -40.16 24.16 -9.84
N ARG C 505 -40.02 22.92 -10.33
CA ARG C 505 -38.98 22.64 -11.32
C ARG C 505 -39.22 23.43 -12.61
N ILE C 506 -40.48 23.54 -13.04
CA ILE C 506 -40.78 24.28 -14.27
C ILE C 506 -40.39 25.74 -14.12
N TYR C 507 -40.83 26.38 -13.04
CA TYR C 507 -40.52 27.79 -12.82
C TYR C 507 -39.03 28.02 -12.65
N GLY C 508 -38.32 27.04 -12.06
CA GLY C 508 -36.89 27.19 -11.93
C GLY C 508 -36.16 27.10 -13.27
N LYS C 509 -36.54 26.11 -14.08
CA LYS C 509 -35.79 25.87 -15.31
C LYS C 509 -36.08 26.93 -16.37
N PHE C 510 -37.32 27.38 -16.47
CA PHE C 510 -37.66 28.32 -17.53
C PHE C 510 -37.57 29.76 -17.05
N LEU C 511 -37.25 30.66 -17.99
CA LEU C 511 -37.07 32.08 -17.68
C LEU C 511 -38.10 32.98 -18.33
N GLY C 512 -38.87 32.50 -19.29
CA GLY C 512 -39.86 33.33 -19.96
C GLY C 512 -41.25 33.17 -19.40
N LEU C 513 -41.42 32.22 -18.48
CA LEU C 513 -42.72 31.93 -17.89
C LEU C 513 -42.82 32.39 -16.44
N ARG C 514 -41.87 33.18 -15.96
CA ARG C 514 -41.82 33.52 -14.54
C ARG C 514 -42.88 34.56 -14.18
N ALA C 515 -42.77 35.76 -14.76
CA ALA C 515 -43.73 36.82 -14.46
C ALA C 515 -45.13 36.43 -14.89
N TYR C 516 -45.26 35.63 -15.94
CA TYR C 516 -46.57 35.12 -16.35
C TYR C 516 -47.19 34.30 -15.24
N ILE C 517 -46.43 33.37 -14.66
CA ILE C 517 -46.94 32.54 -13.58
C ILE C 517 -47.25 33.40 -12.36
N ARG C 518 -46.42 34.40 -12.09
CA ARG C 518 -46.68 35.26 -10.94
C ARG C 518 -47.99 36.03 -11.10
N LYS C 519 -48.23 36.60 -12.29
CA LYS C 519 -49.47 37.32 -12.52
C LYS C 519 -50.68 36.38 -12.48
N GLN C 520 -50.52 35.17 -13.02
CA GLN C 520 -51.61 34.20 -12.96
C GLN C 520 -51.93 33.83 -11.52
N ILE C 521 -50.90 33.68 -10.69
CA ILE C 521 -51.13 33.36 -9.28
C ILE C 521 -51.80 34.53 -8.57
N ASN C 522 -51.43 35.76 -8.93
CA ASN C 522 -52.12 36.92 -8.37
C ASN C 522 -53.61 36.90 -8.73
N ASN C 523 -53.91 36.58 -9.99
CA ASN C 523 -55.31 36.50 -10.41
C ASN C 523 -56.04 35.39 -9.65
N ILE C 524 -55.39 34.25 -9.46
CA ILE C 524 -56.00 33.16 -8.70
C ILE C 524 -56.31 33.60 -7.28
N PHE C 525 -55.36 34.29 -6.65
CA PHE C 525 -55.55 34.76 -5.28
C PHE C 525 -56.71 35.75 -5.21
N TYR C 526 -56.79 36.69 -6.15
CA TYR C 526 -57.91 37.62 -6.18
C TYR C 526 -59.23 36.89 -6.31
N ARG C 527 -59.31 35.95 -7.26
CA ARG C 527 -60.55 35.22 -7.46
C ARG C 527 -60.96 34.45 -6.22
N PHE C 528 -60.01 33.79 -5.56
CA PHE C 528 -60.34 33.04 -4.36
C PHE C 528 -60.77 33.96 -3.23
N ILE C 529 -60.07 35.06 -3.02
CA ILE C 529 -60.37 35.92 -1.88
C ILE C 529 -61.72 36.61 -2.06
N TYR C 530 -62.13 36.88 -3.30
CA TYR C 530 -63.34 37.68 -3.51
C TYR C 530 -64.50 36.91 -4.14
N GLU C 531 -64.31 36.32 -5.31
CA GLU C 531 -65.44 35.77 -6.05
C GLU C 531 -65.93 34.47 -5.42
N THR C 532 -65.11 33.42 -5.48
CA THR C 532 -65.47 32.10 -4.99
C THR C 532 -64.54 31.71 -3.84
N GLU C 533 -65.12 31.17 -2.78
CA GLU C 533 -64.38 30.78 -1.59
C GLU C 533 -64.08 29.29 -1.55
N HIS C 534 -64.31 28.58 -2.64
CA HIS C 534 -64.09 27.12 -2.69
C HIS C 534 -62.76 26.86 -3.37
N HIS C 535 -61.73 26.63 -2.55
CA HIS C 535 -60.39 26.35 -3.05
C HIS C 535 -59.62 25.61 -1.97
N ASN C 536 -58.81 24.63 -2.38
CA ASN C 536 -58.13 23.76 -1.44
C ASN C 536 -56.62 23.68 -1.67
N GLY C 537 -56.07 24.50 -2.57
CA GLY C 537 -54.65 24.44 -2.85
C GLY C 537 -53.91 25.71 -2.45
N ILE C 538 -54.40 26.38 -1.41
CA ILE C 538 -53.83 27.65 -0.99
C ILE C 538 -52.64 27.48 -0.06
N ALA C 539 -52.26 26.24 0.26
CA ALA C 539 -51.07 26.01 1.08
C ALA C 539 -49.86 25.61 0.25
N GLU C 540 -50.05 24.77 -0.77
CA GLU C 540 -48.94 24.40 -1.65
C GLU C 540 -48.49 25.59 -2.48
N LEU C 541 -49.46 26.37 -2.97
CA LEU C 541 -49.13 27.61 -3.68
C LEU C 541 -48.36 28.56 -2.77
N LEU C 542 -48.75 28.67 -1.51
CA LEU C 542 -48.04 29.55 -0.59
C LEU C 542 -46.64 29.05 -0.30
N GLU C 543 -46.45 27.73 -0.22
CA GLU C 543 -45.11 27.20 -0.02
C GLU C 543 -44.22 27.50 -1.23
N ILE C 544 -44.75 27.31 -2.44
CA ILE C 544 -43.99 27.69 -3.64
C ILE C 544 -43.68 29.18 -3.62
N LEU C 545 -44.65 29.99 -3.22
CA LEU C 545 -44.43 31.43 -3.16
C LEU C 545 -43.31 31.78 -2.18
N GLY C 546 -43.29 31.14 -1.02
CA GLY C 546 -42.22 31.40 -0.07
C GLY C 546 -40.86 31.00 -0.61
N SER C 547 -40.80 29.83 -1.25
CA SER C 547 -39.54 29.41 -1.86
C SER C 547 -39.09 30.39 -2.93
N ILE C 548 -40.03 31.00 -3.65
CA ILE C 548 -39.67 32.02 -4.65
C ILE C 548 -39.21 33.30 -3.95
N ILE C 549 -39.93 33.70 -2.90
CA ILE C 549 -39.66 34.96 -2.21
C ILE C 549 -38.28 34.96 -1.59
N ASN C 550 -37.84 33.81 -1.06
CA ASN C 550 -36.54 33.77 -0.42
C ASN C 550 -35.39 34.07 -1.38
N GLY C 551 -35.63 34.02 -2.69
CA GLY C 551 -34.57 34.19 -3.67
C GLY C 551 -34.45 35.57 -4.28
N PHE C 552 -34.97 36.59 -3.61
CA PHE C 552 -34.91 37.95 -4.14
C PHE C 552 -33.50 38.53 -3.99
N ALA C 553 -33.31 39.68 -4.62
CA ALA C 553 -32.08 40.46 -4.52
C ALA C 553 -32.41 41.85 -3.96
N LEU C 554 -31.36 42.65 -3.75
CA LEU C 554 -31.54 43.99 -3.20
C LEU C 554 -31.24 45.04 -4.25
N PRO C 555 -32.01 46.14 -4.30
CA PRO C 555 -33.20 46.36 -3.45
C PRO C 555 -34.45 45.70 -3.99
N LEU C 556 -35.48 45.58 -3.16
CA LEU C 556 -36.71 44.91 -3.57
C LEU C 556 -37.42 45.70 -4.68
N LYS C 557 -37.90 44.99 -5.69
CA LYS C 557 -38.73 45.60 -6.72
C LYS C 557 -40.09 46.00 -6.12
N GLU C 558 -40.72 46.98 -6.77
CA GLU C 558 -41.98 47.52 -6.27
C GLU C 558 -43.15 46.58 -6.53
N GLU C 559 -43.07 45.76 -7.59
CA GLU C 559 -44.09 44.76 -7.84
C GLU C 559 -44.24 43.82 -6.66
N HIS C 560 -43.12 43.43 -6.04
CA HIS C 560 -43.17 42.56 -4.87
C HIS C 560 -43.85 43.24 -3.69
N LYS C 561 -43.67 44.55 -3.54
CA LYS C 561 -44.36 45.28 -2.48
C LYS C 561 -45.85 45.31 -2.73
N ILE C 562 -46.25 45.55 -3.98
CA ILE C 562 -47.67 45.49 -4.32
C ILE C 562 -48.22 44.10 -4.01
N PHE C 563 -47.46 43.05 -4.34
CA PHE C 563 -47.86 41.68 -4.08
C PHE C 563 -48.10 41.47 -2.59
N LEU C 564 -47.11 41.84 -1.77
CA LEU C 564 -47.23 41.65 -0.32
C LEU C 564 -48.42 42.41 0.25
N LEU C 565 -48.59 43.67 -0.15
CA LEU C 565 -49.62 44.50 0.47
C LEU C 565 -51.02 44.15 -0.02
N LYS C 566 -51.15 43.64 -1.25
CA LYS C 566 -52.47 43.45 -1.83
C LYS C 566 -52.98 42.01 -1.75
N VAL C 567 -52.12 41.01 -1.86
CA VAL C 567 -52.61 39.64 -1.93
C VAL C 567 -52.15 38.77 -0.76
N LEU C 568 -51.08 39.11 -0.05
CA LEU C 568 -50.69 38.30 1.09
C LEU C 568 -51.43 38.71 2.35
N LEU C 569 -51.38 40.00 2.70
CA LEU C 569 -52.00 40.45 3.95
C LEU C 569 -53.51 40.23 3.97
N PRO C 570 -54.29 40.63 2.96
CA PRO C 570 -55.75 40.42 3.04
C PRO C 570 -56.15 38.95 3.15
N LEU C 571 -55.28 38.01 2.77
CA LEU C 571 -55.60 36.60 2.89
C LEU C 571 -55.89 36.20 4.34
N HIS C 572 -55.66 37.10 5.29
CA HIS C 572 -55.96 36.84 6.68
C HIS C 572 -57.46 36.87 6.96
N LYS C 573 -58.23 37.67 6.23
CA LYS C 573 -59.63 37.89 6.61
C LYS C 573 -60.56 36.76 6.19
N VAL C 574 -60.03 35.65 5.69
CA VAL C 574 -60.88 34.52 5.30
C VAL C 574 -61.19 33.67 6.53
N LYS C 575 -62.30 32.93 6.45
CA LYS C 575 -62.72 32.09 7.56
C LYS C 575 -61.78 30.90 7.76
N SER C 576 -61.34 30.28 6.67
CA SER C 576 -60.54 29.06 6.72
C SER C 576 -59.04 29.34 6.68
N LEU C 577 -58.58 30.37 7.39
CA LEU C 577 -57.16 30.64 7.47
C LEU C 577 -56.43 29.62 8.33
N SER C 578 -57.15 28.93 9.23
CA SER C 578 -56.50 28.07 10.21
C SER C 578 -55.79 26.90 9.56
N VAL C 579 -56.28 26.43 8.41
CA VAL C 579 -55.69 25.25 7.80
C VAL C 579 -54.32 25.54 7.21
N TYR C 580 -54.10 26.73 6.66
CA TYR C 580 -52.85 27.05 5.99
C TYR C 580 -52.13 28.22 6.64
N HIS C 581 -52.36 28.44 7.93
CA HIS C 581 -51.66 29.50 8.64
C HIS C 581 -50.13 29.35 8.62
N PRO C 582 -49.55 28.16 8.85
CA PRO C 582 -48.08 28.07 8.92
C PRO C 582 -47.38 28.56 7.66
N GLN C 583 -47.87 28.17 6.48
CA GLN C 583 -47.23 28.58 5.25
C GLN C 583 -47.30 30.09 5.06
N LEU C 584 -48.45 30.69 5.37
CA LEU C 584 -48.59 32.14 5.24
C LEU C 584 -47.65 32.87 6.19
N ALA C 585 -47.61 32.45 7.47
CA ALA C 585 -46.71 33.09 8.42
C ALA C 585 -45.26 32.94 7.99
N TYR C 586 -44.89 31.75 7.51
CA TYR C 586 -43.53 31.53 7.05
C TYR C 586 -43.20 32.43 5.87
N CYS C 587 -44.14 32.58 4.93
CA CYS C 587 -43.93 33.46 3.79
C CYS C 587 -43.73 34.89 4.25
N VAL C 588 -44.52 35.37 5.21
CA VAL C 588 -44.40 36.74 5.67
C VAL C 588 -43.06 36.98 6.35
N VAL C 589 -42.69 36.08 7.27
CA VAL C 589 -41.44 36.25 8.01
C VAL C 589 -40.24 36.13 7.08
N GLN C 590 -40.32 35.26 6.08
CA GLN C 590 -39.23 35.12 5.11
C GLN C 590 -39.15 36.34 4.20
N PHE C 591 -40.30 36.94 3.88
CA PHE C 591 -40.33 38.12 3.02
C PHE C 591 -39.70 39.30 3.72
N LEU C 592 -40.12 39.58 4.95
CA LEU C 592 -39.69 40.87 5.49
C LEU C 592 -38.21 40.90 5.94
N GLU C 593 -37.43 39.84 5.72
CA GLU C 593 -36.03 39.87 6.11
C GLU C 593 -35.15 40.62 5.11
N LYS C 594 -35.54 40.64 3.83
CA LYS C 594 -34.69 41.25 2.82
C LYS C 594 -34.54 42.75 3.04
N ASP C 595 -35.62 43.43 3.43
CA ASP C 595 -35.57 44.83 3.82
C ASP C 595 -36.34 45.00 5.12
N SER C 596 -35.67 45.57 6.13
CA SER C 596 -36.24 45.68 7.46
C SER C 596 -37.08 46.95 7.64
N THR C 597 -37.09 47.85 6.66
CA THR C 597 -37.89 49.06 6.76
C THR C 597 -39.32 48.85 6.29
N LEU C 598 -39.55 47.92 5.37
CA LEU C 598 -40.87 47.68 4.80
C LEU C 598 -41.75 46.80 5.67
N THR C 599 -41.56 46.84 6.99
CA THR C 599 -42.35 46.01 7.90
C THR C 599 -43.56 46.76 8.46
N GLU C 600 -43.43 48.07 8.67
CA GLU C 600 -44.51 48.89 9.22
C GLU C 600 -45.86 48.72 8.53
N PRO C 601 -45.96 48.69 7.19
CA PRO C 601 -47.27 48.41 6.58
C PRO C 601 -47.84 47.07 7.00
N VAL C 602 -46.99 46.05 7.15
CA VAL C 602 -47.46 44.75 7.60
C VAL C 602 -48.06 44.85 9.00
N VAL C 603 -47.41 45.62 9.88
CA VAL C 603 -47.90 45.76 11.24
C VAL C 603 -49.24 46.49 11.26
N MET C 604 -49.33 47.62 10.54
CA MET C 604 -50.57 48.38 10.57
C MET C 604 -51.68 47.71 9.77
N ALA C 605 -51.35 46.72 8.92
CA ALA C 605 -52.38 45.94 8.27
C ALA C 605 -52.83 44.75 9.11
N LEU C 606 -51.92 44.16 9.89
CA LEU C 606 -52.29 43.09 10.80
C LEU C 606 -53.03 43.62 12.01
N LEU C 607 -52.86 44.89 12.36
CA LEU C 607 -53.56 45.50 13.48
C LEU C 607 -54.96 45.99 13.11
N LYS C 608 -55.45 45.65 11.93
CA LYS C 608 -56.82 45.97 11.54
C LYS C 608 -57.67 44.72 11.34
N TYR C 609 -57.21 43.77 10.53
CA TYR C 609 -57.94 42.53 10.28
C TYR C 609 -58.09 41.68 11.54
N TRP C 610 -57.42 42.06 12.62
CA TRP C 610 -57.61 41.37 13.89
C TRP C 610 -59.09 41.38 14.28
N PRO C 611 -59.68 40.23 14.58
CA PRO C 611 -61.06 40.23 15.07
C PRO C 611 -61.17 40.91 16.42
N LYS C 612 -61.79 42.08 16.47
CA LYS C 612 -61.85 42.85 17.70
C LYS C 612 -62.75 42.23 18.75
N THR C 613 -63.39 41.11 18.45
CA THR C 613 -64.21 40.37 19.40
C THR C 613 -63.44 39.16 19.91
N HIS C 614 -64.04 38.44 20.86
CA HIS C 614 -63.47 37.20 21.33
C HIS C 614 -63.77 36.08 20.35
N SER C 615 -62.77 35.25 20.10
CA SER C 615 -62.87 34.19 19.09
C SER C 615 -61.68 33.24 19.27
N PRO C 616 -61.81 32.01 18.79
CA PRO C 616 -60.67 31.08 18.82
C PRO C 616 -59.59 31.41 17.81
N LYS C 617 -59.84 32.31 16.87
CA LYS C 617 -58.89 32.69 15.84
C LYS C 617 -57.80 33.62 16.33
N GLU C 618 -57.79 33.98 17.62
CA GLU C 618 -56.79 34.92 18.13
C GLU C 618 -55.40 34.30 18.18
N VAL C 619 -55.33 32.99 18.44
CA VAL C 619 -54.04 32.33 18.67
C VAL C 619 -53.16 32.46 17.43
N MET C 620 -53.74 32.39 16.23
CA MET C 620 -52.95 32.54 15.02
C MET C 620 -52.30 33.92 14.97
N PHE C 621 -53.07 34.96 15.27
CA PHE C 621 -52.53 36.31 15.22
C PHE C 621 -51.47 36.51 16.29
N LEU C 622 -51.68 35.96 17.48
CA LEU C 622 -50.66 36.09 18.53
C LEU C 622 -49.38 35.37 18.14
N ASN C 623 -49.49 34.16 17.58
CA ASN C 623 -48.31 33.42 17.16
C ASN C 623 -47.55 34.15 16.06
N GLU C 624 -48.26 34.72 15.10
CA GLU C 624 -47.59 35.43 14.01
C GLU C 624 -46.94 36.70 14.53
N LEU C 625 -47.64 37.45 15.38
CA LEU C 625 -47.08 38.65 15.98
C LEU C 625 -45.84 38.33 16.79
N GLU C 626 -45.79 37.16 17.41
CA GLU C 626 -44.60 36.76 18.17
C GLU C 626 -43.36 36.76 17.27
N GLU C 627 -43.44 36.08 16.13
CA GLU C 627 -42.28 36.00 15.23
C GLU C 627 -42.00 37.36 14.58
N ILE C 628 -43.03 38.08 14.19
CA ILE C 628 -42.82 39.38 13.55
C ILE C 628 -42.14 40.34 14.52
N LEU C 629 -42.52 40.31 15.79
CA LEU C 629 -41.89 41.14 16.79
C LEU C 629 -40.48 40.67 17.10
N ASP C 630 -40.25 39.35 17.11
CA ASP C 630 -38.90 38.85 17.33
C ASP C 630 -37.95 39.34 16.25
N VAL C 631 -38.41 39.35 15.00
CA VAL C 631 -37.53 39.74 13.90
C VAL C 631 -37.45 41.27 13.74
N ILE C 632 -38.47 42.02 14.16
CA ILE C 632 -38.46 43.47 13.90
C ILE C 632 -37.68 44.24 14.97
N GLU C 633 -37.52 43.67 16.16
CA GLU C 633 -36.94 44.41 17.29
C GLU C 633 -35.61 45.08 17.00
N PRO C 634 -34.63 44.45 16.33
CA PRO C 634 -33.34 45.14 16.13
C PRO C 634 -33.48 46.38 15.28
N SER C 635 -32.57 47.34 15.52
CA SER C 635 -32.39 48.54 14.70
C SER C 635 -33.56 49.52 14.88
N GLU C 636 -33.83 49.86 16.14
CA GLU C 636 -34.72 50.96 16.51
C GLU C 636 -36.10 50.84 15.85
N PHE C 637 -36.93 50.00 16.45
CA PHE C 637 -38.31 49.83 16.01
C PHE C 637 -39.24 50.18 17.16
N VAL C 638 -39.72 51.42 17.16
CA VAL C 638 -40.68 51.87 18.18
C VAL C 638 -41.72 52.77 17.52
N LYS C 639 -41.74 52.77 16.19
CA LYS C 639 -42.66 53.64 15.46
C LYS C 639 -44.11 53.32 15.78
N ILE C 640 -44.47 52.05 15.75
CA ILE C 640 -45.85 51.61 15.98
C ILE C 640 -45.96 50.70 17.19
N MET C 641 -44.93 50.64 18.03
CA MET C 641 -44.99 49.78 19.22
C MET C 641 -46.11 50.21 20.15
N GLU C 642 -46.28 51.52 20.36
CA GLU C 642 -47.36 52.00 21.23
C GLU C 642 -48.74 51.65 20.70
N PRO C 643 -49.09 51.96 19.44
CA PRO C 643 -50.41 51.52 18.94
C PRO C 643 -50.55 50.02 18.90
N LEU C 644 -49.47 49.29 18.60
CA LEU C 644 -49.52 47.82 18.59
C LEU C 644 -49.91 47.30 19.96
N PHE C 645 -49.20 47.74 21.01
CA PHE C 645 -49.52 47.28 22.36
C PHE C 645 -50.88 47.78 22.81
N ARG C 646 -51.29 48.98 22.39
CA ARG C 646 -52.61 49.48 22.74
C ARG C 646 -53.70 48.56 22.19
N GLN C 647 -53.65 48.28 20.90
CA GLN C 647 -54.65 47.40 20.30
C GLN C 647 -54.49 45.96 20.78
N LEU C 648 -53.31 45.58 21.25
CA LEU C 648 -53.09 44.23 21.76
C LEU C 648 -53.69 44.05 23.15
N ALA C 649 -53.69 45.10 23.97
CA ALA C 649 -54.24 44.97 25.32
C ALA C 649 -55.72 44.61 25.29
N LYS C 650 -56.42 44.94 24.22
CA LYS C 650 -57.83 44.63 24.09
C LYS C 650 -58.07 43.13 24.04
N SER F 7 46.36 -2.34 14.43
CA SER F 7 47.79 -2.21 14.66
C SER F 7 48.51 -3.52 14.32
N PRO F 8 49.66 -3.40 13.65
CA PRO F 8 50.42 -4.62 13.31
C PRO F 8 50.84 -5.45 14.49
N ALA F 9 51.17 -4.83 15.62
CA ALA F 9 51.59 -5.59 16.80
C ALA F 9 50.48 -6.51 17.27
N LYS F 10 49.29 -5.95 17.50
CA LYS F 10 48.15 -6.77 17.91
C LYS F 10 47.77 -7.77 16.83
N LEU F 11 47.85 -7.35 15.57
CA LEU F 11 47.48 -8.24 14.47
C LEU F 11 48.34 -9.49 14.46
N HIS F 12 49.65 -9.33 14.67
CA HIS F 12 50.53 -10.51 14.74
C HIS F 12 50.31 -11.28 16.04
N SER F 13 50.13 -10.58 17.16
CA SER F 13 49.92 -11.27 18.42
C SER F 13 48.63 -12.08 18.42
N PHE F 14 47.72 -11.80 17.49
CA PHE F 14 46.47 -12.55 17.41
C PHE F 14 46.52 -13.65 16.36
N THR F 15 47.13 -13.40 15.21
CA THR F 15 47.08 -14.31 14.09
C THR F 15 48.42 -14.95 13.72
N HIS F 16 49.54 -14.33 14.10
CA HIS F 16 50.87 -14.82 13.72
C HIS F 16 51.02 -14.87 12.20
N CYS F 17 50.53 -13.84 11.52
CA CYS F 17 50.65 -13.74 10.08
C CYS F 17 52.09 -13.42 9.68
N GLY F 18 52.32 -13.34 8.38
CA GLY F 18 53.64 -13.12 7.83
C GLY F 18 54.05 -11.66 7.81
N GLN F 19 55.25 -11.43 7.30
CA GLN F 19 55.82 -10.08 7.24
C GLN F 19 55.33 -9.32 6.01
N ALA F 20 55.29 -9.98 4.85
CA ALA F 20 54.76 -9.34 3.66
C ALA F 20 53.29 -8.98 3.82
N ALA F 21 52.59 -9.65 4.74
CA ALA F 21 51.22 -9.25 5.07
C ALA F 21 51.22 -7.95 5.86
N LEU F 22 52.06 -7.86 6.89
CA LEU F 22 52.12 -6.65 7.71
C LEU F 22 52.61 -5.45 6.91
N THR F 23 53.37 -5.68 5.85
CA THR F 23 53.77 -4.57 4.99
C THR F 23 52.57 -3.90 4.34
N LEU F 24 51.50 -4.65 4.10
CA LEU F 24 50.31 -4.07 3.47
C LEU F 24 49.62 -3.07 4.39
N HIS F 25 49.75 -3.23 5.69
CA HIS F 25 49.08 -2.36 6.65
C HIS F 25 50.01 -1.21 7.03
N GLY F 26 49.75 -0.59 8.18
CA GLY F 26 50.55 0.54 8.63
C GLY F 26 52.01 0.21 8.84
N ALA F 27 52.33 -1.05 9.07
CA ALA F 27 53.72 -1.43 9.29
C ALA F 27 54.53 -1.25 8.00
N THR F 28 55.80 -0.89 8.18
CA THR F 28 56.74 -0.72 7.08
C THR F 28 57.75 -1.86 7.12
N THR F 29 58.70 -1.85 6.17
CA THR F 29 59.58 -2.99 5.99
C THR F 29 60.38 -3.31 7.24
N THR F 30 61.04 -2.31 7.82
CA THR F 30 61.87 -2.57 8.99
C THR F 30 61.05 -2.74 10.26
N GLU F 31 59.89 -2.09 10.35
CA GLU F 31 58.99 -2.38 11.48
C GLU F 31 58.48 -3.81 11.42
N ALA F 32 58.13 -4.29 10.21
CA ALA F 32 57.70 -5.68 10.07
C ALA F 32 58.84 -6.63 10.42
N LEU F 33 60.05 -6.33 9.97
CA LEU F 33 61.20 -7.17 10.30
C LEU F 33 61.49 -7.15 11.80
N ASN F 34 61.22 -6.02 12.47
CA ASN F 34 61.42 -5.96 13.91
C ASN F 34 60.38 -6.80 14.64
N ILE F 35 59.11 -6.67 14.26
CA ILE F 35 58.04 -7.37 14.97
C ILE F 35 58.11 -8.87 14.72
N LEU F 36 58.63 -9.29 13.56
CA LEU F 36 58.57 -10.70 13.20
C LEU F 36 59.41 -11.56 14.16
N HIS F 37 60.67 -11.17 14.38
CA HIS F 37 61.56 -11.97 15.22
C HIS F 37 61.59 -11.48 16.67
N SER F 38 60.82 -10.46 17.01
CA SER F 38 60.61 -10.10 18.41
C SER F 38 59.51 -10.92 19.06
N CYS F 39 58.85 -11.79 18.32
CA CYS F 39 57.83 -12.70 18.84
C CYS F 39 58.48 -14.04 19.13
N HIS F 40 58.20 -14.59 20.31
CA HIS F 40 58.95 -15.76 20.78
C HIS F 40 58.69 -16.97 19.91
N ALA F 41 57.43 -17.36 19.76
CA ALA F 41 57.10 -18.60 19.04
C ALA F 41 57.43 -18.54 17.56
N CYS F 42 57.69 -17.35 17.01
CA CYS F 42 57.93 -17.19 15.59
C CYS F 42 59.39 -17.40 15.21
N ARG F 43 60.32 -16.97 16.07
CA ARG F 43 61.75 -17.10 15.79
C ARG F 43 62.18 -18.56 15.69
N ILE F 56 54.14 -27.95 -8.63
CA ILE F 56 53.53 -27.04 -9.60
C ILE F 56 52.02 -27.02 -9.42
N ARG F 57 51.34 -26.23 -10.25
CA ARG F 57 49.89 -26.12 -10.21
C ARG F 57 49.30 -26.90 -11.38
N ARG F 58 48.36 -27.79 -11.09
CA ARG F 58 47.79 -28.68 -12.10
C ARG F 58 46.57 -28.08 -12.79
N GLY F 59 45.72 -27.38 -12.05
CA GLY F 59 44.53 -26.79 -12.64
C GLY F 59 44.85 -25.66 -13.59
N LEU F 60 43.80 -25.20 -14.27
CA LEU F 60 43.92 -24.11 -15.23
C LEU F 60 43.11 -22.88 -14.86
N LEU F 61 42.02 -23.05 -14.13
CA LEU F 61 41.15 -21.97 -13.69
C LEU F 61 40.80 -22.20 -12.24
N PRO F 62 40.37 -21.16 -11.53
CA PRO F 62 39.81 -21.39 -10.19
C PRO F 62 38.63 -22.35 -10.27
N ASN F 63 38.57 -23.28 -9.31
CA ASN F 63 37.55 -24.31 -9.27
C ASN F 63 37.56 -25.16 -10.54
N HIS F 64 38.71 -25.80 -10.77
CA HIS F 64 38.86 -26.76 -11.85
C HIS F 64 39.21 -28.15 -11.34
N ILE F 65 40.17 -28.25 -10.43
CA ILE F 65 40.52 -29.51 -9.77
C ILE F 65 40.76 -29.22 -8.30
N TRP F 66 40.21 -30.06 -7.44
CA TRP F 66 40.47 -30.02 -6.00
C TRP F 66 41.25 -31.26 -5.58
N GLN F 67 41.78 -31.22 -4.37
CA GLN F 67 42.43 -32.38 -3.77
C GLN F 67 42.02 -32.46 -2.31
N GLY F 68 41.57 -33.64 -1.88
CA GLY F 68 41.06 -33.80 -0.53
C GLY F 68 41.84 -34.79 0.30
N ASP F 69 42.32 -34.34 1.45
CA ASP F 69 43.11 -35.16 2.36
C ASP F 69 42.33 -35.39 3.65
N ILE F 70 42.96 -36.09 4.58
CA ILE F 70 42.47 -36.22 5.95
C ILE F 70 43.69 -36.14 6.86
N THR F 71 43.44 -35.87 8.14
CA THR F 71 44.54 -35.60 9.05
C THR F 71 44.11 -35.89 10.48
N HIS F 72 44.99 -36.54 11.23
CA HIS F 72 44.84 -36.68 12.67
C HIS F 72 45.60 -35.53 13.34
N PHE F 73 44.90 -34.73 14.13
CA PHE F 73 45.50 -33.66 14.91
C PHE F 73 45.50 -34.09 16.37
N LYS F 74 46.70 -34.22 16.95
CA LYS F 74 46.85 -34.85 18.25
C LYS F 74 46.56 -33.84 19.35
N TYR F 75 45.61 -34.16 20.21
CA TYR F 75 45.31 -33.38 21.40
C TYR F 75 45.72 -34.18 22.62
N LYS F 76 46.03 -33.48 23.71
CA LYS F 76 46.64 -34.14 24.86
C LYS F 76 45.69 -35.11 25.55
N ASN F 77 44.38 -35.02 25.30
CA ASN F 77 43.43 -35.92 25.91
C ASN F 77 42.41 -36.48 24.92
N THR F 78 42.53 -36.18 23.64
CA THR F 78 41.61 -36.67 22.62
C THR F 78 42.27 -36.51 21.26
N LEU F 79 41.48 -36.68 20.21
CA LEU F 79 41.97 -36.58 18.83
C LEU F 79 40.94 -35.83 18.00
N TYR F 80 41.42 -35.14 16.97
CA TYR F 80 40.57 -34.45 16.00
C TYR F 80 40.85 -34.98 14.60
N ARG F 81 39.81 -35.16 13.82
CA ARG F 81 39.93 -35.57 12.42
C ARG F 81 39.66 -34.36 11.55
N LEU F 82 40.71 -33.84 10.90
CA LEU F 82 40.58 -32.71 10.02
C LEU F 82 40.35 -33.17 8.59
N HIS F 83 39.29 -32.66 7.97
CA HIS F 83 39.03 -32.86 6.56
C HIS F 83 39.39 -31.57 5.82
N VAL F 84 40.28 -31.68 4.85
CA VAL F 84 40.86 -30.51 4.19
C VAL F 84 40.75 -30.68 2.69
N TRP F 85 40.21 -29.67 2.02
CA TRP F 85 40.20 -29.57 0.57
C TRP F 85 41.03 -28.39 0.14
N VAL F 86 41.78 -28.53 -0.94
CA VAL F 86 42.67 -27.49 -1.43
C VAL F 86 42.44 -27.32 -2.93
N ASP F 87 42.34 -26.07 -3.37
CA ASP F 87 42.18 -25.76 -4.78
C ASP F 87 43.54 -25.75 -5.44
N THR F 88 43.70 -26.53 -6.51
CA THR F 88 45.00 -26.70 -7.14
C THR F 88 45.24 -25.67 -8.23
N PHE F 89 44.82 -24.44 -7.96
CA PHE F 89 45.20 -23.29 -8.78
C PHE F 89 45.48 -22.04 -7.96
N SER F 90 45.01 -21.96 -6.72
CA SER F 90 45.29 -20.83 -5.86
C SER F 90 45.74 -21.31 -4.48
N GLY F 91 45.33 -22.52 -4.10
CA GLY F 91 45.66 -23.04 -2.80
C GLY F 91 44.67 -22.72 -1.71
N SER F 92 43.43 -22.35 -2.07
CA SER F 92 42.43 -21.97 -1.08
C SER F 92 42.05 -23.16 -0.22
N VAL F 93 42.24 -23.03 1.08
CA VAL F 93 42.04 -24.12 2.03
C VAL F 93 40.65 -24.01 2.64
N SER F 94 39.98 -25.15 2.76
CA SER F 94 38.74 -25.28 3.52
C SER F 94 38.85 -26.51 4.39
N ALA F 95 38.74 -26.32 5.70
CA ALA F 95 38.95 -27.41 6.65
C ALA F 95 37.80 -27.49 7.63
N THR F 96 37.52 -28.71 8.08
CA THR F 96 36.48 -28.98 9.06
C THR F 96 37.02 -30.00 10.05
N HIS F 97 36.58 -29.89 11.31
CA HIS F 97 37.02 -30.78 12.36
C HIS F 97 35.85 -31.64 12.84
N LYS F 98 36.07 -32.94 12.91
CA LYS F 98 35.07 -33.90 13.34
C LYS F 98 35.65 -34.80 14.42
N LYS F 99 34.76 -35.51 15.11
CA LYS F 99 35.19 -36.46 16.14
C LYS F 99 35.22 -37.90 15.63
N ARG F 100 34.77 -38.16 14.41
CA ARG F 100 34.92 -39.45 13.76
C ARG F 100 35.07 -39.20 12.27
N GLU F 101 35.15 -40.28 11.50
CA GLU F 101 35.30 -40.16 10.06
C GLU F 101 34.52 -41.26 9.36
N THR F 102 33.49 -40.88 8.61
CA THR F 102 32.72 -41.80 7.78
C THR F 102 32.40 -41.10 6.46
N SER F 103 31.64 -41.77 5.61
CA SER F 103 31.24 -41.16 4.35
C SER F 103 30.24 -40.04 4.56
N SER F 104 29.41 -40.14 5.60
CA SER F 104 28.53 -39.04 5.97
C SER F 104 29.33 -37.77 6.24
N GLU F 105 30.40 -37.89 7.01
CA GLU F 105 31.20 -36.71 7.33
C GLU F 105 32.05 -36.25 6.15
N ALA F 106 32.43 -37.18 5.26
CA ALA F 106 33.08 -36.72 4.03
C ALA F 106 32.11 -35.89 3.18
N ILE F 107 30.85 -36.31 3.10
CA ILE F 107 29.85 -35.54 2.38
C ILE F 107 29.63 -34.19 3.03
N SER F 108 29.56 -34.18 4.37
CA SER F 108 29.40 -32.93 5.09
C SER F 108 30.55 -31.98 4.81
N SER F 109 31.78 -32.50 4.79
CA SER F 109 32.94 -31.66 4.51
C SER F 109 32.90 -31.10 3.10
N LEU F 110 32.55 -31.94 2.12
CA LEU F 110 32.50 -31.45 0.74
C LEU F 110 31.44 -30.37 0.59
N LEU F 111 30.27 -30.54 1.20
CA LEU F 111 29.24 -29.53 1.09
C LEU F 111 29.63 -28.23 1.80
N HIS F 112 30.22 -28.35 2.99
CA HIS F 112 30.67 -27.16 3.70
C HIS F 112 31.77 -26.44 2.93
N ALA F 113 32.55 -27.17 2.13
CA ALA F 113 33.53 -26.52 1.27
C ALA F 113 32.87 -25.82 0.09
N ILE F 114 31.88 -26.48 -0.52
CA ILE F 114 31.15 -25.87 -1.63
C ILE F 114 30.50 -24.57 -1.20
N ALA F 115 30.01 -24.51 0.03
CA ALA F 115 29.40 -23.28 0.52
C ALA F 115 30.39 -22.13 0.60
N HIS F 116 31.69 -22.41 0.73
CA HIS F 116 32.71 -21.38 0.88
C HIS F 116 33.34 -21.00 -0.46
N LEU F 117 33.78 -21.98 -1.24
CA LEU F 117 34.59 -21.73 -2.42
C LEU F 117 33.79 -21.74 -3.72
N GLY F 118 32.77 -22.56 -3.82
CA GLY F 118 32.03 -22.76 -5.04
C GLY F 118 32.00 -24.23 -5.40
N ARG F 119 31.49 -24.53 -6.59
CA ARG F 119 31.34 -25.90 -7.03
C ARG F 119 32.54 -26.31 -7.86
N PRO F 120 33.30 -27.33 -7.47
CA PRO F 120 34.39 -27.81 -8.32
C PRO F 120 33.88 -28.56 -9.53
N SER F 121 34.68 -28.57 -10.58
CA SER F 121 34.36 -29.36 -11.76
C SER F 121 34.90 -30.78 -11.67
N HIS F 122 36.08 -30.95 -11.08
CA HIS F 122 36.74 -32.24 -10.97
C HIS F 122 37.35 -32.35 -9.58
N ILE F 123 37.10 -33.47 -8.91
CA ILE F 123 37.55 -33.69 -7.55
C ILE F 123 38.42 -34.95 -7.52
N ASN F 124 39.50 -34.89 -6.75
CA ASN F 124 40.49 -35.97 -6.70
C ASN F 124 40.87 -36.22 -5.26
N THR F 125 40.84 -37.49 -4.85
CA THR F 125 41.08 -37.83 -3.46
C THR F 125 41.64 -39.25 -3.35
N ASP F 126 42.20 -39.55 -2.19
CA ASP F 126 42.79 -40.85 -1.93
C ASP F 126 41.73 -41.88 -1.60
N ASN F 127 42.03 -43.14 -1.92
CA ASN F 127 41.15 -44.24 -1.57
C ASN F 127 41.08 -44.40 -0.05
N GLY F 128 40.05 -45.10 0.41
CA GLY F 128 39.87 -45.37 1.81
C GLY F 128 38.50 -45.95 2.11
N PRO F 129 38.18 -46.14 3.39
CA PRO F 129 36.81 -46.54 3.74
C PRO F 129 35.77 -45.55 3.23
N ALA F 130 36.01 -44.26 3.46
CA ALA F 130 35.23 -43.22 2.81
C ALA F 130 35.81 -42.94 1.43
N TYR F 131 35.22 -42.00 0.71
CA TYR F 131 35.64 -41.61 -0.63
C TYR F 131 35.50 -42.75 -1.64
N ALA F 132 35.05 -43.92 -1.18
CA ALA F 132 34.97 -45.09 -2.04
C ALA F 132 33.67 -45.86 -1.91
N SER F 133 32.77 -45.45 -1.01
CA SER F 133 31.51 -46.13 -0.83
C SER F 133 30.54 -45.69 -1.93
N GLN F 134 29.28 -46.09 -1.80
CA GLN F 134 28.25 -45.60 -2.70
C GLN F 134 27.67 -44.28 -2.25
N GLU F 135 27.75 -43.97 -0.96
CA GLU F 135 27.22 -42.70 -0.46
C GLU F 135 27.97 -41.52 -1.05
N PHE F 136 29.30 -41.58 -1.04
CA PHE F 136 30.09 -40.47 -1.54
C PHE F 136 29.94 -40.33 -3.06
N GLN F 137 29.91 -41.47 -3.77
CA GLN F 137 29.71 -41.41 -5.22
C GLN F 137 28.33 -40.90 -5.59
N HIS F 138 27.32 -41.19 -4.78
CA HIS F 138 25.99 -40.68 -5.04
C HIS F 138 25.89 -39.20 -4.70
N ALA F 139 26.66 -38.74 -3.72
CA ALA F 139 26.73 -37.30 -3.47
C ALA F 139 27.42 -36.60 -4.64
N CYS F 140 28.50 -37.18 -5.15
CA CYS F 140 29.24 -36.55 -6.24
C CYS F 140 28.51 -36.65 -7.59
N THR F 141 27.57 -37.59 -7.75
CA THR F 141 26.88 -37.70 -9.03
C THR F 141 25.66 -36.80 -9.15
N SER F 142 25.14 -36.28 -8.03
CA SER F 142 24.01 -35.36 -8.07
C SER F 142 24.44 -33.93 -8.33
N LEU F 143 25.74 -33.63 -8.25
CA LEU F 143 26.27 -32.30 -8.48
C LEU F 143 27.11 -32.21 -9.75
N ALA F 144 27.21 -33.31 -10.51
CA ALA F 144 27.98 -33.36 -11.75
C ALA F 144 29.47 -33.10 -11.49
N ILE F 145 30.00 -33.68 -10.42
CA ILE F 145 31.42 -33.58 -10.09
C ILE F 145 32.04 -34.96 -10.28
N ARG F 146 33.00 -35.06 -11.19
CA ARG F 146 33.65 -36.35 -11.44
C ARG F 146 34.75 -36.59 -10.42
N HIS F 147 34.86 -37.83 -9.96
CA HIS F 147 35.65 -38.17 -8.78
C HIS F 147 36.66 -39.25 -9.14
N THR F 148 37.94 -38.87 -9.22
CA THR F 148 39.03 -39.79 -9.54
C THR F 148 39.79 -40.17 -8.29
N THR F 149 40.12 -41.45 -8.17
CA THR F 149 40.75 -42.01 -6.98
C THR F 149 42.18 -42.45 -7.30
N HIS F 150 43.10 -42.12 -6.40
CA HIS F 150 44.51 -42.47 -6.58
C HIS F 150 45.14 -42.74 -5.23
N ILE F 151 46.09 -43.67 -5.20
CA ILE F 151 46.78 -44.08 -3.98
C ILE F 151 48.28 -43.91 -4.18
N PRO F 152 49.04 -43.49 -3.16
CA PRO F 152 50.50 -43.39 -3.29
C PRO F 152 51.16 -44.75 -3.59
N VAL F 161 47.61 -31.68 -1.71
CA VAL F 161 48.98 -31.27 -1.39
C VAL F 161 49.19 -31.36 0.13
N GLU F 162 50.40 -31.73 0.53
CA GLU F 162 50.73 -31.97 1.93
C GLU F 162 51.40 -30.78 2.61
N ARG F 163 51.73 -29.73 1.87
CA ARG F 163 52.38 -28.57 2.46
C ARG F 163 51.39 -27.73 3.27
N THR F 164 50.26 -27.38 2.66
CA THR F 164 49.26 -26.55 3.33
C THR F 164 48.73 -27.22 4.58
N ASN F 165 48.63 -28.55 4.57
CA ASN F 165 48.22 -29.27 5.78
C ASN F 165 49.18 -28.97 6.93
N GLY F 166 50.48 -29.02 6.66
CA GLY F 166 51.46 -28.72 7.69
C GLY F 166 51.42 -27.27 8.13
N ILE F 167 51.21 -26.35 7.19
CA ILE F 167 51.07 -24.93 7.54
C ILE F 167 49.92 -24.75 8.52
N LEU F 168 48.76 -25.33 8.19
CA LEU F 168 47.59 -25.23 9.05
C LEU F 168 47.81 -25.87 10.41
N LYS F 169 48.55 -26.99 10.45
CA LYS F 169 48.80 -27.66 11.71
C LYS F 169 49.73 -26.84 12.60
N THR F 170 50.79 -26.25 12.02
CA THR F 170 51.69 -25.41 12.79
C THR F 170 50.98 -24.18 13.33
N LEU F 171 50.09 -23.59 12.53
CA LEU F 171 49.33 -22.44 13.03
C LEU F 171 48.41 -22.83 14.17
N LEU F 172 47.77 -24.00 14.07
CA LEU F 172 46.98 -24.50 15.19
C LEU F 172 47.84 -24.67 16.44
N TYR F 173 49.04 -25.22 16.26
CA TYR F 173 49.97 -25.39 17.38
C TYR F 173 50.28 -24.05 18.04
N LYS F 174 50.56 -23.02 17.23
CA LYS F 174 50.86 -21.70 17.80
C LYS F 174 49.67 -21.15 18.57
N TYR F 175 48.48 -21.22 17.97
CA TYR F 175 47.30 -20.66 18.63
C TYR F 175 47.02 -21.37 19.94
N PHE F 176 47.22 -22.69 19.99
CA PHE F 176 47.06 -23.40 21.25
C PHE F 176 48.18 -23.05 22.24
N SER F 177 49.39 -22.80 21.74
CA SER F 177 50.49 -22.46 22.61
C SER F 177 50.21 -21.16 23.36
N ASP F 178 49.68 -20.15 22.67
CA ASP F 178 49.45 -18.87 23.34
C ASP F 178 48.31 -18.97 24.35
N ASN F 179 47.20 -19.61 23.97
CA ASN F 179 46.07 -19.77 24.88
C ASN F 179 45.67 -21.26 24.89
N PRO F 180 45.76 -21.94 26.02
CA PRO F 180 45.39 -23.36 26.05
C PRO F 180 43.91 -23.61 26.15
N ASN F 181 43.10 -22.62 26.51
CA ASN F 181 41.66 -22.80 26.69
C ASN F 181 40.90 -22.33 25.45
N LEU F 182 41.22 -22.95 24.31
CA LEU F 182 40.52 -22.67 23.08
C LEU F 182 39.61 -23.84 22.71
N PRO F 183 38.39 -23.57 22.27
CA PRO F 183 37.43 -24.64 22.00
C PRO F 183 37.62 -25.35 20.67
N MET F 184 38.76 -25.18 20.00
CA MET F 184 39.11 -25.89 18.78
C MET F 184 38.23 -25.47 17.60
N ASP F 185 37.12 -24.78 17.89
CA ASP F 185 36.29 -24.21 16.83
C ASP F 185 36.68 -22.78 16.49
N ASN F 186 37.12 -22.00 17.49
CA ASN F 186 37.68 -20.69 17.20
C ASN F 186 39.04 -20.81 16.52
N ALA F 187 39.85 -21.77 16.94
CA ALA F 187 41.20 -21.90 16.41
C ALA F 187 41.19 -22.23 14.93
N LEU F 188 40.34 -23.16 14.52
CA LEU F 188 40.28 -23.54 13.11
C LEU F 188 39.84 -22.37 12.24
N SER F 189 38.85 -21.62 12.71
CA SER F 189 38.37 -20.47 11.94
C SER F 189 39.44 -19.39 11.85
N VAL F 190 40.17 -19.16 12.94
CA VAL F 190 41.22 -18.13 12.88
C VAL F 190 42.35 -18.57 11.96
N ALA F 191 42.70 -19.85 11.96
CA ALA F 191 43.73 -20.34 11.05
C ALA F 191 43.30 -20.21 9.59
N LEU F 192 42.05 -20.58 9.30
CA LEU F 192 41.56 -20.44 7.94
C LEU F 192 41.54 -18.97 7.52
N TRP F 193 41.12 -18.08 8.41
CA TRP F 193 41.15 -16.66 8.11
C TRP F 193 42.58 -16.20 7.80
N THR F 194 43.53 -16.62 8.62
CA THR F 194 44.91 -16.19 8.42
C THR F 194 45.45 -16.65 7.07
N ILE F 195 45.33 -17.94 6.77
CA ILE F 195 45.97 -18.44 5.56
C ILE F 195 45.18 -18.15 4.30
N ASN F 196 43.92 -17.71 4.42
CA ASN F 196 43.16 -17.34 3.23
C ASN F 196 43.15 -15.84 2.96
N HIS F 197 43.03 -15.01 3.99
CA HIS F 197 42.87 -13.58 3.78
C HIS F 197 44.06 -12.75 4.21
N LEU F 198 45.05 -13.32 4.90
CA LEU F 198 46.11 -12.48 5.45
C LEU F 198 47.48 -12.75 4.85
N ASN F 199 47.87 -14.01 4.71
CA ASN F 199 49.21 -14.32 4.21
C ASN F 199 49.28 -14.02 2.71
N VAL F 200 50.33 -13.33 2.30
CA VAL F 200 50.52 -12.94 0.91
C VAL F 200 51.42 -13.96 0.23
N LEU F 201 50.97 -14.47 -0.91
CA LEU F 201 51.83 -15.36 -1.69
C LEU F 201 53.05 -14.61 -2.20
N THR F 202 54.16 -15.33 -2.33
CA THR F 202 55.43 -14.73 -2.64
C THR F 202 55.63 -14.47 -4.13
N HIS F 203 55.04 -15.29 -4.99
CA HIS F 203 55.30 -15.17 -6.42
C HIS F 203 54.54 -14.02 -7.04
N CYS F 204 53.23 -13.91 -6.75
CA CYS F 204 52.38 -12.94 -7.40
C CYS F 204 51.89 -11.84 -6.48
N GLN F 205 52.32 -11.82 -5.22
CA GLN F 205 51.94 -10.79 -4.26
C GLN F 205 50.42 -10.67 -4.15
N LYS F 206 49.74 -11.82 -4.10
CA LYS F 206 48.30 -11.87 -3.94
C LYS F 206 47.94 -12.84 -2.84
N THR F 207 46.87 -12.55 -2.12
CA THR F 207 46.36 -13.52 -1.18
C THR F 207 45.63 -14.64 -1.92
N ARG F 208 45.48 -15.77 -1.24
CA ARG F 208 44.77 -16.89 -1.84
C ARG F 208 43.34 -16.51 -2.17
N TRP F 209 42.67 -15.80 -1.26
CA TRP F 209 41.30 -15.35 -1.51
C TRP F 209 41.24 -14.43 -2.73
N GLN F 210 42.13 -13.45 -2.77
CA GLN F 210 42.12 -12.48 -3.87
C GLN F 210 42.38 -13.16 -5.20
N LEU F 211 43.32 -14.10 -5.25
CA LEU F 211 43.60 -14.82 -6.49
C LEU F 211 42.44 -15.74 -6.85
N HIS F 212 41.77 -16.32 -5.86
CA HIS F 212 40.72 -17.29 -6.09
C HIS F 212 39.41 -16.67 -6.51
N HIS F 213 39.17 -15.39 -6.19
CA HIS F 213 37.90 -14.77 -6.50
C HIS F 213 38.00 -13.55 -7.41
N SER F 214 39.17 -13.24 -7.95
CA SER F 214 39.28 -12.15 -8.89
C SER F 214 38.65 -12.54 -10.22
N PRO F 215 37.87 -11.67 -10.84
CA PRO F 215 37.16 -12.03 -12.07
C PRO F 215 38.10 -12.24 -13.24
N ARG F 216 37.74 -13.17 -14.11
CA ARG F 216 38.49 -13.42 -15.33
C ARG F 216 38.23 -12.32 -16.35
N LEU F 217 38.97 -12.37 -17.45
CA LEU F 217 38.78 -11.37 -18.50
C LEU F 217 37.62 -11.78 -19.40
N PRO F 218 36.73 -10.83 -19.74
CA PRO F 218 35.63 -11.17 -20.64
C PRO F 218 36.15 -11.45 -22.04
N PRO F 219 35.44 -12.27 -22.81
CA PRO F 219 35.86 -12.52 -24.19
C PRO F 219 35.66 -11.29 -25.06
N ILE F 220 36.27 -11.32 -26.24
CA ILE F 220 36.28 -10.18 -27.14
C ILE F 220 35.69 -10.57 -28.49
N PRO F 221 34.52 -10.07 -28.86
CA PRO F 221 33.96 -10.36 -30.19
C PRO F 221 34.87 -9.79 -31.28
N GLU F 222 35.11 -10.61 -32.30
CA GLU F 222 36.00 -10.23 -33.39
C GLU F 222 35.24 -9.45 -34.46
N ALA F 223 35.91 -8.44 -35.01
CA ALA F 223 35.31 -7.55 -36.00
C ALA F 223 34.05 -6.89 -35.47
N LYS F 224 34.04 -6.62 -34.16
CA LYS F 224 32.93 -5.97 -33.47
C LYS F 224 33.49 -5.10 -32.35
N PRO F 225 33.26 -3.79 -32.40
CA PRO F 225 33.77 -2.92 -31.34
C PRO F 225 33.23 -3.31 -29.97
N VAL F 226 34.15 -3.44 -29.01
CA VAL F 226 33.77 -3.78 -27.63
C VAL F 226 33.21 -2.51 -26.98
N THR F 227 31.91 -2.50 -26.75
CA THR F 227 31.21 -1.29 -26.34
C THR F 227 31.22 -1.13 -24.82
N THR F 228 31.02 0.11 -24.40
CA THR F 228 30.75 0.41 -23.00
C THR F 228 29.28 0.17 -22.69
N SER F 229 29.02 -0.35 -21.50
CA SER F 229 27.66 -0.61 -21.07
C SER F 229 27.01 0.68 -20.60
N LYS F 230 25.78 0.92 -21.05
CA LYS F 230 25.02 2.11 -20.67
C LYS F 230 23.98 1.72 -19.63
N THR F 231 24.00 2.42 -18.51
CA THR F 231 23.10 2.11 -17.41
C THR F 231 21.78 2.86 -17.58
N HIS F 232 20.83 2.55 -16.70
CA HIS F 232 19.46 3.00 -16.82
C HIS F 232 19.26 4.36 -16.15
N TRP F 233 18.10 4.95 -16.40
CA TRP F 233 17.72 6.26 -15.89
C TRP F 233 16.58 6.11 -14.89
N TYR F 234 16.60 6.90 -13.82
CA TYR F 234 15.65 6.76 -12.74
C TYR F 234 15.06 8.10 -12.35
N TYR F 235 13.78 8.08 -11.97
CA TYR F 235 13.19 9.15 -11.18
C TYR F 235 13.42 8.82 -9.71
N PHE F 236 13.73 9.83 -8.91
CA PHE F 236 14.17 9.58 -7.55
C PHE F 236 13.53 10.57 -6.59
N LYS F 237 13.66 10.27 -5.30
CA LYS F 237 13.23 11.14 -4.22
C LYS F 237 14.30 11.12 -3.14
N ILE F 238 14.29 12.12 -2.28
CA ILE F 238 15.30 12.30 -1.25
C ILE F 238 14.82 11.63 0.03
N PRO F 239 15.64 10.79 0.66
CA PRO F 239 15.22 10.16 1.92
C PRO F 239 14.99 11.20 3.01
N GLY F 240 14.05 10.90 3.90
CA GLY F 240 13.80 11.73 5.05
C GLY F 240 13.12 13.05 4.76
N LEU F 241 12.42 13.16 3.63
CA LEU F 241 11.76 14.41 3.26
C LEU F 241 10.25 14.30 3.13
N ASN F 242 9.70 13.10 2.93
CA ASN F 242 8.27 12.83 2.87
C ASN F 242 7.62 13.43 1.63
N SER F 243 8.41 13.88 0.65
CA SER F 243 7.86 14.48 -0.56
C SER F 243 7.06 13.46 -1.37
N ARG F 244 6.31 13.97 -2.34
CA ARG F 244 5.46 13.15 -3.19
C ARG F 244 5.59 13.60 -4.65
N GLN F 245 6.81 13.82 -5.10
CA GLN F 245 7.07 14.27 -6.47
C GLN F 245 8.39 13.70 -6.95
N TRP F 246 8.36 12.98 -8.07
CA TRP F 246 9.58 12.44 -8.66
C TRP F 246 10.27 13.56 -9.43
N LYS F 247 11.53 13.82 -9.08
CA LYS F 247 12.24 15.01 -9.55
C LYS F 247 13.31 14.61 -10.56
N GLY F 248 12.92 14.59 -11.84
CA GLY F 248 13.86 14.53 -12.93
C GLY F 248 14.50 13.17 -13.13
N PRO F 249 14.67 12.78 -14.38
CA PRO F 249 15.39 11.53 -14.67
C PRO F 249 16.89 11.76 -14.71
N GLN F 250 17.62 10.96 -13.93
CA GLN F 250 19.07 11.04 -13.82
C GLN F 250 19.67 9.71 -14.27
N ARG F 251 20.98 9.59 -14.11
CA ARG F 251 21.71 8.36 -14.44
C ARG F 251 22.29 7.75 -13.18
N ALA F 252 22.25 6.42 -13.11
CA ALA F 252 22.85 5.70 -11.99
C ALA F 252 24.31 5.40 -12.30
N LEU F 253 25.19 5.79 -11.39
CA LEU F 253 26.62 5.52 -11.57
C LEU F 253 26.97 4.12 -11.10
N GLN F 254 26.72 3.83 -9.83
CA GLN F 254 27.04 2.55 -9.23
C GLN F 254 25.78 1.95 -8.64
N GLU F 255 25.77 0.62 -8.50
CA GLU F 255 24.64 -0.10 -7.97
C GLU F 255 25.12 -1.18 -7.01
N ALA F 256 24.27 -1.48 -6.03
CA ALA F 256 24.55 -2.50 -5.02
C ALA F 256 23.23 -3.17 -4.66
N ALA F 257 23.24 -3.88 -3.55
CA ALA F 257 22.00 -4.46 -3.02
C ALA F 257 21.29 -3.42 -2.18
N GLY F 258 20.06 -3.09 -2.54
CA GLY F 258 19.27 -2.17 -1.75
C GLY F 258 19.75 -0.75 -1.72
N ALA F 259 20.27 -0.25 -2.85
CA ALA F 259 20.68 1.14 -2.99
C ALA F 259 21.12 1.38 -4.43
N ALA F 260 21.40 2.64 -4.74
CA ALA F 260 21.94 3.03 -6.02
C ALA F 260 22.53 4.44 -5.90
N LEU F 261 23.69 4.66 -6.51
CA LEU F 261 24.37 5.94 -6.43
C LEU F 261 23.81 6.88 -7.49
N ILE F 262 23.13 7.93 -7.05
CA ILE F 262 22.44 8.85 -7.93
C ILE F 262 22.99 10.25 -7.70
N PRO F 263 23.50 10.94 -8.72
CA PRO F 263 23.91 12.33 -8.57
C PRO F 263 22.71 13.25 -8.52
N VAL F 264 22.33 13.66 -7.31
CA VAL F 264 21.16 14.51 -7.15
C VAL F 264 21.40 15.87 -7.78
N SER F 265 22.62 16.38 -7.67
CA SER F 265 23.07 17.58 -8.35
C SER F 265 24.39 17.27 -9.07
N ASP F 266 25.01 18.31 -9.63
CA ASP F 266 26.35 18.18 -10.20
C ASP F 266 27.44 18.52 -9.21
N THR F 267 27.17 18.38 -7.92
CA THR F 267 28.13 18.63 -6.86
C THR F 267 28.31 17.44 -5.93
N ALA F 268 27.24 16.71 -5.61
CA ALA F 268 27.31 15.59 -4.69
C ALA F 268 26.44 14.46 -5.21
N ALA F 269 26.74 13.25 -4.74
CA ALA F 269 26.02 12.04 -5.11
C ALA F 269 25.60 11.32 -3.86
N GLN F 270 24.42 10.70 -3.91
CA GLN F 270 23.79 10.10 -2.74
C GLN F 270 23.33 8.69 -3.07
N TRP F 271 23.25 7.85 -2.03
CA TRP F 271 22.78 6.47 -2.17
C TRP F 271 21.29 6.43 -1.89
N ILE F 272 20.49 6.24 -2.92
CA ILE F 272 19.04 6.21 -2.83
C ILE F 272 18.57 4.76 -2.74
N PRO F 273 17.77 4.39 -1.74
CA PRO F 273 17.26 3.01 -1.68
C PRO F 273 16.35 2.67 -2.86
N TRP F 274 15.97 1.41 -3.00
CA TRP F 274 15.15 1.02 -4.15
C TRP F 274 13.69 1.43 -4.00
N LYS F 275 13.23 1.67 -2.77
CA LYS F 275 11.84 2.08 -2.60
C LYS F 275 11.59 3.49 -3.10
N LEU F 276 12.64 4.28 -3.28
CA LEU F 276 12.53 5.66 -3.73
C LEU F 276 13.04 5.85 -5.16
N LEU F 277 13.10 4.79 -5.94
CA LEU F 277 13.59 4.84 -7.31
C LEU F 277 12.56 4.25 -8.26
N LYS F 278 12.42 4.88 -9.42
CA LYS F 278 11.47 4.44 -10.44
C LYS F 278 12.14 4.52 -11.79
N ARG F 279 12.12 3.41 -12.54
CA ARG F 279 12.77 3.35 -13.83
C ARG F 279 12.08 4.29 -14.83
N ALA F 280 12.84 4.73 -15.83
CA ALA F 280 12.34 5.65 -16.83
C ALA F 280 12.86 5.21 -18.20
N VAL F 281 12.67 6.08 -19.20
CA VAL F 281 13.16 5.88 -20.55
C VAL F 281 14.02 7.09 -20.91
N CYS F 282 15.11 6.85 -21.65
CA CYS F 282 16.06 7.86 -22.09
C CYS F 282 15.33 9.07 -22.68
N PRO F 283 15.85 10.29 -22.49
CA PRO F 283 15.08 11.48 -22.86
C PRO F 283 15.03 11.74 -24.36
N ARG F 284 16.11 11.42 -25.07
CA ARG F 284 16.23 11.69 -26.50
C ARG F 284 15.97 13.17 -26.82
N SER G 7 -21.97 28.90 17.45
CA SER G 7 -20.73 29.36 16.84
C SER G 7 -19.76 28.19 16.68
N PRO G 8 -19.07 28.15 15.53
CA PRO G 8 -18.16 27.03 15.23
C PRO G 8 -17.34 26.53 16.41
N ALA G 9 -16.69 27.45 17.14
CA ALA G 9 -15.80 27.05 18.22
C ALA G 9 -16.54 26.34 19.35
N LYS G 10 -17.75 26.77 19.68
CA LYS G 10 -18.52 26.14 20.75
C LYS G 10 -19.21 24.88 20.27
N LEU G 11 -19.62 24.85 19.01
CA LEU G 11 -20.16 23.62 18.43
C LEU G 11 -19.12 22.51 18.45
N HIS G 12 -17.88 22.82 18.04
CA HIS G 12 -16.85 21.80 18.11
C HIS G 12 -16.47 21.49 19.55
N SER G 13 -16.41 22.51 20.42
CA SER G 13 -16.11 22.25 21.82
C SER G 13 -17.15 21.37 22.49
N PHE G 14 -18.37 21.28 21.93
CA PHE G 14 -19.38 20.40 22.50
C PHE G 14 -19.40 19.01 21.85
N THR G 15 -19.38 18.97 20.52
CA THR G 15 -19.63 17.74 19.78
C THR G 15 -18.41 17.16 19.10
N HIS G 16 -17.34 17.94 18.92
CA HIS G 16 -16.14 17.51 18.22
C HIS G 16 -16.45 17.06 16.79
N CYS G 17 -17.25 17.85 16.09
CA CYS G 17 -17.59 17.53 14.71
C CYS G 17 -16.38 17.77 13.81
N GLY G 18 -16.54 17.45 12.53
CA GLY G 18 -15.46 17.53 11.57
C GLY G 18 -15.31 18.89 10.93
N GLN G 19 -14.66 18.91 9.78
CA GLN G 19 -14.42 20.14 9.05
C GLN G 19 -15.61 20.55 8.20
N ALA G 20 -16.16 19.61 7.42
CA ALA G 20 -17.22 19.92 6.48
C ALA G 20 -18.50 20.27 7.22
N ALA G 21 -18.51 20.06 8.53
CA ALA G 21 -19.63 20.46 9.36
C ALA G 21 -19.53 21.89 9.85
N LEU G 22 -18.31 22.39 10.08
CA LEU G 22 -18.14 23.73 10.63
C LEU G 22 -18.30 24.83 9.59
N THR G 23 -18.10 24.52 8.31
CA THR G 23 -18.38 25.50 7.27
C THR G 23 -19.88 25.65 7.05
N LEU G 24 -20.64 24.58 7.26
CA LEU G 24 -22.09 24.62 7.13
C LEU G 24 -22.78 25.28 8.32
N HIS G 25 -22.02 25.88 9.23
CA HIS G 25 -22.57 26.69 10.30
C HIS G 25 -21.94 28.08 10.33
N GLY G 26 -21.17 28.43 9.31
CA GLY G 26 -20.57 29.75 9.21
C GLY G 26 -19.12 29.75 9.62
N ALA G 27 -18.22 29.68 8.63
CA ALA G 27 -16.78 29.62 8.86
C ALA G 27 -16.04 29.53 7.54
N THR G 28 -14.88 30.19 7.44
CA THR G 28 -14.01 29.94 6.31
C THR G 28 -13.34 28.58 6.45
N THR G 29 -12.93 28.03 5.31
CA THR G 29 -12.32 26.70 5.32
C THR G 29 -11.02 26.69 6.12
N THR G 30 -10.19 27.72 5.96
CA THR G 30 -8.94 27.78 6.69
C THR G 30 -9.17 27.90 8.19
N GLU G 31 -10.22 28.63 8.59
CA GLU G 31 -10.50 28.76 10.01
C GLU G 31 -10.94 27.44 10.62
N ALA G 32 -11.78 26.69 9.91
CA ALA G 32 -12.15 25.36 10.38
C ALA G 32 -10.94 24.44 10.45
N LEU G 33 -10.04 24.56 9.47
CA LEU G 33 -8.81 23.77 9.49
C LEU G 33 -7.98 24.10 10.73
N ASN G 34 -7.86 25.38 11.06
CA ASN G 34 -7.13 25.77 12.27
C ASN G 34 -7.83 25.28 13.53
N ILE G 35 -9.16 25.35 13.56
CA ILE G 35 -9.93 24.89 14.72
C ILE G 35 -9.67 23.41 14.96
N LEU G 36 -9.63 22.62 13.88
CA LEU G 36 -9.35 21.20 14.02
C LEU G 36 -7.90 20.95 14.42
N HIS G 37 -6.96 21.60 13.74
CA HIS G 37 -5.55 21.39 14.02
C HIS G 37 -5.13 21.87 15.40
N SER G 38 -5.95 22.69 16.06
CA SER G 38 -5.60 23.18 17.39
C SER G 38 -6.16 22.31 18.50
N CYS G 39 -7.30 21.66 18.29
CA CYS G 39 -7.91 20.83 19.32
C CYS G 39 -6.97 19.71 19.73
N HIS G 40 -6.77 19.56 21.04
CA HIS G 40 -5.86 18.55 21.57
C HIS G 40 -6.53 17.22 21.85
N ALA G 41 -7.84 17.22 22.11
CA ALA G 41 -8.54 15.96 22.33
C ALA G 41 -8.78 15.22 21.03
N CYS G 42 -8.80 15.92 19.90
CA CYS G 42 -8.98 15.28 18.61
C CYS G 42 -7.67 14.83 18.00
N ARG G 43 -6.54 15.39 18.42
CA ARG G 43 -5.25 14.90 17.95
C ARG G 43 -4.63 13.89 18.91
N LYS G 44 -4.98 13.94 20.19
CA LYS G 44 -4.54 12.91 21.11
C LYS G 44 -5.16 11.55 20.83
N ASN G 45 -6.27 11.50 20.12
CA ASN G 45 -7.03 10.27 19.97
C ASN G 45 -7.06 9.71 18.55
N ASN G 46 -6.84 10.54 17.54
CA ASN G 46 -6.78 10.03 16.18
C ASN G 46 -5.50 9.24 15.98
N PRO G 47 -5.57 7.96 15.61
CA PRO G 47 -4.34 7.18 15.40
C PRO G 47 -3.64 7.47 14.09
N GLN G 48 -4.19 8.32 13.25
CA GLN G 48 -3.59 8.64 11.96
C GLN G 48 -2.59 9.76 12.11
N HIS G 49 -1.39 9.56 11.56
CA HIS G 49 -0.35 10.57 11.57
C HIS G 49 0.36 10.53 10.21
N GLN G 50 1.36 11.40 10.05
CA GLN G 50 2.06 11.48 8.77
C GLN G 50 3.48 11.98 9.03
N MET G 51 4.43 11.06 9.05
CA MET G 51 5.84 11.32 9.30
C MET G 51 6.68 10.69 8.20
N PRO G 52 7.90 11.18 7.99
CA PRO G 52 8.76 10.59 6.98
C PRO G 52 9.20 9.19 7.38
N ARG G 53 9.67 8.44 6.39
CA ARG G 53 10.10 7.06 6.58
C ARG G 53 11.62 6.99 6.73
N GLY G 54 12.08 6.11 7.61
CA GLY G 54 13.49 5.92 7.84
C GLY G 54 14.04 4.68 7.17
N HIS G 55 15.34 4.73 6.88
CA HIS G 55 16.03 3.65 6.19
C HIS G 55 17.30 3.31 6.96
N ILE G 56 17.63 2.02 7.05
CA ILE G 56 18.77 1.60 7.84
C ILE G 56 20.07 2.15 7.24
N ARG G 57 21.13 2.11 8.03
CA ARG G 57 22.44 2.54 7.58
C ARG G 57 23.10 1.44 6.77
N ARG G 58 23.69 1.83 5.63
CA ARG G 58 24.30 0.87 4.73
C ARG G 58 25.74 1.28 4.44
N GLY G 59 26.55 0.28 4.12
CA GLY G 59 27.95 0.53 3.87
C GLY G 59 28.21 1.22 2.55
N LEU G 60 29.40 1.80 2.44
CA LEU G 60 29.85 2.44 1.21
C LEU G 60 30.67 1.52 0.34
N LEU G 61 31.00 0.33 0.83
CA LEU G 61 31.81 -0.66 0.12
C LEU G 61 31.78 -1.95 0.92
N PRO G 62 32.10 -3.09 0.31
CA PRO G 62 31.95 -4.37 1.00
C PRO G 62 32.74 -4.43 2.30
N ASN G 63 32.17 -5.16 3.27
CA ASN G 63 32.79 -5.37 4.57
C ASN G 63 32.99 -4.07 5.34
N HIS G 64 31.97 -3.21 5.30
CA HIS G 64 31.95 -1.97 6.06
C HIS G 64 30.99 -2.04 7.23
N ILE G 65 29.77 -2.51 7.01
CA ILE G 65 28.76 -2.63 8.06
C ILE G 65 28.09 -3.99 7.93
N TRP G 66 27.92 -4.67 9.06
CA TRP G 66 27.24 -5.96 9.13
C TRP G 66 26.09 -5.89 10.11
N GLN G 67 25.08 -6.73 9.90
CA GLN G 67 23.99 -6.89 10.85
C GLN G 67 23.91 -8.34 11.28
N GLY G 68 23.73 -8.57 12.59
CA GLY G 68 23.71 -9.91 13.11
C GLY G 68 22.48 -10.22 13.91
N ASP G 69 22.14 -11.51 14.04
CA ASP G 69 20.89 -11.90 14.67
C ASP G 69 20.95 -13.39 15.00
N ILE G 70 19.95 -13.84 15.75
CA ILE G 70 19.74 -15.27 16.01
C ILE G 70 18.30 -15.61 15.71
N THR G 71 18.05 -16.88 15.42
CA THR G 71 16.73 -17.34 15.04
C THR G 71 16.54 -18.77 15.53
N HIS G 72 15.30 -19.12 15.84
CA HIS G 72 14.98 -20.48 16.23
C HIS G 72 14.60 -21.30 15.00
N PHE G 73 14.83 -22.61 15.10
CA PHE G 73 14.40 -23.52 14.04
C PHE G 73 14.04 -24.86 14.68
N LYS G 74 12.79 -25.28 14.50
CA LYS G 74 12.27 -26.50 15.10
C LYS G 74 12.47 -27.65 14.13
N TYR G 75 13.41 -28.55 14.43
CA TYR G 75 13.71 -29.68 13.57
C TYR G 75 13.87 -30.94 14.41
N LYS G 76 13.04 -31.95 14.14
CA LYS G 76 13.16 -33.27 14.76
C LYS G 76 13.19 -33.17 16.28
N ASN G 77 12.23 -32.42 16.82
CA ASN G 77 12.03 -32.22 18.26
C ASN G 77 13.17 -31.46 18.92
N THR G 78 14.11 -30.92 18.13
CA THR G 78 15.20 -30.12 18.65
C THR G 78 15.03 -28.67 18.19
N LEU G 79 15.46 -27.75 19.05
CA LEU G 79 15.29 -26.31 18.79
C LEU G 79 16.66 -25.71 18.49
N TYR G 80 17.06 -25.75 17.23
CA TYR G 80 18.34 -25.20 16.83
C TYR G 80 18.32 -23.68 16.87
N ARG G 81 19.47 -23.10 17.18
CA ARG G 81 19.67 -21.65 17.16
C ARG G 81 20.59 -21.32 15.98
N LEU G 82 20.05 -20.68 14.96
CA LEU G 82 20.82 -20.22 13.81
C LEU G 82 21.33 -18.82 14.07
N HIS G 83 22.64 -18.66 14.08
CA HIS G 83 23.26 -17.34 14.19
C HIS G 83 23.58 -16.84 12.79
N VAL G 84 23.07 -15.66 12.45
CA VAL G 84 23.14 -15.14 11.09
C VAL G 84 23.85 -13.80 11.10
N TRP G 85 24.75 -13.60 10.13
CA TRP G 85 25.46 -12.34 9.95
C TRP G 85 25.39 -11.97 8.48
N VAL G 86 24.88 -10.78 8.17
CA VAL G 86 24.62 -10.38 6.80
C VAL G 86 25.30 -9.04 6.53
N ASP G 87 25.96 -8.96 5.38
CA ASP G 87 26.61 -7.72 4.94
C ASP G 87 25.57 -6.81 4.30
N THR G 88 25.71 -5.50 4.52
CA THR G 88 24.70 -4.56 4.06
C THR G 88 24.96 -4.06 2.65
N PHE G 89 26.21 -3.99 2.21
CA PHE G 89 26.48 -3.49 0.87
C PHE G 89 26.04 -4.49 -0.19
N SER G 90 26.59 -5.71 -0.15
CA SER G 90 26.28 -6.71 -1.15
C SER G 90 25.13 -7.62 -0.75
N GLY G 91 24.97 -7.91 0.53
CA GLY G 91 23.94 -8.80 0.98
C GLY G 91 24.39 -10.22 1.28
N SER G 92 25.70 -10.47 1.30
CA SER G 92 26.20 -11.82 1.52
C SER G 92 25.88 -12.28 2.93
N VAL G 93 25.50 -13.54 3.06
CA VAL G 93 25.03 -14.09 4.31
C VAL G 93 26.00 -15.16 4.80
N SER G 94 26.10 -15.29 6.12
CA SER G 94 26.79 -16.39 6.76
C SER G 94 25.96 -16.86 7.93
N ALA G 95 25.96 -18.17 8.18
CA ALA G 95 25.07 -18.71 9.18
C ALA G 95 25.60 -20.04 9.70
N THR G 96 25.51 -20.22 11.02
CA THR G 96 25.94 -21.45 11.68
C THR G 96 24.85 -21.86 12.67
N HIS G 97 24.70 -23.16 12.86
CA HIS G 97 23.70 -23.70 13.77
C HIS G 97 24.36 -24.12 15.07
N LYS G 98 23.81 -23.64 16.19
CA LYS G 98 24.28 -23.98 17.52
C LYS G 98 23.15 -24.63 18.32
N LYS G 99 23.50 -25.13 19.49
CA LYS G 99 22.52 -25.80 20.34
C LYS G 99 21.78 -24.82 21.25
N ARG G 100 22.47 -23.83 21.80
CA ARG G 100 21.86 -22.86 22.70
C ARG G 100 22.52 -21.51 22.49
N GLU G 101 22.02 -20.50 23.21
CA GLU G 101 22.50 -19.14 23.09
C GLU G 101 23.36 -18.78 24.28
N THR G 102 24.59 -18.33 24.00
CA THR G 102 25.52 -17.87 25.02
C THR G 102 26.52 -16.94 24.32
N SER G 103 27.33 -16.25 25.12
CA SER G 103 28.32 -15.36 24.53
C SER G 103 29.40 -16.14 23.78
N SER G 104 29.75 -17.33 24.27
CA SER G 104 30.74 -18.14 23.56
C SER G 104 30.25 -18.54 22.18
N GLU G 105 28.97 -18.89 22.07
CA GLU G 105 28.39 -19.21 20.77
C GLU G 105 28.42 -18.01 19.84
N ALA G 106 28.12 -16.82 20.37
CA ALA G 106 28.18 -15.61 19.56
C ALA G 106 29.58 -15.36 19.05
N ILE G 107 30.58 -15.52 19.91
CA ILE G 107 31.97 -15.29 19.50
C ILE G 107 32.36 -16.28 18.41
N SER G 108 32.04 -17.56 18.61
CA SER G 108 32.41 -18.56 17.62
C SER G 108 31.72 -18.30 16.29
N SER G 109 30.45 -17.89 16.32
CA SER G 109 29.73 -17.60 15.08
C SER G 109 30.31 -16.39 14.37
N LEU G 110 30.67 -15.36 15.13
CA LEU G 110 31.30 -14.19 14.51
C LEU G 110 32.63 -14.55 13.86
N LEU G 111 33.41 -15.43 14.51
CA LEU G 111 34.68 -15.83 13.91
C LEU G 111 34.48 -16.68 12.67
N HIS G 112 33.46 -17.56 12.69
CA HIS G 112 33.07 -18.26 11.47
C HIS G 112 32.79 -17.28 10.34
N ALA G 113 32.01 -16.25 10.65
CA ALA G 113 31.63 -15.26 9.64
C ALA G 113 32.86 -14.52 9.11
N ILE G 114 33.79 -14.17 10.01
CA ILE G 114 34.99 -13.46 9.59
C ILE G 114 35.84 -14.35 8.69
N ALA G 115 35.95 -15.64 9.02
CA ALA G 115 36.70 -16.55 8.18
C ALA G 115 36.06 -16.71 6.81
N HIS G 116 34.73 -16.66 6.75
CA HIS G 116 34.05 -16.85 5.47
C HIS G 116 34.05 -15.60 4.60
N LEU G 117 33.85 -14.42 5.18
CA LEU G 117 33.67 -13.19 4.41
C LEU G 117 34.83 -12.22 4.49
N GLY G 118 35.45 -12.05 5.66
CA GLY G 118 36.46 -11.05 5.89
C GLY G 118 36.18 -10.31 7.17
N ARG G 119 36.98 -9.27 7.43
CA ARG G 119 36.80 -8.55 8.68
C ARG G 119 35.95 -7.31 8.47
N PRO G 120 34.91 -7.10 9.25
CA PRO G 120 34.10 -5.88 9.13
C PRO G 120 34.59 -4.76 10.02
N SER G 121 34.31 -3.53 9.58
CA SER G 121 34.62 -2.36 10.40
C SER G 121 33.64 -2.22 11.56
N HIS G 122 32.35 -2.11 11.25
CA HIS G 122 31.30 -1.94 12.25
C HIS G 122 30.30 -3.08 12.17
N ILE G 123 29.84 -3.54 13.33
CA ILE G 123 28.70 -4.44 13.44
C ILE G 123 27.68 -3.83 14.39
N ASN G 124 26.41 -3.88 14.01
CA ASN G 124 25.33 -3.39 14.86
C ASN G 124 24.26 -4.45 15.00
N THR G 125 23.97 -4.85 16.23
CA THR G 125 22.96 -5.85 16.54
C THR G 125 22.01 -5.26 17.58
N ASP G 126 20.98 -6.03 17.93
CA ASP G 126 20.02 -5.58 18.92
C ASP G 126 20.63 -5.64 20.32
N ASN G 127 19.83 -5.27 21.32
CA ASN G 127 20.28 -5.25 22.72
C ASN G 127 19.91 -6.56 23.42
N GLY G 128 20.48 -7.66 22.93
CA GLY G 128 20.22 -8.95 23.50
C GLY G 128 21.04 -9.19 24.75
N PRO G 129 20.80 -10.34 25.38
CA PRO G 129 21.55 -10.73 26.58
C PRO G 129 22.86 -11.44 26.28
N ALA G 130 23.13 -11.78 25.03
CA ALA G 130 24.37 -12.41 24.63
C ALA G 130 25.19 -11.56 23.68
N TYR G 131 24.67 -10.41 23.25
CA TYR G 131 25.40 -9.49 22.39
C TYR G 131 25.96 -8.29 23.13
N ALA G 132 25.54 -8.07 24.38
CA ALA G 132 26.02 -6.97 25.19
C ALA G 132 26.96 -7.41 26.30
N SER G 133 27.29 -8.70 26.35
CA SER G 133 28.09 -9.24 27.44
C SER G 133 29.54 -8.77 27.34
N GLN G 134 30.25 -8.91 28.47
CA GLN G 134 31.65 -8.51 28.55
C GLN G 134 32.54 -9.40 27.70
N GLU G 135 32.24 -10.69 27.61
CA GLU G 135 33.02 -11.57 26.73
C GLU G 135 32.92 -11.11 25.28
N PHE G 136 31.71 -10.81 24.82
CA PHE G 136 31.54 -10.36 23.44
C PHE G 136 32.21 -9.01 23.20
N GLN G 137 32.11 -8.10 24.17
CA GLN G 137 32.77 -6.80 24.03
C GLN G 137 34.29 -6.97 23.93
N HIS G 138 34.86 -7.81 24.79
CA HIS G 138 36.30 -8.06 24.73
C HIS G 138 36.70 -8.69 23.41
N ALA G 139 35.88 -9.62 22.90
CA ALA G 139 36.17 -10.24 21.62
C ALA G 139 36.14 -9.22 20.49
N CYS G 140 35.15 -8.33 20.49
CA CYS G 140 35.06 -7.30 19.46
C CYS G 140 36.25 -6.36 19.52
N THR G 141 36.65 -5.94 20.73
CA THR G 141 37.80 -5.07 20.87
C THR G 141 39.11 -5.75 20.51
N SER G 142 39.17 -7.08 20.59
CA SER G 142 40.37 -7.79 20.19
C SER G 142 40.59 -7.77 18.69
N LEU G 143 39.57 -7.41 17.91
CA LEU G 143 39.65 -7.39 16.46
C LEU G 143 39.49 -5.99 15.88
N ALA G 144 39.36 -4.96 16.71
CA ALA G 144 39.10 -3.59 16.27
C ALA G 144 37.82 -3.52 15.45
N ILE G 145 36.73 -3.94 16.09
CA ILE G 145 35.39 -3.95 15.49
C ILE G 145 34.47 -3.16 16.40
N ARG G 146 33.89 -2.09 15.87
CA ARG G 146 32.96 -1.29 16.64
C ARG G 146 31.60 -1.98 16.74
N HIS G 147 31.00 -1.90 17.91
CA HIS G 147 29.73 -2.56 18.19
C HIS G 147 28.74 -1.54 18.73
N THR G 148 27.74 -1.19 17.93
CA THR G 148 26.63 -0.35 18.36
C THR G 148 25.37 -1.20 18.47
N THR G 149 24.31 -0.59 19.00
CA THR G 149 23.05 -1.29 19.20
C THR G 149 21.92 -0.43 18.64
N HIS G 150 20.71 -0.97 18.72
CA HIS G 150 19.51 -0.30 18.22
C HIS G 150 18.65 0.17 19.39
N ILE G 151 17.51 0.76 19.06
CA ILE G 151 16.52 1.13 20.08
C ILE G 151 15.88 -0.14 20.62
N PRO G 152 15.84 -0.34 21.92
CA PRO G 152 15.13 -1.52 22.43
C PRO G 152 13.65 -1.54 22.03
N TYR G 153 13.15 -2.73 21.72
CA TYR G 153 11.79 -2.98 21.28
C TYR G 153 11.40 -2.37 19.93
N ASN G 154 12.36 -2.16 19.03
CA ASN G 154 12.06 -1.72 17.67
C ASN G 154 12.58 -2.78 16.70
N PRO G 155 11.80 -3.81 16.39
CA PRO G 155 12.33 -4.92 15.57
C PRO G 155 12.49 -4.59 14.10
N THR G 156 12.13 -3.38 13.66
CA THR G 156 12.27 -3.00 12.26
C THR G 156 13.55 -2.24 11.99
N SER G 157 14.39 -2.04 12.99
CA SER G 157 15.70 -1.43 12.76
C SER G 157 16.74 -2.44 12.31
N SER G 158 16.39 -3.72 12.31
CA SER G 158 17.23 -4.77 11.77
C SER G 158 16.48 -5.46 10.64
N GLY G 159 15.89 -4.66 9.75
CA GLY G 159 15.04 -5.21 8.71
C GLY G 159 15.76 -6.18 7.79
N LEU G 160 17.01 -5.86 7.43
CA LEU G 160 17.74 -6.69 6.49
C LEU G 160 18.00 -8.08 7.05
N VAL G 161 18.46 -8.17 8.29
CA VAL G 161 18.80 -9.47 8.84
C VAL G 161 17.54 -10.27 9.16
N GLU G 162 16.43 -9.61 9.48
CA GLU G 162 15.18 -10.34 9.71
C GLU G 162 14.61 -10.88 8.41
N ARG G 163 14.64 -10.07 7.36
CA ARG G 163 14.24 -10.56 6.04
C ARG G 163 15.13 -11.73 5.61
N THR G 164 16.42 -11.66 5.95
CA THR G 164 17.33 -12.75 5.60
C THR G 164 17.01 -14.01 6.40
N ASN G 165 16.64 -13.87 7.68
CA ASN G 165 16.17 -15.03 8.44
C ASN G 165 14.97 -15.66 7.77
N GLY G 166 14.04 -14.83 7.30
CA GLY G 166 12.87 -15.36 6.61
C GLY G 166 13.24 -16.14 5.36
N ILE G 167 14.12 -15.56 4.53
CA ILE G 167 14.55 -16.23 3.30
C ILE G 167 15.23 -17.56 3.63
N LEU G 168 16.11 -17.55 4.62
CA LEU G 168 16.87 -18.75 4.96
C LEU G 168 15.95 -19.86 5.45
N LYS G 169 15.00 -19.52 6.32
CA LYS G 169 14.07 -20.54 6.80
C LYS G 169 13.17 -21.04 5.67
N THR G 170 12.76 -20.16 4.75
CA THR G 170 11.94 -20.63 3.63
C THR G 170 12.70 -21.64 2.78
N LEU G 171 13.98 -21.36 2.50
CA LEU G 171 14.78 -22.33 1.74
C LEU G 171 14.93 -23.64 2.50
N LEU G 172 15.16 -23.56 3.81
CA LEU G 172 15.29 -24.78 4.60
C LEU G 172 14.01 -25.61 4.56
N TYR G 173 12.84 -24.96 4.63
CA TYR G 173 11.59 -25.69 4.56
C TYR G 173 11.39 -26.33 3.19
N LYS G 174 11.76 -25.62 2.12
CA LYS G 174 11.69 -26.21 0.79
C LYS G 174 12.56 -27.46 0.71
N TYR G 175 13.74 -27.43 1.35
CA TYR G 175 14.62 -28.59 1.33
C TYR G 175 14.04 -29.75 2.12
N PHE G 176 13.59 -29.48 3.34
CA PHE G 176 13.06 -30.55 4.18
C PHE G 176 11.73 -31.11 3.69
N SER G 177 11.05 -30.41 2.78
CA SER G 177 9.85 -30.99 2.19
C SER G 177 10.15 -32.25 1.39
N ASP G 178 11.33 -32.32 0.76
CA ASP G 178 11.67 -33.44 -0.11
C ASP G 178 12.29 -34.60 0.65
N ASN G 179 13.24 -34.33 1.54
CA ASN G 179 13.99 -35.36 2.26
C ASN G 179 13.86 -35.09 3.74
N PRO G 180 12.82 -35.60 4.37
CA PRO G 180 12.61 -35.35 5.81
C PRO G 180 13.67 -35.99 6.70
N ASN G 181 14.63 -36.70 6.11
CA ASN G 181 15.73 -37.28 6.86
C ASN G 181 17.06 -36.59 6.59
N LEU G 182 17.07 -35.53 5.79
CA LEU G 182 18.30 -34.82 5.49
C LEU G 182 18.90 -34.22 6.76
N PRO G 183 20.21 -34.30 6.96
CA PRO G 183 20.81 -33.70 8.14
C PRO G 183 20.78 -32.18 8.08
N MET G 184 21.10 -31.56 9.23
CA MET G 184 20.93 -30.12 9.37
C MET G 184 22.07 -29.34 8.74
N ASP G 185 23.31 -29.78 8.94
CA ASP G 185 24.46 -29.05 8.40
C ASP G 185 24.47 -29.10 6.89
N ASN G 186 24.11 -30.25 6.30
CA ASN G 186 24.02 -30.35 4.86
C ASN G 186 23.00 -29.37 4.30
N ALA G 187 21.83 -29.29 4.93
CA ALA G 187 20.80 -28.36 4.46
C ALA G 187 21.25 -26.92 4.58
N LEU G 188 21.88 -26.56 5.71
CA LEU G 188 22.34 -25.18 5.87
C LEU G 188 23.41 -24.85 4.84
N SER G 189 24.32 -25.78 4.56
CA SER G 189 25.36 -25.52 3.58
C SER G 189 24.80 -25.36 2.18
N VAL G 190 23.83 -26.21 1.81
CA VAL G 190 23.23 -26.08 0.48
C VAL G 190 22.47 -24.76 0.37
N ALA G 191 21.79 -24.35 1.44
CA ALA G 191 21.07 -23.08 1.42
C ALA G 191 22.05 -21.91 1.25
N LEU G 192 23.17 -21.94 1.98
CA LEU G 192 24.14 -20.88 1.87
C LEU G 192 24.74 -20.81 0.48
N TRP G 193 25.07 -21.97 -0.11
CA TRP G 193 25.58 -21.97 -1.47
C TRP G 193 24.56 -21.39 -2.43
N THR G 194 23.30 -21.83 -2.32
CA THR G 194 22.26 -21.33 -3.21
C THR G 194 22.13 -19.81 -3.12
N ILE G 195 22.04 -19.29 -1.89
CA ILE G 195 21.77 -17.87 -1.71
C ILE G 195 22.93 -17.03 -2.20
N ASN G 196 24.16 -17.40 -1.82
CA ASN G 196 25.30 -16.55 -2.15
C ASN G 196 25.72 -16.66 -3.60
N HIS G 197 25.66 -17.86 -4.20
CA HIS G 197 26.24 -18.06 -5.52
C HIS G 197 25.23 -18.21 -6.63
N LEU G 198 24.08 -18.83 -6.40
CA LEU G 198 23.18 -19.16 -7.49
C LEU G 198 22.10 -18.12 -7.72
N ASN G 199 21.52 -17.57 -6.66
CA ASN G 199 20.39 -16.65 -6.81
C ASN G 199 20.86 -15.27 -7.21
N VAL G 200 19.99 -14.54 -7.90
CA VAL G 200 20.28 -13.22 -8.42
C VAL G 200 19.39 -12.20 -7.72
N LEU G 201 19.98 -11.07 -7.34
CA LEU G 201 19.23 -10.01 -6.68
C LEU G 201 18.20 -9.40 -7.61
N THR G 202 17.11 -8.89 -7.04
CA THR G 202 15.94 -8.55 -7.82
C THR G 202 16.16 -7.31 -8.67
N HIS G 203 16.74 -6.26 -8.09
CA HIS G 203 16.77 -4.96 -8.75
C HIS G 203 18.07 -4.66 -9.48
N CYS G 204 19.21 -5.12 -8.99
CA CYS G 204 20.48 -4.87 -9.66
C CYS G 204 20.87 -5.98 -10.62
N GLN G 205 20.30 -7.18 -10.47
CA GLN G 205 20.52 -8.31 -11.36
C GLN G 205 21.99 -8.75 -11.37
N LYS G 206 22.53 -8.93 -10.17
CA LYS G 206 23.82 -9.57 -9.96
C LYS G 206 23.75 -10.39 -8.69
N THR G 207 24.54 -11.45 -8.62
CA THR G 207 24.53 -12.27 -7.42
C THR G 207 25.23 -11.52 -6.28
N ARG G 208 25.01 -12.01 -5.06
CA ARG G 208 25.66 -11.40 -3.91
C ARG G 208 27.16 -11.56 -3.97
N TRP G 209 27.64 -12.67 -4.52
CA TRP G 209 29.07 -12.92 -4.60
C TRP G 209 29.73 -11.97 -5.58
N GLN G 210 29.11 -11.74 -6.75
CA GLN G 210 29.67 -10.83 -7.74
C GLN G 210 29.81 -9.42 -7.18
N LEU G 211 28.88 -8.99 -6.32
CA LEU G 211 29.01 -7.69 -5.70
C LEU G 211 30.08 -7.70 -4.61
N HIS G 212 30.16 -8.78 -3.83
CA HIS G 212 31.13 -8.83 -2.75
C HIS G 212 32.56 -8.82 -3.28
N HIS G 213 32.79 -9.44 -4.43
CA HIS G 213 34.13 -9.51 -5.01
C HIS G 213 34.25 -8.70 -6.30
N SER G 214 33.58 -7.55 -6.34
CA SER G 214 33.70 -6.63 -7.46
C SER G 214 34.97 -5.81 -7.30
N PRO G 215 35.44 -5.18 -8.38
CA PRO G 215 36.60 -4.28 -8.26
C PRO G 215 36.30 -3.13 -7.31
N ARG G 216 37.03 -3.09 -6.20
CA ARG G 216 36.86 -2.04 -5.20
C ARG G 216 37.34 -0.69 -5.67
N LEU G 217 37.76 -0.57 -6.93
CA LEU G 217 38.33 0.68 -7.43
C LEU G 217 37.48 1.91 -7.17
N PRO G 218 36.15 1.89 -7.34
CA PRO G 218 35.35 3.05 -6.93
C PRO G 218 35.56 3.36 -5.46
N PRO G 219 35.97 4.59 -5.13
CA PRO G 219 36.22 4.93 -3.73
C PRO G 219 34.97 5.33 -2.97
N ILE G 220 35.14 5.70 -1.72
CA ILE G 220 34.02 6.09 -0.86
C ILE G 220 33.62 7.53 -1.17
N PRO G 221 32.35 7.80 -1.45
CA PRO G 221 31.90 9.19 -1.49
C PRO G 221 31.97 9.83 -0.11
N GLU G 222 32.36 11.10 -0.09
CA GLU G 222 32.42 11.85 1.16
C GLU G 222 31.03 12.02 1.76
N ALA G 223 30.97 12.09 3.09
CA ALA G 223 29.72 12.22 3.83
C ALA G 223 29.69 13.56 4.57
N LYS G 224 28.58 13.82 5.25
CA LYS G 224 28.39 15.05 6.02
C LYS G 224 27.60 14.76 7.29
N PRO G 225 28.17 15.04 8.46
CA PRO G 225 27.44 14.86 9.72
C PRO G 225 26.50 16.01 10.08
N VAL G 226 26.25 16.94 9.16
CA VAL G 226 25.37 18.06 9.45
C VAL G 226 23.94 17.58 9.57
N THR G 227 23.29 17.92 10.67
CA THR G 227 21.90 17.59 10.92
C THR G 227 21.04 18.85 10.91
N THR G 228 19.73 18.67 11.10
CA THR G 228 18.81 19.79 11.15
C THR G 228 18.97 20.54 12.47
N SER G 229 18.91 21.86 12.40
CA SER G 229 19.25 22.72 13.53
C SER G 229 18.05 23.18 14.34
N LYS G 230 16.84 22.75 14.00
CA LYS G 230 15.64 23.19 14.71
C LYS G 230 14.90 21.98 15.27
N THR G 231 14.07 22.24 16.28
CA THR G 231 13.29 21.21 16.95
C THR G 231 11.81 21.61 16.94
N HIS G 232 10.96 20.64 17.20
CA HIS G 232 9.52 20.86 17.19
C HIS G 232 8.91 20.15 18.38
N TRP G 233 7.57 20.08 18.40
CA TRP G 233 6.83 19.42 19.45
C TRP G 233 6.18 18.15 18.89
N TYR G 234 6.16 17.11 19.70
CA TYR G 234 5.77 15.78 19.21
C TYR G 234 4.88 15.07 20.22
N TYR G 235 3.76 14.55 19.73
CA TYR G 235 3.09 13.46 20.43
C TYR G 235 3.87 12.17 20.20
N PHE G 236 3.93 11.32 21.22
CA PHE G 236 4.81 10.16 21.14
C PHE G 236 4.16 8.94 21.75
N LYS G 237 4.71 7.77 21.42
CA LYS G 237 4.39 6.52 22.07
C LYS G 237 5.68 5.80 22.43
N ILE G 238 5.71 5.19 23.60
CA ILE G 238 6.89 4.47 24.07
C ILE G 238 6.98 3.17 23.28
N PRO G 239 8.12 2.90 22.62
CA PRO G 239 8.14 1.79 21.64
C PRO G 239 7.80 0.43 22.22
N GLY G 240 8.06 0.20 23.50
CA GLY G 240 7.81 -1.14 24.04
C GLY G 240 6.34 -1.47 24.13
N LEU G 241 5.56 -0.57 24.70
CA LEU G 241 4.14 -0.81 24.95
C LEU G 241 3.30 0.05 24.01
N ASN G 242 2.32 -0.56 23.36
CA ASN G 242 1.41 0.14 22.48
C ASN G 242 0.15 0.53 23.23
N SER G 243 -0.40 1.68 22.87
CA SER G 243 -1.57 2.21 23.55
C SER G 243 -2.52 2.82 22.54
N ARG G 244 -3.70 3.18 23.02
CA ARG G 244 -4.72 3.77 22.16
C ARG G 244 -4.37 5.20 21.78
N GLN G 245 -4.01 6.02 22.76
CA GLN G 245 -3.85 7.44 22.56
C GLN G 245 -2.39 7.85 22.69
N TRP G 246 -2.04 8.94 22.01
CA TRP G 246 -0.71 9.50 22.08
C TRP G 246 -0.42 10.09 23.46
N LYS G 247 0.83 10.47 23.68
CA LYS G 247 1.26 11.15 24.88
C LYS G 247 1.93 12.46 24.51
N GLY G 248 1.81 13.45 25.39
CA GLY G 248 2.49 14.70 25.19
C GLY G 248 1.57 15.90 25.10
N PRO G 249 1.98 16.92 24.35
CA PRO G 249 3.23 16.97 23.60
C PRO G 249 4.44 17.36 24.45
N GLN G 250 5.62 17.17 23.87
CA GLN G 250 6.88 17.57 24.49
C GLN G 250 7.76 18.18 23.40
N ARG G 251 8.94 18.63 23.80
CA ARG G 251 9.90 19.19 22.87
C ARG G 251 11.11 18.29 22.75
N ALA G 252 11.64 18.17 21.54
CA ALA G 252 12.78 17.31 21.29
C ALA G 252 14.08 18.00 21.70
N LEU G 253 14.96 17.24 22.34
CA LEU G 253 16.28 17.76 22.68
C LEU G 253 17.17 17.84 21.45
N GLN G 254 17.23 16.76 20.69
CA GLN G 254 17.84 16.77 19.36
C GLN G 254 17.17 15.69 18.53
N GLU G 255 17.48 15.67 17.24
CA GLU G 255 16.80 14.74 16.33
C GLU G 255 17.68 14.52 15.11
N ALA G 256 18.05 13.26 14.88
CA ALA G 256 18.80 12.85 13.72
C ALA G 256 17.88 12.11 12.75
N ALA G 257 18.37 11.92 11.53
CA ALA G 257 17.58 11.27 10.49
C ALA G 257 17.10 9.90 10.94
N GLY G 258 15.80 9.75 11.16
CA GLY G 258 15.20 8.48 11.51
C GLY G 258 14.69 8.38 12.93
N ALA G 259 14.94 9.36 13.78
CA ALA G 259 14.50 9.28 15.17
C ALA G 259 14.52 10.68 15.78
N ALA G 260 14.20 10.74 17.07
CA ALA G 260 14.20 11.99 17.81
C ALA G 260 14.37 11.68 19.29
N LEU G 261 14.90 12.66 20.02
CA LEU G 261 15.16 12.52 21.45
C LEU G 261 14.02 13.20 22.21
N ILE G 262 13.18 12.40 22.86
CA ILE G 262 11.98 12.88 23.54
C ILE G 262 12.11 12.54 25.02
N PRO G 263 11.87 13.47 25.93
CA PRO G 263 11.83 13.12 27.35
C PRO G 263 10.56 12.35 27.72
N VAL G 264 10.68 11.03 27.84
CA VAL G 264 9.52 10.21 28.20
C VAL G 264 9.02 10.60 29.59
N SER G 265 9.93 10.75 30.53
CA SER G 265 9.61 11.21 31.88
C SER G 265 10.36 12.51 32.12
N ASP G 266 10.28 13.01 33.36
CA ASP G 266 11.01 14.23 33.72
C ASP G 266 12.46 13.95 34.07
N THR G 267 12.76 12.73 34.52
CA THR G 267 14.11 12.39 34.95
C THR G 267 15.00 11.88 33.82
N ALA G 268 14.42 11.18 32.84
CA ALA G 268 15.21 10.56 31.78
C ALA G 268 14.54 10.77 30.43
N ALA G 269 15.35 10.82 29.39
CA ALA G 269 14.90 10.94 28.02
C ALA G 269 14.98 9.60 27.31
N GLN G 270 14.66 9.59 26.02
CA GLN G 270 14.61 8.35 25.28
C GLN G 270 14.62 8.67 23.79
N TRP G 271 15.01 7.68 22.99
CA TRP G 271 15.02 7.83 21.54
C TRP G 271 13.79 7.15 20.96
N ILE G 272 13.03 7.88 20.15
CA ILE G 272 11.80 7.40 19.56
C ILE G 272 11.92 7.53 18.05
N PRO G 273 11.58 6.51 17.28
CA PRO G 273 11.69 6.60 15.82
C PRO G 273 10.58 7.47 15.23
N TRP G 274 10.74 7.78 13.94
CA TRP G 274 9.78 8.61 13.22
C TRP G 274 8.51 7.86 12.87
N LYS G 275 8.20 6.81 13.63
CA LYS G 275 6.97 6.05 13.43
C LYS G 275 6.08 6.07 14.64
N LEU G 276 6.57 6.53 15.79
CA LEU G 276 5.77 6.71 16.99
C LEU G 276 5.78 8.16 17.42
N LEU G 277 5.85 9.07 16.45
CA LEU G 277 5.82 10.50 16.69
C LEU G 277 4.77 11.12 15.80
N LYS G 278 4.11 12.16 16.30
CA LYS G 278 3.08 12.88 15.57
C LYS G 278 3.29 14.37 15.80
N ARG G 279 3.24 15.15 14.73
CA ARG G 279 3.50 16.58 14.85
C ARG G 279 2.46 17.25 15.74
N ALA G 280 2.91 18.23 16.50
CA ALA G 280 2.04 19.03 17.36
C ALA G 280 2.15 20.50 16.98
N VAL G 281 1.30 21.31 17.57
CA VAL G 281 1.28 22.74 17.30
C VAL G 281 2.11 23.45 18.38
N CYS G 282 2.78 24.52 17.97
CA CYS G 282 3.61 25.28 18.90
C CYS G 282 2.71 26.08 19.84
N PRO G 283 2.77 25.87 21.16
CA PRO G 283 1.86 26.57 22.07
C PRO G 283 2.11 28.06 22.17
N ARG G 284 3.21 28.57 21.66
CA ARG G 284 3.52 30.00 21.76
C ARG G 284 3.48 30.67 20.40
N LEU H 344 47.57 24.02 -3.89
CA LEU H 344 46.62 24.79 -4.69
C LEU H 344 45.24 24.82 -4.04
N LEU H 345 44.35 23.98 -4.54
CA LEU H 345 42.97 23.95 -4.07
C LEU H 345 42.40 22.55 -4.31
N HIS H 346 41.28 22.28 -3.66
CA HIS H 346 40.49 21.10 -4.01
C HIS H 346 39.79 21.34 -5.35
N ILE H 347 39.71 20.27 -6.14
CA ILE H 347 39.17 20.41 -7.49
C ILE H 347 37.66 20.63 -7.50
N ARG H 348 36.96 20.20 -6.44
CA ARG H 348 35.51 20.29 -6.42
C ARG H 348 34.97 21.59 -5.84
N ASP H 349 35.75 22.27 -5.00
CA ASP H 349 35.27 23.46 -4.29
C ASP H 349 35.33 24.74 -5.12
N VAL H 350 35.38 24.64 -6.45
CA VAL H 350 35.45 25.82 -7.32
C VAL H 350 34.17 25.93 -8.13
N PRO H 351 33.80 27.13 -8.58
CA PRO H 351 32.65 27.25 -9.47
C PRO H 351 32.87 26.44 -10.73
N PRO H 352 31.80 25.95 -11.35
CA PRO H 352 31.97 25.02 -12.49
C PRO H 352 32.69 25.62 -13.69
N ALA H 353 32.53 26.93 -13.93
CA ALA H 353 33.00 27.52 -15.18
C ALA H 353 34.48 27.25 -15.42
N ASP H 354 35.32 27.52 -14.42
CA ASP H 354 36.75 27.30 -14.53
C ASP H 354 37.16 25.93 -13.98
N GLN H 355 36.20 25.09 -13.59
CA GLN H 355 36.51 23.87 -12.86
C GLN H 355 37.49 22.99 -13.63
N GLU H 356 37.17 22.68 -14.89
CA GLU H 356 38.06 21.85 -15.69
C GLU H 356 39.47 22.41 -15.73
N LYS H 357 39.59 23.74 -15.80
CA LYS H 357 40.90 24.38 -15.82
C LYS H 357 41.76 23.89 -14.66
N LEU H 358 41.19 23.90 -13.46
CA LEU H 358 41.96 23.48 -12.29
C LEU H 358 42.43 22.04 -12.44
N PHE H 359 41.56 21.17 -12.96
CA PHE H 359 41.95 19.80 -13.22
C PHE H 359 43.23 19.75 -14.04
N ILE H 360 43.29 20.56 -15.11
CA ILE H 360 44.49 20.59 -15.94
C ILE H 360 45.72 20.85 -15.08
N GLN H 361 45.65 21.87 -14.25
CA GLN H 361 46.80 22.22 -13.42
C GLN H 361 47.19 21.06 -12.54
N LYS H 362 46.20 20.36 -11.97
CA LYS H 362 46.50 19.22 -11.12
C LYS H 362 47.31 18.17 -11.86
N LEU H 363 46.95 17.90 -13.13
CA LEU H 363 47.73 16.95 -13.90
C LEU H 363 49.17 17.41 -14.04
N ARG H 364 49.37 18.71 -14.31
CA ARG H 364 50.73 19.21 -14.43
C ARG H 364 51.44 19.28 -13.09
N GLN H 365 50.70 19.17 -11.99
CA GLN H 365 51.32 19.05 -10.68
C GLN H 365 51.75 17.62 -10.37
N CYS H 366 51.42 16.67 -11.25
CA CYS H 366 51.80 15.27 -11.05
C CYS H 366 52.90 14.81 -12.00
N CYS H 367 53.27 15.62 -12.98
CA CYS H 367 54.32 15.27 -13.92
C CYS H 367 55.72 15.54 -13.38
N VAL H 368 55.83 16.15 -12.21
CA VAL H 368 57.13 16.35 -11.57
C VAL H 368 57.58 15.03 -10.97
N LEU H 369 58.82 14.65 -11.25
CA LEU H 369 59.32 13.34 -10.86
C LEU H 369 59.94 13.37 -9.47
N PHE H 370 59.77 12.27 -8.74
CA PHE H 370 60.44 12.04 -7.48
C PHE H 370 60.96 10.62 -7.49
N ASP H 371 62.25 10.44 -7.19
CA ASP H 371 62.93 9.17 -7.33
C ASP H 371 63.09 8.53 -5.95
N PHE H 372 62.48 7.36 -5.76
CA PHE H 372 62.57 6.67 -4.49
C PHE H 372 63.83 5.82 -4.38
N VAL H 373 64.36 5.35 -5.50
CA VAL H 373 65.54 4.48 -5.45
C VAL H 373 66.81 5.29 -5.24
N SER H 374 66.82 6.57 -5.64
CA SER H 374 67.99 7.41 -5.41
C SER H 374 68.32 7.52 -3.93
N ASP H 375 67.29 7.71 -3.10
CA ASP H 375 67.43 7.69 -1.65
C ASP H 375 66.03 7.56 -1.04
N PRO H 376 65.88 6.77 0.03
CA PRO H 376 64.53 6.51 0.55
C PRO H 376 63.85 7.70 1.20
N LEU H 377 64.58 8.77 1.49
CA LEU H 377 64.02 9.94 2.17
C LEU H 377 64.46 11.19 1.43
N SER H 378 63.56 11.74 0.61
CA SER H 378 63.85 12.95 -0.16
C SER H 378 62.53 13.56 -0.64
N ASP H 379 62.36 14.85 -0.39
CA ASP H 379 61.18 15.60 -0.82
C ASP H 379 59.89 14.90 -0.36
N LEU H 380 59.81 14.64 0.94
CA LEU H 380 58.65 13.93 1.48
C LEU H 380 57.38 14.76 1.35
N LYS H 381 57.48 16.08 1.57
CA LYS H 381 56.31 16.93 1.45
C LYS H 381 55.76 16.93 0.03
N TRP H 382 56.64 17.11 -0.95
CA TRP H 382 56.20 17.11 -2.34
C TRP H 382 55.68 15.75 -2.78
N LYS H 383 56.29 14.66 -2.28
CA LYS H 383 55.79 13.33 -2.58
C LYS H 383 54.38 13.12 -2.02
N GLU H 384 54.16 13.56 -0.76
CA GLU H 384 52.83 13.45 -0.18
C GLU H 384 51.82 14.31 -0.94
N VAL H 385 52.24 15.48 -1.40
CA VAL H 385 51.36 16.32 -2.21
C VAL H 385 50.97 15.61 -3.49
N LYS H 386 51.94 15.00 -4.16
CA LYS H 386 51.65 14.25 -5.38
C LYS H 386 50.69 13.11 -5.13
N ARG H 387 50.91 12.36 -4.03
CA ARG H 387 50.04 11.24 -3.71
C ARG H 387 48.62 11.71 -3.44
N ALA H 388 48.48 12.76 -2.63
CA ALA H 388 47.15 13.29 -2.32
C ALA H 388 46.45 13.80 -3.57
N ALA H 389 47.20 14.46 -4.46
CA ALA H 389 46.60 14.97 -5.69
C ALA H 389 46.10 13.83 -6.57
N LEU H 390 46.91 12.78 -6.72
CA LEU H 390 46.49 11.63 -7.52
C LEU H 390 45.25 10.97 -6.92
N SER H 391 45.23 10.81 -5.59
CA SER H 391 44.10 10.18 -4.94
C SER H 391 42.83 11.00 -5.13
N GLU H 392 42.92 12.32 -4.94
CA GLU H 392 41.73 13.15 -5.09
C GLU H 392 41.25 13.19 -6.54
N MET H 393 42.18 13.19 -7.50
CA MET H 393 41.76 13.19 -8.90
C MET H 393 41.09 11.89 -9.28
N VAL H 394 41.62 10.75 -8.83
CA VAL H 394 40.98 9.48 -9.17
C VAL H 394 39.64 9.36 -8.48
N GLU H 395 39.51 9.95 -7.28
CA GLU H 395 38.21 9.98 -6.62
C GLU H 395 37.21 10.82 -7.40
N TYR H 396 37.64 11.98 -7.88
CA TYR H 396 36.77 12.90 -8.59
C TYR H 396 36.38 12.41 -9.97
N ILE H 397 37.23 11.61 -10.63
CA ILE H 397 36.96 11.23 -12.02
C ILE H 397 35.88 10.15 -12.14
N THR H 398 35.48 9.51 -11.04
CA THR H 398 34.56 8.38 -11.12
C THR H 398 33.24 8.64 -10.40
N HIS H 399 32.87 9.91 -10.21
CA HIS H 399 31.60 10.25 -9.60
C HIS H 399 30.80 11.28 -10.38
N ASN H 400 31.35 11.87 -11.43
CA ASN H 400 30.69 12.93 -12.17
C ASN H 400 30.77 12.64 -13.66
N ARG H 401 29.70 12.96 -14.39
CA ARG H 401 29.63 12.72 -15.81
C ARG H 401 29.91 13.99 -16.59
N ASN H 402 30.43 13.82 -17.80
CA ASN H 402 30.74 14.93 -18.71
C ASN H 402 31.78 15.87 -18.11
N VAL H 403 32.78 15.29 -17.46
CA VAL H 403 33.96 16.05 -17.04
C VAL H 403 35.04 16.05 -18.11
N ILE H 404 35.23 14.91 -18.78
CA ILE H 404 36.20 14.82 -19.85
C ILE H 404 35.80 15.74 -20.99
N THR H 405 36.78 16.46 -21.54
CA THR H 405 36.58 17.37 -22.65
C THR H 405 37.70 17.17 -23.66
N GLU H 406 37.56 17.81 -24.82
CA GLU H 406 38.57 17.69 -25.85
C GLU H 406 39.98 18.07 -25.40
N PRO H 407 40.23 19.19 -24.69
CA PRO H 407 41.60 19.51 -24.30
C PRO H 407 42.07 18.76 -23.06
N ILE H 408 41.56 17.55 -22.87
CA ILE H 408 41.96 16.73 -21.73
C ILE H 408 42.73 15.47 -22.14
N TYR H 409 42.45 14.91 -23.32
CA TYR H 409 43.06 13.64 -23.71
C TYR H 409 44.58 13.72 -23.80
N PRO H 410 45.17 14.58 -24.64
CA PRO H 410 46.64 14.55 -24.77
C PRO H 410 47.36 14.87 -23.48
N GLU H 411 46.76 15.67 -22.60
CA GLU H 411 47.41 15.98 -21.33
C GLU H 411 47.53 14.74 -20.44
N VAL H 412 46.46 13.95 -20.34
CA VAL H 412 46.53 12.75 -19.51
C VAL H 412 47.39 11.69 -20.19
N VAL H 413 47.39 11.63 -21.52
CA VAL H 413 48.29 10.73 -22.22
C VAL H 413 49.74 11.09 -21.93
N HIS H 414 50.06 12.38 -21.96
CA HIS H 414 51.41 12.82 -21.65
C HIS H 414 51.77 12.53 -20.20
N MET H 415 50.82 12.71 -19.29
CA MET H 415 51.09 12.42 -17.88
C MET H 415 51.40 10.94 -17.68
N PHE H 416 50.64 10.06 -18.33
CA PHE H 416 50.92 8.63 -18.25
C PHE H 416 52.27 8.30 -18.87
N ALA H 417 52.58 8.91 -20.01
CA ALA H 417 53.85 8.66 -20.68
C ALA H 417 55.05 9.18 -19.88
N VAL H 418 54.85 10.22 -19.07
CA VAL H 418 55.93 10.73 -18.24
C VAL H 418 56.11 9.90 -16.98
N ASN H 419 55.02 9.51 -16.34
CA ASN H 419 55.14 8.76 -15.10
C ASN H 419 55.56 7.31 -15.34
N MET H 420 55.08 6.70 -16.42
CA MET H 420 55.25 5.27 -16.61
C MET H 420 56.39 4.93 -17.57
N PHE H 421 56.37 5.48 -18.78
CA PHE H 421 57.36 5.13 -19.79
C PHE H 421 58.74 5.53 -19.31
N ARG H 422 59.61 4.54 -19.07
CA ARG H 422 60.92 4.78 -18.52
C ARG H 422 61.79 3.56 -18.80
N THR H 423 63.09 3.73 -18.59
CA THR H 423 64.01 2.60 -18.71
C THR H 423 63.78 1.63 -17.55
N LEU H 424 63.98 0.36 -17.84
CA LEU H 424 63.68 -0.57 -16.76
C LEU H 424 64.89 -0.74 -15.83
N PRO H 425 64.64 -1.03 -14.56
CA PRO H 425 65.74 -1.13 -13.59
C PRO H 425 66.68 -2.27 -13.94
N PRO H 426 67.91 -2.23 -13.43
CA PRO H 426 68.86 -3.30 -13.73
C PRO H 426 68.37 -4.64 -13.20
N SER H 427 68.66 -5.69 -13.95
CA SER H 427 68.13 -7.02 -13.65
C SER H 427 68.95 -7.71 -12.57
N SER H 428 68.25 -8.52 -11.77
CA SER H 428 68.88 -9.31 -10.71
C SER H 428 68.29 -10.70 -10.57
N ASN H 429 67.44 -11.14 -11.50
CA ASN H 429 66.78 -12.45 -11.43
C ASN H 429 65.97 -12.60 -10.15
N GLU H 441 61.97 -14.69 -3.15
CA GLU H 441 61.06 -13.56 -3.29
C GLU H 441 61.60 -12.56 -4.32
N PRO H 442 60.71 -12.05 -5.17
CA PRO H 442 61.15 -11.15 -6.24
C PRO H 442 61.39 -9.73 -5.75
N THR H 443 62.17 -9.00 -6.53
CA THR H 443 62.40 -7.59 -6.25
C THR H 443 61.14 -6.78 -6.53
N LEU H 444 60.97 -5.70 -5.77
CA LEU H 444 59.77 -4.87 -5.85
C LEU H 444 60.15 -3.43 -6.14
N GLU H 445 59.41 -2.79 -7.03
CA GLU H 445 59.64 -1.39 -7.34
C GLU H 445 59.45 -0.52 -6.11
N ALA H 446 60.42 0.37 -5.86
CA ALA H 446 60.33 1.25 -4.70
C ALA H 446 59.46 2.46 -4.95
N ALA H 447 59.14 2.77 -6.21
CA ALA H 447 58.26 3.87 -6.56
C ALA H 447 56.81 3.43 -6.77
N TRP H 448 56.38 2.41 -6.04
CA TRP H 448 55.09 1.76 -6.30
C TRP H 448 53.87 2.58 -5.90
N PRO H 449 53.88 3.40 -4.82
CA PRO H 449 52.66 4.14 -4.47
C PRO H 449 52.14 5.04 -5.59
N HIS H 450 52.99 5.96 -6.06
CA HIS H 450 52.58 6.87 -7.11
C HIS H 450 52.24 6.13 -8.40
N LEU H 451 53.00 5.09 -8.73
CA LEU H 451 52.73 4.34 -9.94
C LEU H 451 51.38 3.62 -9.87
N GLN H 452 51.06 3.05 -8.71
CA GLN H 452 49.75 2.44 -8.51
C GLN H 452 48.64 3.46 -8.66
N LEU H 453 48.84 4.65 -8.08
CA LEU H 453 47.82 5.69 -8.23
C LEU H 453 47.63 6.07 -9.69
N VAL H 454 48.73 6.19 -10.44
CA VAL H 454 48.64 6.53 -11.86
C VAL H 454 47.92 5.43 -12.64
N TYR H 455 48.24 4.17 -12.33
CA TYR H 455 47.59 3.05 -13.01
C TYR H 455 46.09 3.06 -12.77
N GLU H 456 45.69 3.24 -11.51
CA GLU H 456 44.26 3.26 -11.20
C GLU H 456 43.58 4.44 -11.88
N PHE H 457 44.25 5.60 -11.91
CA PHE H 457 43.69 6.75 -12.61
C PHE H 457 43.45 6.43 -14.08
N PHE H 458 44.45 5.84 -14.74
CA PHE H 458 44.33 5.56 -16.16
C PHE H 458 43.24 4.54 -16.42
N LEU H 459 43.13 3.52 -15.56
CA LEU H 459 42.09 2.51 -15.73
C LEU H 459 40.70 3.13 -15.57
N ARG H 460 40.50 3.91 -14.51
CA ARG H 460 39.19 4.54 -14.31
C ARG H 460 38.86 5.52 -15.44
N PHE H 461 39.88 6.18 -15.99
CA PHE H 461 39.64 7.13 -17.08
C PHE H 461 39.23 6.38 -18.35
N LEU H 462 39.99 5.35 -18.72
CA LEU H 462 39.74 4.64 -19.97
C LEU H 462 38.40 3.91 -19.96
N GLU H 463 37.89 3.55 -18.79
CA GLU H 463 36.64 2.79 -18.68
C GLU H 463 35.45 3.66 -18.29
N SER H 464 35.60 4.98 -18.37
CA SER H 464 34.48 5.87 -18.12
C SER H 464 33.44 5.74 -19.23
N PRO H 465 32.16 5.89 -18.89
CA PRO H 465 31.12 5.85 -19.94
C PRO H 465 31.12 7.07 -20.84
N ASP H 466 31.75 8.17 -20.43
CA ASP H 466 31.84 9.35 -21.28
C ASP H 466 33.06 9.35 -22.18
N PHE H 467 34.02 8.44 -21.94
CA PHE H 467 35.17 8.31 -22.83
C PHE H 467 34.70 7.99 -24.24
N GLN H 468 35.20 8.76 -25.20
CA GLN H 468 34.80 8.57 -26.58
C GLN H 468 35.87 7.77 -27.31
N PRO H 469 35.51 6.64 -27.95
CA PRO H 469 36.51 5.80 -28.61
C PRO H 469 37.00 6.32 -29.95
N ASN H 470 36.81 7.61 -30.25
CA ASN H 470 37.25 8.16 -31.53
C ASN H 470 38.14 9.38 -31.35
N ILE H 471 38.49 9.75 -30.13
CA ILE H 471 39.36 10.90 -29.89
C ILE H 471 40.80 10.48 -29.60
N ALA H 472 41.04 9.20 -29.30
CA ALA H 472 42.39 8.70 -29.09
C ALA H 472 42.98 8.07 -30.34
N LYS H 473 42.30 8.20 -31.48
CA LYS H 473 42.86 7.81 -32.75
C LYS H 473 43.79 8.89 -33.31
N LYS H 474 43.87 10.03 -32.64
CA LYS H 474 44.83 11.07 -32.97
C LYS H 474 45.72 11.41 -31.79
N TYR H 475 45.57 10.72 -30.66
CA TYR H 475 46.40 10.92 -29.48
C TYR H 475 47.04 9.64 -28.97
N ILE H 476 46.49 8.47 -29.29
CA ILE H 476 47.09 7.19 -28.93
C ILE H 476 47.37 6.46 -30.23
N ASP H 477 48.64 6.39 -30.62
CA ASP H 477 49.05 5.79 -31.88
C ASP H 477 49.99 4.63 -31.59
N GLN H 478 50.61 4.11 -32.66
CA GLN H 478 51.44 2.92 -32.54
C GLN H 478 52.60 3.11 -31.58
N LYS H 479 53.09 4.34 -31.42
CA LYS H 479 54.18 4.57 -30.47
C LYS H 479 53.72 4.36 -29.04
N PHE H 480 52.50 4.78 -28.72
CA PHE H 480 51.94 4.53 -27.39
C PHE H 480 51.88 3.03 -27.11
N VAL H 481 51.39 2.26 -28.08
CA VAL H 481 51.28 0.81 -27.91
C VAL H 481 52.66 0.19 -27.75
N LEU H 482 53.63 0.64 -28.55
CA LEU H 482 54.99 0.10 -28.43
C LEU H 482 55.57 0.36 -27.05
N GLN H 483 55.49 1.61 -26.58
CA GLN H 483 56.07 1.94 -25.30
C GLN H 483 55.34 1.24 -24.15
N LEU H 484 54.02 1.05 -24.27
CA LEU H 484 53.28 0.36 -23.23
C LEU H 484 53.53 -1.14 -23.25
N LEU H 485 53.86 -1.69 -24.41
CA LEU H 485 54.11 -3.12 -24.53
C LEU H 485 55.55 -3.50 -24.20
N GLU H 486 56.48 -2.54 -24.23
CA GLU H 486 57.83 -2.83 -23.77
C GLU H 486 57.93 -2.87 -22.25
N LEU H 487 56.81 -2.65 -21.54
CA LEU H 487 56.80 -2.65 -20.08
C LEU H 487 56.54 -4.02 -19.48
N PHE H 488 56.13 -5.01 -20.29
CA PHE H 488 55.82 -6.33 -19.75
C PHE H 488 57.05 -7.09 -19.27
N ASP H 489 58.23 -6.48 -19.34
CA ASP H 489 59.44 -7.07 -18.80
C ASP H 489 59.74 -6.57 -17.38
N SER H 490 58.75 -6.02 -16.71
CA SER H 490 58.95 -5.50 -15.36
C SER H 490 59.17 -6.65 -14.38
N GLU H 491 60.03 -6.40 -13.40
CA GLU H 491 60.31 -7.40 -12.37
C GLU H 491 59.26 -7.43 -11.26
N ASP H 492 58.27 -6.55 -11.30
CA ASP H 492 57.23 -6.51 -10.28
C ASP H 492 55.93 -7.05 -10.83
N PRO H 493 55.26 -7.95 -10.10
CA PRO H 493 54.08 -8.61 -10.65
C PRO H 493 52.82 -7.74 -10.67
N ARG H 494 52.72 -6.82 -9.71
CA ARG H 494 51.56 -5.93 -9.67
C ARG H 494 51.52 -5.04 -10.90
N GLU H 495 52.67 -4.52 -11.31
CA GLU H 495 52.74 -3.72 -12.52
C GLU H 495 52.33 -4.53 -13.74
N ARG H 496 52.76 -5.80 -13.81
CA ARG H 496 52.37 -6.64 -14.93
C ARG H 496 50.87 -6.89 -14.95
N ASP H 497 50.26 -7.09 -13.77
CA ASP H 497 48.82 -7.29 -13.70
C ASP H 497 48.08 -6.04 -14.20
N PHE H 498 48.51 -4.86 -13.75
CA PHE H 498 47.89 -3.63 -14.21
C PHE H 498 48.06 -3.44 -15.71
N LEU H 499 49.25 -3.75 -16.23
CA LEU H 499 49.48 -3.64 -17.67
C LEU H 499 48.57 -4.56 -18.46
N LYS H 500 48.37 -5.78 -17.96
CA LYS H 500 47.47 -6.73 -18.62
C LYS H 500 46.05 -6.18 -18.66
N THR H 501 45.53 -5.75 -17.51
CA THR H 501 44.15 -5.27 -17.48
C THR H 501 43.99 -3.93 -18.18
N THR H 502 45.08 -3.21 -18.48
CA THR H 502 44.97 -1.99 -19.28
C THR H 502 44.99 -2.32 -20.78
N LEU H 503 45.94 -3.17 -21.19
CA LEU H 503 46.03 -3.53 -22.60
C LEU H 503 44.77 -4.25 -23.06
N HIS H 504 44.11 -5.00 -22.17
CA HIS H 504 42.85 -5.64 -22.54
C HIS H 504 41.81 -4.59 -22.91
N ARG H 505 41.65 -3.57 -22.08
CA ARG H 505 40.68 -2.52 -22.37
C ARG H 505 41.03 -1.78 -23.65
N ILE H 506 42.32 -1.51 -23.86
CA ILE H 506 42.75 -0.79 -25.06
C ILE H 506 42.40 -1.59 -26.30
N TYR H 507 42.81 -2.87 -26.34
CA TYR H 507 42.54 -3.72 -27.49
C TYR H 507 41.04 -3.91 -27.71
N GLY H 508 40.26 -3.93 -26.64
CA GLY H 508 38.82 -4.05 -26.81
C GLY H 508 38.19 -2.81 -27.40
N LYS H 509 38.59 -1.64 -26.91
CA LYS H 509 37.92 -0.41 -27.33
C LYS H 509 38.33 0.00 -28.73
N PHE H 510 39.60 -0.18 -29.09
CA PHE H 510 40.05 0.30 -30.38
C PHE H 510 39.98 -0.81 -31.43
N LEU H 511 39.79 -0.41 -32.69
CA LEU H 511 39.64 -1.33 -33.80
C LEU H 511 40.76 -1.23 -34.83
N GLY H 512 41.57 -0.19 -34.80
CA GLY H 512 42.64 -0.04 -35.77
C GLY H 512 43.98 -0.52 -35.25
N LEU H 513 44.04 -0.89 -33.97
CA LEU H 513 45.27 -1.33 -33.35
C LEU H 513 45.29 -2.82 -33.06
N ARG H 514 44.34 -3.58 -33.60
CA ARG H 514 44.20 -4.99 -33.23
C ARG H 514 45.28 -5.84 -33.91
N ALA H 515 45.27 -5.90 -35.24
CA ALA H 515 46.25 -6.72 -35.96
C ALA H 515 47.66 -6.21 -35.71
N TYR H 516 47.82 -4.91 -35.50
CA TYR H 516 49.14 -4.36 -35.15
C TYR H 516 49.64 -4.98 -33.85
N ILE H 517 48.80 -5.00 -32.82
CA ILE H 517 49.19 -5.58 -31.54
C ILE H 517 49.45 -7.08 -31.70
N ARG H 518 48.65 -7.76 -32.51
CA ARG H 518 48.86 -9.19 -32.71
C ARG H 518 50.21 -9.47 -33.36
N LYS H 519 50.56 -8.71 -34.40
CA LYS H 519 51.84 -8.90 -35.06
C LYS H 519 52.99 -8.54 -34.14
N GLN H 520 52.83 -7.48 -33.33
CA GLN H 520 53.88 -7.13 -32.37
C GLN H 520 54.07 -8.23 -31.34
N ILE H 521 52.97 -8.84 -30.89
CA ILE H 521 53.08 -9.94 -29.93
C ILE H 521 53.75 -11.15 -30.57
N ASN H 522 53.47 -11.40 -31.85
CA ASN H 522 54.17 -12.48 -32.56
C ASN H 522 55.66 -12.22 -32.61
N ASN H 523 56.05 -10.97 -32.89
CA ASN H 523 57.47 -10.62 -32.92
C ASN H 523 58.10 -10.79 -31.54
N ILE H 524 57.39 -10.40 -30.49
CA ILE H 524 57.89 -10.56 -29.13
C ILE H 524 58.11 -12.04 -28.82
N PHE H 525 57.14 -12.88 -29.20
CA PHE H 525 57.26 -14.31 -28.96
C PHE H 525 58.45 -14.90 -29.70
N TYR H 526 58.64 -14.52 -30.96
CA TYR H 526 59.80 -14.99 -31.71
C TYR H 526 61.10 -14.58 -31.03
N ARG H 527 61.20 -13.31 -30.65
CA ARG H 527 62.42 -12.83 -30.02
C ARG H 527 62.70 -13.58 -28.72
N PHE H 528 61.68 -13.81 -27.90
CA PHE H 528 61.88 -14.51 -26.65
C PHE H 528 62.27 -15.97 -26.89
N ILE H 529 61.60 -16.64 -27.82
CA ILE H 529 61.86 -18.06 -28.02
C ILE H 529 63.24 -18.29 -28.60
N TYR H 530 63.76 -17.35 -29.40
CA TYR H 530 65.01 -17.60 -30.11
C TYR H 530 66.18 -16.73 -29.65
N GLU H 531 66.05 -15.40 -29.70
CA GLU H 531 67.22 -14.55 -29.47
C GLU H 531 67.60 -14.51 -27.99
N THR H 532 66.73 -13.93 -27.16
CA THR H 532 67.01 -13.75 -25.75
C THR H 532 65.98 -14.53 -24.94
N GLU H 533 66.46 -15.24 -23.91
CA GLU H 533 65.62 -16.06 -23.06
C GLU H 533 65.24 -15.37 -21.76
N HIS H 534 65.52 -14.08 -21.63
CA HIS H 534 65.25 -13.34 -20.40
C HIS H 534 63.95 -12.56 -20.57
N HIS H 535 62.86 -13.13 -20.07
CA HIS H 535 61.55 -12.49 -20.15
C HIS H 535 60.67 -13.05 -19.05
N ASN H 536 59.85 -12.19 -18.45
CA ASN H 536 59.06 -12.58 -17.28
C ASN H 536 57.58 -12.27 -17.43
N GLY H 537 57.13 -11.85 -18.61
CA GLY H 537 55.73 -11.51 -18.80
C GLY H 537 55.02 -12.43 -19.78
N ILE H 538 55.46 -13.70 -19.85
CA ILE H 538 54.91 -14.63 -20.81
C ILE H 538 53.66 -15.32 -20.30
N ALA H 539 53.20 -15.00 -19.10
CA ALA H 539 51.94 -15.54 -18.60
C ALA H 539 50.78 -14.58 -18.72
N GLU H 540 51.01 -13.28 -18.46
CA GLU H 540 49.95 -12.30 -18.62
C GLU H 540 49.61 -12.11 -20.10
N LEU H 541 50.65 -12.10 -20.94
CA LEU H 541 50.43 -12.05 -22.38
C LEU H 541 49.64 -13.25 -22.86
N LEU H 542 49.94 -14.44 -22.31
CA LEU H 542 49.20 -15.63 -22.71
C LEU H 542 47.76 -15.59 -22.24
N GLU H 543 47.51 -15.02 -21.05
CA GLU H 543 46.13 -14.88 -20.60
C GLU H 543 45.35 -13.93 -21.50
N ILE H 544 45.96 -12.81 -21.86
CA ILE H 544 45.31 -11.89 -22.81
C ILE H 544 45.06 -12.60 -24.14
N LEU H 545 46.04 -13.39 -24.59
CA LEU H 545 45.88 -14.11 -25.84
C LEU H 545 44.71 -15.09 -25.77
N GLY H 546 44.57 -15.80 -24.66
CA GLY H 546 43.44 -16.71 -24.52
C GLY H 546 42.11 -16.00 -24.52
N SER H 547 42.05 -14.87 -23.80
CA SER H 547 40.82 -14.07 -23.82
C SER H 547 40.49 -13.58 -25.22
N ILE H 548 41.51 -13.27 -26.03
CA ILE H 548 41.27 -12.88 -27.41
C ILE H 548 40.82 -14.07 -28.24
N ILE H 549 41.47 -15.22 -28.04
CA ILE H 549 41.21 -16.41 -28.85
C ILE H 549 39.79 -16.90 -28.65
N ASN H 550 39.26 -16.79 -27.44
CA ASN H 550 37.91 -17.28 -27.19
C ASN H 550 36.85 -16.52 -27.99
N GLY H 551 37.19 -15.36 -28.54
CA GLY H 551 36.22 -14.54 -29.23
C GLY H 551 36.19 -14.65 -30.74
N PHE H 552 36.71 -15.75 -31.29
CA PHE H 552 36.75 -15.92 -32.73
C PHE H 552 35.37 -16.28 -33.28
N ALA H 553 35.26 -16.26 -34.60
CA ALA H 553 34.07 -16.67 -35.34
C ALA H 553 34.41 -17.83 -36.26
N LEU H 554 33.39 -18.35 -36.95
CA LEU H 554 33.59 -19.47 -37.84
C LEU H 554 33.41 -19.04 -39.29
N PRO H 555 34.24 -19.56 -40.22
CA PRO H 555 35.36 -20.46 -39.93
C PRO H 555 36.62 -19.71 -39.51
N LEU H 556 37.58 -20.43 -38.93
CA LEU H 556 38.81 -19.82 -38.45
C LEU H 556 39.63 -19.25 -39.61
N LYS H 557 40.15 -18.04 -39.42
CA LYS H 557 41.08 -17.46 -40.39
C LYS H 557 42.40 -18.25 -40.37
N GLU H 558 43.13 -18.16 -41.48
CA GLU H 558 44.37 -18.91 -41.62
C GLU H 558 45.51 -18.29 -40.83
N GLU H 559 45.47 -16.96 -40.62
CA GLU H 559 46.47 -16.31 -39.79
C GLU H 559 46.49 -16.91 -38.39
N HIS H 560 45.31 -17.23 -37.85
CA HIS H 560 45.24 -17.84 -36.52
C HIS H 560 45.86 -19.23 -36.51
N LYS H 561 45.73 -19.98 -37.61
CA LYS H 561 46.36 -21.28 -37.69
C LYS H 561 47.88 -21.15 -37.74
N ILE H 562 48.38 -20.18 -38.51
CA ILE H 562 49.81 -19.91 -38.50
C ILE H 562 50.28 -19.55 -37.10
N PHE H 563 49.50 -18.73 -36.40
CA PHE H 563 49.82 -18.33 -35.03
C PHE H 563 49.94 -19.55 -34.12
N LEU H 564 48.91 -20.40 -34.13
CA LEU H 564 48.90 -21.58 -33.28
C LEU H 564 50.08 -22.49 -33.59
N LEU H 565 50.33 -22.75 -34.87
CA LEU H 565 51.36 -23.73 -35.23
C LEU H 565 52.77 -23.20 -35.05
N LYS H 566 52.97 -21.88 -35.18
CA LYS H 566 54.32 -21.34 -35.18
C LYS H 566 54.76 -20.76 -33.85
N VAL H 567 53.86 -20.14 -33.08
CA VAL H 567 54.30 -19.45 -31.87
C VAL H 567 53.72 -20.04 -30.59
N LEU H 568 52.61 -20.78 -30.64
CA LEU H 568 52.10 -21.38 -29.42
C LEU H 568 52.77 -22.72 -29.12
N LEU H 569 52.75 -23.64 -30.09
CA LEU H 569 53.29 -24.97 -29.86
C LEU H 569 54.78 -24.96 -29.55
N PRO H 570 55.66 -24.29 -30.32
CA PRO H 570 57.09 -24.33 -29.99
C PRO H 570 57.42 -23.74 -28.62
N LEU H 571 56.54 -22.93 -28.04
CA LEU H 571 56.79 -22.37 -26.71
C LEU H 571 56.96 -23.46 -25.66
N HIS H 572 56.69 -24.72 -26.02
CA HIS H 572 56.88 -25.83 -25.11
C HIS H 572 58.36 -26.16 -24.89
N LYS H 573 59.22 -25.93 -25.89
CA LYS H 573 60.59 -26.43 -25.80
C LYS H 573 61.49 -25.56 -24.94
N VAL H 574 60.96 -24.57 -24.24
CA VAL H 574 61.77 -23.74 -23.36
C VAL H 574 61.96 -24.42 -22.01
N LYS H 575 63.04 -24.05 -21.33
CA LYS H 575 63.33 -24.65 -20.03
C LYS H 575 62.33 -24.21 -18.96
N SER H 576 61.94 -22.94 -18.97
CA SER H 576 61.10 -22.38 -17.92
C SER H 576 59.62 -22.41 -18.29
N LEU H 577 59.16 -23.50 -18.89
CA LEU H 577 57.74 -23.64 -19.20
C LEU H 577 56.91 -23.89 -17.96
N SER H 578 57.53 -24.38 -16.88
CA SER H 578 56.78 -24.79 -15.71
C SER H 578 56.06 -23.63 -15.03
N VAL H 579 56.61 -22.41 -15.13
CA VAL H 579 56.02 -21.30 -14.41
C VAL H 579 54.71 -20.86 -15.04
N TYR H 580 54.58 -20.93 -16.37
CA TYR H 580 53.40 -20.44 -17.06
C TYR H 580 52.69 -21.53 -17.83
N HIS H 581 52.84 -22.79 -17.41
CA HIS H 581 52.12 -23.88 -18.06
C HIS H 581 50.60 -23.72 -18.03
N PRO H 582 49.96 -23.34 -16.93
CA PRO H 582 48.48 -23.28 -16.93
C PRO H 582 47.89 -22.39 -18.00
N GLN H 583 48.46 -21.19 -18.18
CA GLN H 583 47.92 -20.26 -19.18
C GLN H 583 48.08 -20.82 -20.59
N LEU H 584 49.22 -21.43 -20.87
CA LEU H 584 49.43 -22.01 -22.20
C LEU H 584 48.46 -23.15 -22.46
N ALA H 585 48.31 -24.07 -21.50
CA ALA H 585 47.38 -25.18 -21.67
C ALA H 585 45.95 -24.67 -21.85
N TYR H 586 45.57 -23.66 -21.07
CA TYR H 586 44.23 -23.08 -21.19
C TYR H 586 44.03 -22.47 -22.55
N CYS H 587 45.05 -21.76 -23.06
CA CYS H 587 44.96 -21.16 -24.39
C CYS H 587 44.77 -22.23 -25.45
N VAL H 588 45.52 -23.34 -25.35
CA VAL H 588 45.43 -24.39 -26.35
C VAL H 588 44.06 -25.04 -26.33
N VAL H 589 43.58 -25.41 -25.14
CA VAL H 589 42.29 -26.08 -25.03
C VAL H 589 41.16 -25.15 -25.46
N GLN H 590 41.27 -23.86 -25.16
CA GLN H 590 40.26 -22.91 -25.57
C GLN H 590 40.29 -22.68 -27.08
N PHE H 591 41.49 -22.73 -27.67
CA PHE H 591 41.63 -22.53 -29.10
C PHE H 591 41.00 -23.69 -29.87
N LEU H 592 41.34 -24.92 -29.49
CA LEU H 592 40.92 -25.99 -30.41
C LEU H 592 39.43 -26.33 -30.33
N GLU H 593 38.62 -25.60 -29.56
CA GLU H 593 37.20 -25.90 -29.50
C GLU H 593 36.43 -25.34 -30.70
N LYS H 594 36.91 -24.24 -31.29
CA LYS H 594 36.17 -23.60 -32.38
C LYS H 594 36.06 -24.50 -33.59
N ASP H 595 37.15 -25.21 -33.92
CA ASP H 595 37.13 -26.22 -34.98
C ASP H 595 37.80 -27.48 -34.45
N SER H 596 37.09 -28.60 -34.53
CA SER H 596 37.56 -29.85 -33.97
C SER H 596 38.44 -30.65 -34.93
N THR H 597 38.56 -30.22 -36.18
CA THR H 597 39.41 -30.91 -37.14
C THR H 597 40.86 -30.46 -37.08
N LEU H 598 41.12 -29.22 -36.67
CA LEU H 598 42.46 -28.66 -36.64
C LEU H 598 43.23 -29.05 -35.38
N THR H 599 42.95 -30.22 -34.81
CA THR H 599 43.62 -30.67 -33.60
C THR H 599 44.82 -31.57 -33.90
N GLU H 600 44.74 -32.36 -34.96
CA GLU H 600 45.81 -33.28 -35.34
C GLU H 600 47.20 -32.65 -35.42
N PRO H 601 47.40 -31.47 -36.02
CA PRO H 601 48.73 -30.87 -35.96
C PRO H 601 49.21 -30.62 -34.54
N VAL H 602 48.30 -30.23 -33.65
CA VAL H 602 48.69 -30.03 -32.25
C VAL H 602 49.18 -31.33 -31.64
N VAL H 603 48.51 -32.44 -31.95
CA VAL H 603 48.91 -33.73 -31.39
C VAL H 603 50.27 -34.15 -31.92
N MET H 604 50.46 -34.06 -33.25
CA MET H 604 51.73 -34.49 -33.82
C MET H 604 52.87 -33.52 -33.52
N ALA H 605 52.56 -32.29 -33.08
CA ALA H 605 53.59 -31.39 -32.62
C ALA H 605 53.93 -31.59 -31.15
N LEU H 606 52.93 -31.96 -30.33
CA LEU H 606 53.19 -32.27 -28.93
C LEU H 606 53.87 -33.62 -28.77
N LEU H 607 53.72 -34.52 -29.73
CA LEU H 607 54.36 -35.82 -29.69
C LEU H 607 55.80 -35.79 -30.20
N LYS H 608 56.37 -34.61 -30.42
CA LYS H 608 57.78 -34.47 -30.78
C LYS H 608 58.59 -33.75 -29.71
N TYR H 609 58.14 -32.57 -29.29
CA TYR H 609 58.83 -31.79 -28.27
C TYR H 609 58.85 -32.49 -26.92
N TRP H 610 58.14 -33.61 -26.79
CA TRP H 610 58.19 -34.40 -25.57
C TRP H 610 59.63 -34.82 -25.29
N PRO H 611 60.16 -34.55 -24.10
CA PRO H 611 61.49 -35.04 -23.76
C PRO H 611 61.53 -36.56 -23.71
N LYS H 612 62.20 -37.18 -24.68
CA LYS H 612 62.20 -38.64 -24.77
C LYS H 612 62.99 -39.30 -23.65
N THR H 613 63.61 -38.53 -22.76
CA THR H 613 64.32 -39.05 -21.61
C THR H 613 63.47 -38.89 -20.36
N HIS H 614 63.97 -39.41 -19.25
CA HIS H 614 63.29 -39.21 -17.97
C HIS H 614 63.62 -37.83 -17.43
N SER H 615 62.61 -37.17 -16.88
CA SER H 615 62.74 -35.78 -16.42
C SER H 615 61.50 -35.45 -15.60
N PRO H 616 61.61 -34.44 -14.72
CA PRO H 616 60.42 -33.98 -13.98
C PRO H 616 59.43 -33.20 -14.83
N LYS H 617 59.79 -32.81 -16.04
CA LYS H 617 58.94 -32.03 -16.93
C LYS H 617 57.86 -32.87 -17.60
N GLU H 618 57.77 -34.17 -17.31
CA GLU H 618 56.78 -35.02 -17.97
C GLU H 618 55.37 -34.71 -17.50
N VAL H 619 55.22 -34.32 -16.23
CA VAL H 619 53.89 -34.14 -15.65
C VAL H 619 53.11 -33.08 -16.39
N MET H 620 53.77 -32.02 -16.86
CA MET H 620 53.08 -31.00 -17.63
C MET H 620 52.50 -31.57 -18.91
N PHE H 621 53.29 -32.36 -19.62
CA PHE H 621 52.82 -32.94 -20.88
C PHE H 621 51.68 -33.92 -20.63
N LEU H 622 51.77 -34.72 -19.57
CA LEU H 622 50.70 -35.65 -19.26
C LEU H 622 49.41 -34.91 -18.90
N ASN H 623 49.52 -33.85 -18.10
CA ASN H 623 48.32 -33.09 -17.73
C ASN H 623 47.69 -32.43 -18.94
N GLU H 624 48.50 -31.88 -19.84
CA GLU H 624 47.94 -31.24 -21.02
C GLU H 624 47.32 -32.27 -21.96
N LEU H 625 47.98 -33.41 -22.15
CA LEU H 625 47.42 -34.47 -22.98
C LEU H 625 46.11 -34.98 -22.40
N GLU H 626 45.97 -34.97 -21.07
CA GLU H 626 44.71 -35.39 -20.46
C GLU H 626 43.54 -34.55 -20.97
N GLU H 627 43.68 -33.23 -20.91
CA GLU H 627 42.59 -32.36 -21.35
C GLU H 627 42.40 -32.41 -22.86
N ILE H 628 43.50 -32.45 -23.61
CA ILE H 628 43.39 -32.50 -25.07
C ILE H 628 42.69 -33.78 -25.51
N LEU H 629 42.97 -34.90 -24.85
CA LEU H 629 42.31 -36.15 -25.16
C LEU H 629 40.86 -36.13 -24.71
N ASP H 630 40.57 -35.50 -23.55
CA ASP H 630 39.19 -35.40 -23.10
C ASP H 630 38.35 -34.63 -24.12
N VAL H 631 38.89 -33.56 -24.69
CA VAL H 631 38.10 -32.76 -25.61
C VAL H 631 38.11 -33.32 -27.04
N ILE H 632 39.13 -34.10 -27.43
CA ILE H 632 39.20 -34.56 -28.82
C ILE H 632 38.38 -35.83 -29.04
N GLU H 633 38.10 -36.59 -27.99
CA GLU H 633 37.48 -37.91 -28.16
C GLU H 633 36.19 -37.93 -28.98
N PRO H 634 35.25 -37.00 -28.82
CA PRO H 634 34.01 -37.09 -29.61
C PRO H 634 34.27 -36.94 -31.10
N SER H 635 33.39 -37.57 -31.88
CA SER H 635 33.32 -37.41 -33.34
C SER H 635 34.52 -38.08 -34.03
N GLU H 636 34.71 -39.36 -33.72
CA GLU H 636 35.61 -40.25 -34.45
C GLU H 636 37.02 -39.67 -34.56
N PHE H 637 37.78 -39.84 -33.47
CA PHE H 637 39.17 -39.42 -33.42
C PHE H 637 40.03 -40.65 -33.12
N VAL H 638 40.57 -41.27 -34.18
CA VAL H 638 41.46 -42.40 -34.03
C VAL H 638 42.59 -42.30 -35.04
N LYS H 639 42.71 -41.14 -35.67
CA LYS H 639 43.72 -40.95 -36.72
C LYS H 639 45.13 -41.15 -36.18
N ILE H 640 45.43 -40.52 -35.04
CA ILE H 640 46.77 -40.58 -34.45
C ILE H 640 46.75 -41.22 -33.07
N MET H 641 45.67 -41.89 -32.70
CA MET H 641 45.59 -42.53 -31.38
C MET H 641 46.66 -43.59 -31.23
N GLU H 642 46.87 -44.40 -32.27
CA GLU H 642 47.91 -45.44 -32.20
C GLU H 642 49.30 -44.87 -32.05
N PRO H 643 49.76 -43.93 -32.89
CA PRO H 643 51.09 -43.34 -32.64
C PRO H 643 51.17 -42.59 -31.33
N LEU H 644 50.09 -41.93 -30.91
CA LEU H 644 50.07 -41.24 -29.63
C LEU H 644 50.33 -42.21 -28.48
N PHE H 645 49.57 -43.30 -28.43
CA PHE H 645 49.77 -44.29 -27.36
C PHE H 645 51.11 -44.98 -27.49
N ARG H 646 51.60 -45.20 -28.71
CA ARG H 646 52.91 -45.80 -28.89
C ARG H 646 53.99 -44.94 -28.26
N GLN H 647 54.03 -43.65 -28.64
CA GLN H 647 55.03 -42.76 -28.07
C GLN H 647 54.78 -42.48 -26.59
N LEU H 648 53.55 -42.68 -26.12
CA LEU H 648 53.23 -42.48 -24.71
C LEU H 648 53.73 -43.63 -23.85
N ALA H 649 53.71 -44.85 -24.38
CA ALA H 649 54.15 -46.00 -23.60
C ALA H 649 55.61 -45.87 -23.18
N LYS H 650 56.39 -45.12 -23.93
CA LYS H 650 57.81 -44.93 -23.61
C LYS H 650 57.98 -44.17 -22.30
#